data_7QL5
#
_entry.id   7QL5
#
_cell.length_a   1.00
_cell.length_b   1.00
_cell.length_c   1.00
_cell.angle_alpha   90.00
_cell.angle_beta   90.00
_cell.angle_gamma   90.00
#
_symmetry.space_group_name_H-M   'P 1'
#
loop_
_entity.id
_entity.type
_entity.pdbx_description
1 polymer 'Acetylcholine receptor subunit alpha'
2 polymer 'Acetylcholine receptor subunit beta'
3 polymer 'Acetylcholine receptor subunit delta'
4 polymer 'Acetylcholine receptor subunit gamma'
5 branched alpha-D-mannopyranose-(1-3)-[alpha-D-mannopyranose-(1-6)]alpha-D-mannopyranose-(1-6)-[alpha-D-mannopyranose-(1-3)]beta-D-mannopyranose-(1-4)-2-acetamido-2-deoxy-beta-D-glucopyranose-(1-4)-2-acetamido-2-deoxy-beta-D-glucopyranose
6 branched alpha-D-mannopyranose-(1-3)-[alpha-D-mannopyranose-(1-6)]beta-D-mannopyranose-(1-4)-2-acetamido-2-deoxy-beta-D-glucopyranose-(1-4)-2-acetamido-2-deoxy-beta-D-glucopyranose
7 branched 2-acetamido-2-deoxy-beta-D-glucopyranose-(1-4)-2-acetamido-2-deoxy-beta-D-glucopyranose
8 branched alpha-D-mannopyranose-(1-6)-alpha-D-mannopyranose-(1-6)-[alpha-D-mannopyranose-(1-3)]beta-D-mannopyranose-(1-4)-2-acetamido-2-deoxy-beta-D-glucopyranose-(1-4)-2-acetamido-2-deoxy-beta-D-glucopyranose
9 non-polymer (S)-3-(1-METHYLPYRROLIDIN-2-YL)PYRIDINE
10 non-polymer '(2S)-3-(hexadecanoyloxy)-2-[(9Z)-octadec-9-enoyloxy]propyl 2-(trimethylammonio)ethyl phosphate'
11 non-polymer 2-acetamido-2-deoxy-beta-D-glucopyranose
12 water water
#
loop_
_entity_poly.entity_id
_entity_poly.type
_entity_poly.pdbx_seq_one_letter_code
_entity_poly.pdbx_strand_id
1 'polypeptide(L)'
;SEHETRLVANLLENYNKVIRPVEHHTHFVDITVGLQLIQLISVDEVNQIVETNVRLRQQWIDVRLRWNPADYGGIKKIRL
PSDDVWLPDLVLYNNADGDFAIVHMTKLLLDYTGKIMWTPPAIFKSYCEIIVTHFPFDQQNCTMKLGIWTYDGTKVSISP
ESDRPDLSTFMESGEWVMKDYRGWKHWVYYTCCPDTPYLDITYHFIMQRIPLYFVVNVIIPCLLFSFLTGLVFYLPTDSG
EKMTLSISVLLSLTVFLLVIVELIPSTSSAVPLIGKYMLFTMIFVISSIIITVVVINTHHRSPSTHTMPQWVRKIFIDTI
PNVMFFSTMKRASKEKQENKIFADDIDISDISGKQVTGEVIFQTPLIKNPDVKSAIEGVKYIAEHMKSDEESSNAAEEWK
YVAMVIDHILLCVFMLICIIGTVSVFAGRLIELSQEG
;
A,D
2 'polypeptide(L)'
;SVMEDTLLSVLFETYNPKVRPAQTVGDKVTVRVGLTLTNLLILNEKIEEMTTNVFLNLAWTDYRLQWDPAAYEGIKDLRI
PSSDVWQPDIVLMNNNDGSFEITLHVNVLVQHTGAVSWQPSAIYRSSCTIKVMYFPFDWQNCTMVFKSYTYDTSEVTLQH
ALDAKGEREVKEIVINKDAFTENGQWSIEHKPSRKNWRSDDPSYEDVTFYLIIQRKPLFYIVYTIIPCILISILAILVFY
LPPDAGEKMSLSISALLAVTVFLLLLADKVPETSLSVPIIIRYLMFIMILVAFSVILSVVVLNLHHRSPNTHTMPNWIRQ
IFIETLPPFLWIQRPVTTPSPDSKPTIISRANDEYFIRKPAGDFVCPVDNARVAVQPERLFSEMKWHLNGLTQPVTLPQD
LKEAVEAIKYIAEQLESASEFDDLKKDWQYVAMVADRLFLYVFFVICSIGTFSIFLDASHNVPPDNPFA
;
B
3 'polypeptide(L)'
;VNEEERLINDLLIVNKYNKHVRPVKHNNEVVNIALSLTLSNLISLKETDETLTSNVWMDHAWYDHRLTWNASEYSDISIL
RLPPELVWIPDIVLQNNNDGQYHVAYFCNVLVRPNGYVTWLPPAIFRSSCPINVLYFPFDWQNCSLKFTALNYDANEITM
DLMTDTIDGKDYPIEWIIIDPEAFTENGEWEIIHKPAKKNIYPDKFPNGTNYQDVTFYLIIRRKPLFYVINFITPCVLIS
FLASLAFYLPAESGEKMSTAISVLLAQAVFLLLTSQRLPETALAVPLIGKYLMFIMSLVTGVIVNCGIVLNFHFRTPSTH
VLSTRVKQIFLEKLPRILHMSRADESEQPDWQNDLKLRRSSSVGYISKAQEYFNIKSRSELMFEKQSERHGLVPRVTPRI
GFGNNNENIAASDQLHDEIKSGIDSTNYIVKQIKEKNAYDEEVGNWNLVGQTIDRLSMFIITPVMVLGTIFIFVMGNFNH
PPAKPFEGDPFDYSSDHPRCA
;
C
4 'polypeptide(L)'
;ENEEGRLIEKLLGDYDKRIIPAKTLDHIIDVTLKLTLTNLISLNEKEEALTTNVWIEIQWNDYRLSWNTSEYEGIDLVRI
PSELLWLPDVVLENNVDGQFEVAYYANVLVYNDGSMYWLPPAIYRSTCPIAVTYFPFDWQNCSLVFRSQTYNAHEVNLQL
SAEEGEAVEWIHIDPEDFTENGEWTIRHRPAKKNYNWQLTKDDTDFQEIIFFLIIQRKPLFYIINIIAPCVLISSLVVLV
YFLPAQAGGQKCTLSISVLLAQTIFLFLIAQKVPETSLNVPLIGKYLIFVMFVSMLIVMNCVIVLNVSLRTPNTHSLSEK
IKHLFLGFLPKYLGMQLEPSEETPEKPQPRRRSSFGIMIKAEEYILKKPRSELMFEEQKDRHGLKRVNKMTSDIDIGTTV
DLYKDLANFAPEIKSCVEACNFIAKSTKEQNDSGSENENWVLIGKVIDKACFWIALLLFSIGTLAIFLTGHFNQVPEFPF
PGDPRKYVP
;
E
#
loop_
_chem_comp.id
_chem_comp.type
_chem_comp.name
_chem_comp.formula
BMA D-saccharide, beta linking beta-D-mannopyranose 'C6 H12 O6'
MAN D-saccharide, alpha linking alpha-D-mannopyranose 'C6 H12 O6'
NAG D-saccharide, beta linking 2-acetamido-2-deoxy-beta-D-glucopyranose 'C8 H15 N O6'
NCT non-polymer (S)-3-(1-METHYLPYRROLIDIN-2-YL)PYRIDINE 'C10 H14 N2'
POV non-polymer '(2S)-3-(hexadecanoyloxy)-2-[(9Z)-octadec-9-enoyloxy]propyl 2-(trimethylammonio)ethyl phosphate' 'C42 H82 N O8 P'
#
# COMPACT_ATOMS: atom_id res chain seq x y z
N SER A 1 -23.65 -3.76 -48.10
CA SER A 1 -24.56 -4.58 -48.91
C SER A 1 -25.90 -3.89 -49.07
N GLU A 2 -26.33 -3.73 -50.31
CA GLU A 2 -27.64 -3.11 -50.55
C GLU A 2 -28.77 -4.00 -50.04
N HIS A 3 -28.66 -5.31 -50.24
CA HIS A 3 -29.66 -6.24 -49.72
C HIS A 3 -29.72 -6.18 -48.21
N GLU A 4 -28.56 -6.21 -47.54
CA GLU A 4 -28.55 -6.17 -46.10
C GLU A 4 -28.99 -4.82 -45.56
N THR A 5 -28.65 -3.73 -46.25
CA THR A 5 -29.12 -2.41 -45.83
C THR A 5 -30.64 -2.33 -45.90
N ARG A 6 -31.22 -2.82 -46.99
CA ARG A 6 -32.67 -2.82 -47.12
C ARG A 6 -33.31 -3.73 -46.05
N LEU A 7 -32.69 -4.87 -45.78
CA LEU A 7 -33.23 -5.77 -44.76
C LEU A 7 -33.20 -5.11 -43.37
N VAL A 8 -32.11 -4.44 -43.03
CA VAL A 8 -32.01 -3.79 -41.73
C VAL A 8 -33.00 -2.64 -41.64
N ALA A 9 -33.22 -1.92 -42.74
CA ALA A 9 -34.25 -0.89 -42.75
C ALA A 9 -35.63 -1.49 -42.52
N ASN A 10 -35.93 -2.62 -43.17
CA ASN A 10 -37.24 -3.24 -43.03
C ASN A 10 -37.46 -3.77 -41.61
N LEU A 11 -36.45 -4.43 -41.03
CA LEU A 11 -36.64 -5.09 -39.74
C LEU A 11 -36.91 -4.08 -38.63
N LEU A 12 -36.20 -2.96 -38.61
CA LEU A 12 -36.27 -2.00 -37.52
C LEU A 12 -37.27 -0.88 -37.78
N GLU A 13 -38.07 -0.98 -38.83
CA GLU A 13 -39.03 0.09 -39.14
C GLU A 13 -40.12 0.17 -38.09
N ASN A 14 -40.86 -0.91 -37.90
CA ASN A 14 -41.98 -0.94 -36.95
C ASN A 14 -41.66 -1.84 -35.76
N TYR A 15 -40.41 -1.82 -35.31
CA TYR A 15 -39.95 -2.67 -34.23
C TYR A 15 -39.80 -1.85 -32.96
N ASN A 16 -40.41 -2.34 -31.88
CA ASN A 16 -40.30 -1.72 -30.55
C ASN A 16 -39.54 -2.67 -29.64
N LYS A 17 -38.38 -2.23 -29.16
CA LYS A 17 -37.53 -3.09 -28.33
C LYS A 17 -37.96 -3.12 -26.87
N VAL A 18 -38.94 -2.30 -26.49
CA VAL A 18 -39.43 -2.32 -25.11
C VAL A 18 -40.25 -3.57 -24.85
N ILE A 19 -40.83 -4.15 -25.90
CA ILE A 19 -41.86 -5.18 -25.76
C ILE A 19 -41.25 -6.56 -25.98
N ARG A 20 -41.73 -7.53 -25.21
CA ARG A 20 -41.20 -8.89 -25.29
C ARG A 20 -41.47 -9.50 -26.67
N PRO A 21 -40.61 -10.42 -27.11
CA PRO A 21 -40.81 -11.09 -28.41
C PRO A 21 -41.66 -12.34 -28.30
N VAL A 22 -42.96 -12.16 -28.10
CA VAL A 22 -43.91 -13.26 -28.01
C VAL A 22 -45.06 -12.98 -28.96
N GLU A 23 -45.56 -14.03 -29.63
CA GLU A 23 -46.72 -13.87 -30.49
C GLU A 23 -47.95 -13.45 -29.70
N HIS A 24 -48.14 -14.03 -28.52
CA HIS A 24 -49.23 -13.68 -27.63
C HIS A 24 -48.65 -13.38 -26.26
N HIS A 25 -49.27 -12.43 -25.55
CA HIS A 25 -48.73 -11.99 -24.28
C HIS A 25 -48.78 -13.07 -23.21
N THR A 26 -49.58 -14.12 -23.41
CA THR A 26 -49.62 -15.23 -22.46
C THR A 26 -48.44 -16.18 -22.63
N HIS A 27 -47.72 -16.09 -23.74
CA HIS A 27 -46.55 -16.92 -23.95
C HIS A 27 -45.36 -16.38 -23.18
N PHE A 28 -44.34 -17.21 -23.04
CA PHE A 28 -43.12 -16.84 -22.36
C PHE A 28 -41.95 -16.90 -23.33
N VAL A 29 -40.95 -16.05 -23.08
CA VAL A 29 -39.72 -16.03 -23.87
C VAL A 29 -38.79 -17.08 -23.29
N ASP A 30 -38.54 -18.14 -24.05
CA ASP A 30 -37.63 -19.21 -23.62
C ASP A 30 -36.21 -18.84 -24.03
N ILE A 31 -35.36 -18.58 -23.05
CA ILE A 31 -34.00 -18.10 -23.28
C ILE A 31 -33.03 -19.14 -22.77
N THR A 32 -32.18 -19.64 -23.67
CA THR A 32 -31.11 -20.56 -23.29
C THR A 32 -29.91 -19.74 -22.82
N VAL A 33 -29.47 -19.99 -21.60
CA VAL A 33 -28.40 -19.21 -20.97
C VAL A 33 -27.22 -20.14 -20.71
N GLY A 34 -26.06 -19.76 -21.22
CA GLY A 34 -24.83 -20.48 -20.93
C GLY A 34 -23.77 -19.50 -20.46
N LEU A 35 -22.87 -20.01 -19.63
CA LEU A 35 -21.78 -19.20 -19.10
C LEU A 35 -20.45 -19.81 -19.51
N GLN A 36 -19.60 -19.01 -20.15
CA GLN A 36 -18.28 -19.45 -20.55
C GLN A 36 -17.25 -18.72 -19.70
N LEU A 37 -16.46 -19.47 -18.94
CA LEU A 37 -15.44 -18.88 -18.08
C LEU A 37 -14.14 -18.78 -18.87
N ILE A 38 -13.72 -17.56 -19.16
CA ILE A 38 -12.49 -17.34 -19.92
C ILE A 38 -11.27 -17.32 -19.01
N GLN A 39 -11.39 -16.68 -17.85
CA GLN A 39 -10.25 -16.51 -16.96
C GLN A 39 -10.77 -16.23 -15.56
N LEU A 40 -10.11 -16.82 -14.56
CA LEU A 40 -10.34 -16.50 -13.16
C LEU A 40 -9.37 -15.38 -12.80
N ILE A 41 -9.86 -14.14 -12.75
CA ILE A 41 -8.98 -13.00 -12.56
C ILE A 41 -8.34 -13.04 -11.17
N SER A 42 -9.16 -13.01 -10.12
CA SER A 42 -8.57 -13.10 -8.79
C SER A 42 -9.61 -13.51 -7.77
N VAL A 43 -9.11 -13.94 -6.61
CA VAL A 43 -9.94 -14.32 -5.46
C VAL A 43 -9.40 -13.54 -4.27
N ASP A 44 -10.00 -12.39 -3.99
CA ASP A 44 -9.64 -11.57 -2.84
C ASP A 44 -10.31 -12.16 -1.61
N GLU A 45 -9.51 -12.82 -0.77
CA GLU A 45 -10.04 -13.47 0.43
C GLU A 45 -10.36 -12.48 1.54
N VAL A 46 -9.59 -11.39 1.65
CA VAL A 46 -9.84 -10.39 2.68
C VAL A 46 -11.19 -9.72 2.46
N ASN A 47 -11.47 -9.33 1.21
CA ASN A 47 -12.74 -8.72 0.86
C ASN A 47 -13.79 -9.74 0.44
N GLN A 48 -13.41 -11.01 0.33
CA GLN A 48 -14.33 -12.09 -0.02
C GLN A 48 -15.02 -11.83 -1.36
N ILE A 49 -14.24 -11.45 -2.36
CA ILE A 49 -14.76 -11.15 -3.70
C ILE A 49 -13.96 -11.94 -4.72
N VAL A 50 -14.66 -12.69 -5.57
CA VAL A 50 -14.05 -13.40 -6.68
C VAL A 50 -14.40 -12.66 -7.96
N GLU A 51 -13.38 -12.25 -8.70
CA GLU A 51 -13.60 -11.60 -9.99
C GLU A 51 -13.11 -12.50 -11.11
N THR A 52 -14.00 -12.73 -12.08
CA THR A 52 -13.78 -13.63 -13.20
C THR A 52 -14.14 -12.93 -14.50
N ASN A 53 -13.55 -13.40 -15.58
CA ASN A 53 -13.85 -12.95 -16.93
C ASN A 53 -14.76 -14.00 -17.58
N VAL A 54 -15.95 -13.57 -18.02
CA VAL A 54 -16.95 -14.51 -18.52
C VAL A 54 -17.56 -13.99 -19.82
N ARG A 55 -18.13 -14.92 -20.56
CA ARG A 55 -19.01 -14.63 -21.69
C ARG A 55 -20.38 -15.19 -21.37
N LEU A 56 -21.41 -14.36 -21.53
CA LEU A 56 -22.77 -14.73 -21.14
C LEU A 56 -23.57 -15.04 -22.40
N ARG A 57 -23.49 -16.29 -22.85
CA ARG A 57 -24.20 -16.69 -24.05
C ARG A 57 -25.70 -16.75 -23.79
N GLN A 58 -26.47 -16.11 -24.65
CA GLN A 58 -27.92 -16.06 -24.50
C GLN A 58 -28.55 -16.27 -25.87
N GLN A 59 -29.47 -17.22 -25.95
CA GLN A 59 -30.11 -17.57 -27.20
C GLN A 59 -31.61 -17.51 -27.04
N TRP A 60 -32.29 -16.84 -27.97
CA TRP A 60 -33.74 -16.82 -27.93
C TRP A 60 -34.28 -16.43 -29.30
N ILE A 61 -35.56 -16.75 -29.52
CA ILE A 61 -36.20 -16.50 -30.81
C ILE A 61 -37.02 -15.23 -30.71
N ASP A 62 -36.81 -14.31 -31.64
CA ASP A 62 -37.60 -13.09 -31.77
C ASP A 62 -38.39 -13.21 -33.07
N VAL A 63 -39.71 -13.35 -32.95
CA VAL A 63 -40.54 -13.60 -34.12
C VAL A 63 -40.65 -12.38 -35.02
N ARG A 64 -40.39 -11.19 -34.50
CA ARG A 64 -40.48 -9.97 -35.30
C ARG A 64 -39.26 -9.74 -36.18
N LEU A 65 -38.20 -10.53 -35.98
CA LEU A 65 -36.93 -10.34 -36.69
C LEU A 65 -36.64 -11.49 -37.65
N ARG A 66 -37.67 -12.00 -38.32
CA ARG A 66 -37.51 -13.07 -39.29
C ARG A 66 -37.78 -12.54 -40.69
N TRP A 67 -37.08 -13.10 -41.67
CA TRP A 67 -37.21 -12.66 -43.05
C TRP A 67 -37.04 -13.85 -43.97
N ASN A 68 -37.48 -13.67 -45.21
CA ASN A 68 -37.28 -14.67 -46.25
C ASN A 68 -35.95 -14.40 -46.96
N PRO A 69 -34.99 -15.32 -46.91
CA PRO A 69 -33.69 -15.04 -47.56
C PRO A 69 -33.79 -14.77 -49.05
N ALA A 70 -34.75 -15.39 -49.74
CA ALA A 70 -34.88 -15.19 -51.18
C ALA A 70 -35.28 -13.76 -51.53
N ASP A 71 -35.85 -13.01 -50.59
CA ASP A 71 -36.21 -11.62 -50.83
C ASP A 71 -35.06 -10.66 -50.64
N TYR A 72 -33.92 -11.12 -50.13
CA TYR A 72 -32.78 -10.25 -49.85
C TYR A 72 -31.50 -10.89 -50.36
N GLY A 73 -31.55 -11.51 -51.54
CA GLY A 73 -30.35 -12.02 -52.16
C GLY A 73 -29.78 -13.27 -51.56
N GLY A 74 -30.48 -13.93 -50.64
CA GLY A 74 -29.99 -15.13 -50.02
C GLY A 74 -29.29 -14.94 -48.69
N ILE A 75 -29.40 -13.76 -48.08
CA ILE A 75 -28.79 -13.53 -46.77
C ILE A 75 -29.51 -14.35 -45.73
N LYS A 76 -28.75 -15.12 -44.95
CA LYS A 76 -29.31 -15.98 -43.91
C LYS A 76 -28.95 -15.55 -42.50
N LYS A 77 -27.89 -14.77 -42.32
CA LYS A 77 -27.48 -14.30 -41.00
C LYS A 77 -26.97 -12.88 -41.12
N ILE A 78 -27.27 -12.05 -40.11
CA ILE A 78 -26.78 -10.69 -40.03
C ILE A 78 -26.28 -10.43 -38.61
N ARG A 79 -25.54 -9.34 -38.46
CA ARG A 79 -25.09 -8.86 -37.17
C ARG A 79 -25.82 -7.56 -36.86
N LEU A 80 -26.41 -7.49 -35.67
CA LEU A 80 -27.15 -6.31 -35.26
C LEU A 80 -26.64 -5.80 -33.92
N PRO A 81 -26.59 -4.48 -33.73
CA PRO A 81 -26.30 -3.95 -32.40
C PRO A 81 -27.36 -4.41 -31.41
N SER A 82 -26.92 -4.82 -30.22
CA SER A 82 -27.85 -5.29 -29.21
C SER A 82 -28.73 -4.18 -28.67
N ASP A 83 -28.37 -2.92 -28.89
CA ASP A 83 -29.19 -1.80 -28.45
C ASP A 83 -30.44 -1.61 -29.29
N ASP A 84 -30.57 -2.33 -30.41
CA ASP A 84 -31.70 -2.16 -31.30
C ASP A 84 -32.85 -3.12 -31.02
N VAL A 85 -32.60 -4.20 -30.28
CA VAL A 85 -33.59 -5.24 -30.10
C VAL A 85 -33.84 -5.46 -28.62
N TRP A 86 -34.98 -6.09 -28.31
CA TRP A 86 -35.30 -6.46 -26.94
C TRP A 86 -34.28 -7.46 -26.41
N LEU A 87 -33.82 -7.24 -25.19
CA LEU A 87 -32.83 -8.10 -24.59
C LEU A 87 -33.30 -8.57 -23.22
N PRO A 88 -32.97 -9.81 -22.83
CA PRO A 88 -33.23 -10.23 -21.45
C PRO A 88 -32.43 -9.40 -20.47
N ASP A 89 -33.04 -9.15 -19.31
CA ASP A 89 -32.39 -8.38 -18.26
C ASP A 89 -31.77 -9.31 -17.22
N LEU A 90 -30.79 -10.09 -17.67
CA LEU A 90 -30.06 -10.98 -16.77
C LEU A 90 -29.25 -10.15 -15.77
N VAL A 91 -29.38 -10.50 -14.51
CA VAL A 91 -28.77 -9.77 -13.40
C VAL A 91 -28.01 -10.76 -12.54
N LEU A 92 -26.78 -10.39 -12.17
CA LEU A 92 -25.99 -11.16 -11.23
C LEU A 92 -26.43 -10.79 -9.82
N TYR A 93 -27.06 -11.74 -9.12
CA TYR A 93 -27.63 -11.44 -7.81
C TYR A 93 -26.56 -11.09 -6.79
N ASN A 94 -25.53 -11.93 -6.68
CA ASN A 94 -24.51 -11.75 -5.65
C ASN A 94 -23.38 -10.85 -6.14
N ASN A 95 -23.74 -9.68 -6.65
CA ASN A 95 -22.76 -8.70 -7.09
C ASN A 95 -22.20 -7.98 -5.87
N ALA A 96 -20.87 -7.93 -5.77
CA ALA A 96 -20.19 -7.27 -4.66
C ALA A 96 -19.54 -5.96 -5.04
N ASP A 97 -18.88 -5.90 -6.20
CA ASP A 97 -18.22 -4.67 -6.64
C ASP A 97 -18.21 -4.69 -8.17
N GLY A 98 -19.22 -4.10 -8.79
CA GLY A 98 -19.31 -4.11 -10.23
C GLY A 98 -20.73 -3.89 -10.69
N ASP A 99 -21.02 -4.38 -11.89
CA ASP A 99 -22.30 -4.19 -12.54
C ASP A 99 -23.21 -5.38 -12.29
N PHE A 100 -24.48 -5.10 -12.01
CA PHE A 100 -25.44 -6.19 -11.86
C PHE A 100 -25.77 -6.85 -13.19
N ALA A 101 -25.79 -6.08 -14.28
CA ALA A 101 -26.12 -6.59 -15.60
C ALA A 101 -24.99 -6.29 -16.57
N ILE A 102 -25.22 -6.67 -17.83
CA ILE A 102 -24.23 -6.43 -18.88
C ILE A 102 -24.19 -4.96 -19.22
N VAL A 103 -23.00 -4.42 -19.44
CA VAL A 103 -22.82 -3.02 -19.79
C VAL A 103 -22.10 -2.81 -21.11
N HIS A 104 -21.43 -3.84 -21.65
CA HIS A 104 -20.65 -3.64 -22.87
C HIS A 104 -21.53 -3.53 -24.11
N MET A 105 -22.57 -4.36 -24.19
CA MET A 105 -23.57 -4.29 -25.26
C MET A 105 -22.94 -4.48 -26.63
N THR A 106 -22.34 -5.66 -26.83
CA THR A 106 -21.76 -6.00 -28.11
C THR A 106 -22.87 -6.34 -29.11
N LYS A 107 -22.46 -6.71 -30.32
CA LYS A 107 -23.44 -7.08 -31.34
C LYS A 107 -23.93 -8.51 -31.13
N LEU A 108 -24.99 -8.85 -31.85
CA LEU A 108 -25.59 -10.17 -31.77
C LEU A 108 -25.83 -10.71 -33.18
N LEU A 109 -25.88 -12.03 -33.28
CA LEU A 109 -26.10 -12.73 -34.53
C LEU A 109 -27.57 -13.07 -34.65
N LEU A 110 -28.19 -12.65 -35.75
CA LEU A 110 -29.60 -12.90 -36.01
C LEU A 110 -29.74 -13.62 -37.34
N ASP A 111 -30.32 -14.81 -37.33
CA ASP A 111 -30.58 -15.55 -38.56
C ASP A 111 -32.01 -15.34 -39.01
N TYR A 112 -32.30 -15.82 -40.22
CA TYR A 112 -33.56 -15.49 -40.88
C TYR A 112 -34.78 -16.08 -40.18
N THR A 113 -34.58 -17.04 -39.28
CA THR A 113 -35.69 -17.65 -38.54
C THR A 113 -36.04 -16.88 -37.28
N GLY A 114 -35.37 -15.76 -37.01
CA GLY A 114 -35.60 -14.99 -35.81
C GLY A 114 -34.74 -15.37 -34.63
N LYS A 115 -33.96 -16.44 -34.73
CA LYS A 115 -33.12 -16.86 -33.61
C LYS A 115 -31.97 -15.88 -33.42
N ILE A 116 -31.69 -15.58 -32.16
CA ILE A 116 -30.71 -14.58 -31.76
C ILE A 116 -29.73 -15.25 -30.80
N MET A 117 -28.43 -15.11 -31.09
CA MET A 117 -27.34 -15.52 -30.22
C MET A 117 -26.55 -14.29 -29.83
N TRP A 118 -26.48 -14.01 -28.53
CA TRP A 118 -25.80 -12.83 -28.02
C TRP A 118 -24.80 -13.29 -26.97
N THR A 119 -23.53 -12.96 -27.16
CA THR A 119 -22.46 -13.41 -26.27
C THR A 119 -21.66 -12.20 -25.78
N PRO A 120 -22.23 -11.41 -24.88
CA PRO A 120 -21.50 -10.27 -24.35
C PRO A 120 -20.48 -10.69 -23.32
N PRO A 121 -19.38 -9.96 -23.19
CA PRO A 121 -18.40 -10.23 -22.14
C PRO A 121 -18.77 -9.52 -20.84
N ALA A 122 -18.18 -10.01 -19.76
CA ALA A 122 -18.41 -9.37 -18.47
C ALA A 122 -17.26 -9.71 -17.53
N ILE A 123 -17.03 -8.82 -16.58
CA ILE A 123 -16.15 -9.06 -15.45
C ILE A 123 -17.06 -9.19 -14.24
N PHE A 124 -17.27 -10.42 -13.78
CA PHE A 124 -18.14 -10.67 -12.64
C PHE A 124 -17.29 -10.61 -11.37
N LYS A 125 -17.56 -9.63 -10.53
CA LYS A 125 -16.95 -9.54 -9.21
C LYS A 125 -18.05 -9.88 -8.21
N SER A 126 -18.16 -11.17 -7.90
CA SER A 126 -19.23 -11.69 -7.06
C SER A 126 -18.72 -11.98 -5.66
N TYR A 127 -19.67 -12.02 -4.73
CA TYR A 127 -19.35 -12.30 -3.34
C TYR A 127 -19.09 -13.79 -3.15
N CYS A 128 -17.96 -14.12 -2.54
CA CYS A 128 -17.58 -15.50 -2.25
C CYS A 128 -17.29 -15.60 -0.75
N GLU A 129 -18.13 -16.34 -0.04
CA GLU A 129 -17.89 -16.61 1.38
C GLU A 129 -16.76 -17.61 1.48
N ILE A 130 -15.54 -17.12 1.67
CA ILE A 130 -14.37 -17.99 1.64
C ILE A 130 -14.24 -18.72 2.96
N ILE A 131 -13.96 -20.02 2.90
CA ILE A 131 -13.76 -20.83 4.10
C ILE A 131 -12.27 -20.82 4.39
N VAL A 132 -11.90 -20.23 5.53
CA VAL A 132 -10.50 -20.00 5.87
C VAL A 132 -9.95 -21.10 6.77
N THR A 133 -10.70 -22.18 6.96
CA THR A 133 -10.31 -23.23 7.90
C THR A 133 -8.95 -23.83 7.53
N HIS A 134 -8.83 -24.39 6.33
CA HIS A 134 -7.58 -25.09 5.93
C HIS A 134 -6.71 -24.22 5.02
N PHE A 135 -6.52 -22.96 5.35
CA PHE A 135 -5.62 -22.12 4.55
C PHE A 135 -4.16 -22.48 4.84
N PRO A 136 -3.29 -22.64 3.81
CA PRO A 136 -3.62 -22.50 2.40
C PRO A 136 -3.93 -23.79 1.62
N PHE A 137 -4.22 -24.89 2.30
CA PHE A 137 -4.61 -26.11 1.57
C PHE A 137 -6.13 -26.15 1.50
N ASP A 138 -6.85 -25.05 1.29
CA ASP A 138 -8.31 -24.98 1.25
C ASP A 138 -8.82 -25.07 -0.18
N GLN A 139 -10.04 -25.57 -0.30
CA GLN A 139 -10.80 -25.48 -1.54
C GLN A 139 -11.98 -24.56 -1.30
N GLN A 140 -12.27 -23.55 -2.17
CA GLN A 140 -13.34 -22.53 -2.08
C GLN A 140 -14.44 -22.94 -3.03
N ASN A 141 -15.69 -22.72 -2.65
CA ASN A 141 -16.86 -23.01 -3.51
C ASN A 141 -17.49 -21.67 -3.86
N CYS A 142 -17.10 -21.07 -4.96
CA CYS A 142 -17.59 -19.71 -5.26
C CYS A 142 -18.71 -19.79 -6.28
N THR A 143 -19.76 -18.98 -6.12
CA THR A 143 -20.96 -19.14 -6.94
C THR A 143 -21.35 -17.86 -7.66
N MET A 144 -22.11 -18.00 -8.73
CA MET A 144 -22.65 -16.83 -9.46
C MET A 144 -24.13 -17.09 -9.72
N LYS A 145 -25.03 -16.27 -9.19
CA LYS A 145 -26.49 -16.41 -9.39
C LYS A 145 -26.95 -15.41 -10.44
N LEU A 146 -27.62 -15.85 -11.50
CA LEU A 146 -28.11 -15.02 -12.59
C LEU A 146 -29.62 -15.21 -12.72
N GLY A 147 -30.35 -14.10 -12.76
CA GLY A 147 -31.79 -14.15 -12.86
C GLY A 147 -32.31 -13.09 -13.82
N ILE A 148 -33.64 -13.05 -13.96
CA ILE A 148 -34.26 -12.12 -14.89
C ILE A 148 -34.60 -10.79 -14.23
N TRP A 149 -34.96 -10.80 -12.95
CA TRP A 149 -35.11 -9.66 -12.06
C TRP A 149 -36.39 -8.85 -12.29
N THR A 150 -37.12 -9.05 -13.39
CA THR A 150 -38.37 -8.32 -13.55
C THR A 150 -39.53 -9.16 -14.05
N TYR A 151 -39.28 -10.30 -14.67
CA TYR A 151 -40.33 -11.17 -15.17
C TYR A 151 -40.26 -12.50 -14.44
N ASP A 152 -41.42 -13.07 -14.15
CA ASP A 152 -41.49 -14.39 -13.56
C ASP A 152 -41.29 -15.45 -14.64
N GLY A 153 -41.32 -16.71 -14.23
CA GLY A 153 -41.09 -17.81 -15.15
C GLY A 153 -42.12 -17.93 -16.24
N THR A 154 -43.27 -17.28 -16.09
CA THR A 154 -44.30 -17.31 -17.11
C THR A 154 -44.09 -16.26 -18.20
N LYS A 155 -43.05 -15.44 -18.11
CA LYS A 155 -42.78 -14.41 -19.09
C LYS A 155 -41.44 -14.59 -19.80
N VAL A 156 -40.33 -14.70 -19.04
CA VAL A 156 -39.00 -14.72 -19.62
C VAL A 156 -38.22 -15.91 -19.08
N SER A 157 -38.91 -17.04 -18.91
CA SER A 157 -38.29 -18.29 -18.46
C SER A 157 -36.93 -18.52 -19.11
N ILE A 158 -35.96 -18.94 -18.30
CA ILE A 158 -34.60 -19.22 -18.74
C ILE A 158 -34.23 -20.65 -18.37
N SER A 159 -33.38 -21.27 -19.19
CA SER A 159 -32.89 -22.61 -18.94
C SER A 159 -31.40 -22.66 -19.24
N PRO A 160 -30.65 -23.48 -18.51
CA PRO A 160 -29.20 -23.57 -18.76
C PRO A 160 -28.91 -24.30 -20.07
N GLU A 161 -27.87 -23.82 -20.76
CA GLU A 161 -27.46 -24.45 -22.01
C GLU A 161 -26.93 -25.87 -21.76
N SER A 162 -26.13 -26.04 -20.72
CA SER A 162 -25.62 -27.34 -20.34
C SER A 162 -25.52 -27.41 -18.83
N ASP A 163 -25.40 -28.63 -18.32
CA ASP A 163 -25.32 -28.84 -16.88
C ASP A 163 -24.04 -28.28 -16.25
N ARG A 164 -23.04 -27.96 -17.05
CA ARG A 164 -21.79 -27.40 -16.55
C ARG A 164 -21.44 -26.15 -17.32
N PRO A 165 -20.79 -25.19 -16.66
CA PRO A 165 -20.29 -24.01 -17.39
C PRO A 165 -19.20 -24.41 -18.38
N ASP A 166 -19.10 -23.64 -19.45
CA ASP A 166 -18.16 -23.95 -20.52
C ASP A 166 -16.77 -23.44 -20.15
N LEU A 167 -15.81 -24.35 -20.09
CA LEU A 167 -14.41 -24.02 -19.80
C LEU A 167 -13.49 -24.51 -20.91
N SER A 168 -14.03 -24.57 -22.14
CA SER A 168 -13.24 -25.06 -23.26
C SER A 168 -12.07 -24.14 -23.57
N THR A 169 -12.27 -22.83 -23.48
CA THR A 169 -11.21 -21.85 -23.71
C THR A 169 -10.74 -21.22 -22.41
N PHE A 170 -10.95 -21.89 -21.28
CA PHE A 170 -10.53 -21.36 -19.99
C PHE A 170 -9.01 -21.45 -19.87
N MET A 171 -8.40 -20.35 -19.43
CA MET A 171 -6.96 -20.30 -19.23
C MET A 171 -6.62 -20.70 -17.81
N GLU A 172 -5.56 -21.50 -17.66
CA GLU A 172 -5.18 -22.00 -16.35
C GLU A 172 -4.77 -20.86 -15.43
N SER A 173 -5.22 -20.94 -14.18
CA SER A 173 -5.00 -19.85 -13.25
C SER A 173 -3.54 -19.75 -12.84
N GLY A 174 -2.93 -20.89 -12.48
CA GLY A 174 -1.62 -20.89 -11.88
C GLY A 174 -1.63 -20.68 -10.38
N GLU A 175 -2.75 -20.19 -9.83
CA GLU A 175 -2.93 -20.07 -8.39
C GLU A 175 -4.03 -20.96 -7.85
N TRP A 176 -5.00 -21.33 -8.68
CA TRP A 176 -6.08 -22.22 -8.31
C TRP A 176 -6.28 -23.27 -9.39
N VAL A 177 -6.79 -24.43 -8.99
CA VAL A 177 -7.14 -25.50 -9.93
C VAL A 177 -8.63 -25.79 -9.77
N MET A 178 -9.34 -25.81 -10.89
CA MET A 178 -10.78 -26.02 -10.90
C MET A 178 -11.06 -27.50 -10.60
N LYS A 179 -11.38 -27.80 -9.35
CA LYS A 179 -11.77 -29.16 -9.00
C LYS A 179 -13.10 -29.53 -9.64
N ASP A 180 -14.08 -28.63 -9.58
CA ASP A 180 -15.38 -28.95 -10.16
C ASP A 180 -16.13 -27.67 -10.49
N TYR A 181 -17.14 -27.80 -11.34
CA TYR A 181 -17.98 -26.67 -11.71
C TYR A 181 -19.31 -27.20 -12.23
N ARG A 182 -20.40 -26.55 -11.83
CA ARG A 182 -21.71 -27.03 -12.27
C ARG A 182 -22.75 -25.92 -12.08
N GLY A 183 -23.76 -25.93 -12.93
CA GLY A 183 -24.85 -24.96 -12.85
C GLY A 183 -26.17 -25.63 -12.55
N TRP A 184 -26.97 -25.00 -11.69
CA TRP A 184 -28.27 -25.51 -11.27
C TRP A 184 -29.33 -24.45 -11.45
N LYS A 185 -30.49 -24.87 -11.94
CA LYS A 185 -31.63 -23.98 -12.15
C LYS A 185 -32.60 -24.09 -10.98
N HIS A 186 -33.04 -22.95 -10.47
CA HIS A 186 -33.90 -22.90 -9.30
C HIS A 186 -35.14 -22.06 -9.58
N TRP A 187 -36.27 -22.50 -9.02
CA TRP A 187 -37.50 -21.74 -8.97
C TRP A 187 -37.65 -21.19 -7.55
N VAL A 188 -37.61 -19.87 -7.41
CA VAL A 188 -37.58 -19.22 -6.10
C VAL A 188 -38.80 -18.34 -5.93
N TYR A 189 -39.43 -18.41 -4.76
CA TYR A 189 -40.53 -17.54 -4.39
C TYR A 189 -40.01 -16.53 -3.38
N TYR A 190 -39.99 -15.26 -3.78
CA TYR A 190 -39.50 -14.20 -2.91
C TYR A 190 -40.65 -13.56 -2.14
N THR A 191 -40.29 -12.93 -1.02
CA THR A 191 -41.29 -12.28 -0.18
C THR A 191 -41.97 -11.10 -0.88
N CYS A 192 -41.31 -10.52 -1.90
CA CYS A 192 -41.98 -9.53 -2.74
C CYS A 192 -43.19 -10.14 -3.42
N CYS A 193 -43.01 -11.30 -4.04
CA CYS A 193 -43.88 -11.79 -5.10
C CYS A 193 -44.14 -13.27 -4.87
N PRO A 194 -44.89 -13.61 -3.81
CA PRO A 194 -45.04 -15.02 -3.44
C PRO A 194 -45.97 -15.81 -4.35
N ASP A 195 -46.75 -15.14 -5.20
CA ASP A 195 -47.72 -15.86 -6.02
C ASP A 195 -47.05 -16.65 -7.14
N THR A 196 -45.97 -16.12 -7.70
CA THR A 196 -45.36 -16.70 -8.88
C THR A 196 -43.87 -16.92 -8.67
N PRO A 197 -43.31 -17.96 -9.30
CA PRO A 197 -41.87 -18.24 -9.13
C PRO A 197 -41.00 -17.47 -10.10
N TYR A 198 -39.82 -17.10 -9.62
CA TYR A 198 -38.79 -16.47 -10.44
C TYR A 198 -37.66 -17.47 -10.66
N LEU A 199 -37.16 -17.52 -11.88
CA LEU A 199 -36.17 -18.52 -12.27
C LEU A 199 -34.78 -17.92 -12.17
N ASP A 200 -33.85 -18.70 -11.62
CA ASP A 200 -32.46 -18.29 -11.58
C ASP A 200 -31.58 -19.49 -11.92
N ILE A 201 -30.36 -19.20 -12.38
CA ILE A 201 -29.35 -20.21 -12.61
C ILE A 201 -28.12 -19.86 -11.77
N THR A 202 -27.67 -20.80 -10.96
CA THR A 202 -26.52 -20.60 -10.10
C THR A 202 -25.39 -21.50 -10.60
N TYR A 203 -24.30 -20.87 -11.04
CA TYR A 203 -23.11 -21.61 -11.46
C TYR A 203 -22.10 -21.58 -10.33
N HIS A 204 -21.75 -22.74 -9.79
CA HIS A 204 -20.82 -22.83 -8.69
C HIS A 204 -19.52 -23.46 -9.17
N PHE A 205 -18.41 -22.94 -8.63
CA PHE A 205 -17.07 -23.42 -8.92
C PHE A 205 -16.41 -23.81 -7.61
N ILE A 206 -15.88 -25.02 -7.57
CA ILE A 206 -15.08 -25.54 -6.46
C ILE A 206 -13.65 -25.56 -6.95
N MET A 207 -12.82 -24.71 -6.35
CA MET A 207 -11.45 -24.49 -6.78
C MET A 207 -10.50 -24.80 -5.65
N GLN A 208 -9.51 -25.66 -5.92
CA GLN A 208 -8.48 -25.97 -4.95
C GLN A 208 -7.30 -25.01 -5.11
N ARG A 209 -6.77 -24.54 -3.99
CA ARG A 209 -5.65 -23.63 -4.03
C ARG A 209 -4.34 -24.40 -4.19
N ILE A 210 -3.46 -23.88 -5.05
CA ILE A 210 -2.13 -24.43 -5.18
C ILE A 210 -1.28 -23.79 -4.08
N PRO A 211 -0.81 -24.55 -3.10
CA PRO A 211 -0.21 -23.95 -1.90
C PRO A 211 1.29 -23.70 -1.97
N LEU A 212 1.92 -23.88 -3.13
CA LEU A 212 3.37 -23.78 -3.20
C LEU A 212 3.88 -22.40 -2.80
N TYR A 213 3.20 -21.34 -3.25
CA TYR A 213 3.64 -20.00 -2.92
C TYR A 213 3.58 -19.74 -1.42
N PHE A 214 2.42 -20.01 -0.81
CA PHE A 214 2.26 -19.73 0.61
C PHE A 214 3.14 -20.62 1.46
N VAL A 215 3.27 -21.90 1.10
CA VAL A 215 4.17 -22.79 1.84
C VAL A 215 5.57 -22.19 1.91
N VAL A 216 6.17 -21.95 0.74
CA VAL A 216 7.54 -21.47 0.69
C VAL A 216 7.67 -20.12 1.39
N ASN A 217 6.74 -19.21 1.14
CA ASN A 217 6.91 -17.85 1.65
C ASN A 217 6.53 -17.67 3.11
N VAL A 218 5.78 -18.59 3.71
CA VAL A 218 5.31 -18.38 5.07
C VAL A 218 5.68 -19.55 5.98
N ILE A 219 5.31 -20.76 5.56
CA ILE A 219 5.31 -21.90 6.48
C ILE A 219 6.74 -22.32 6.84
N ILE A 220 7.62 -22.39 5.85
CA ILE A 220 8.99 -22.88 6.09
C ILE A 220 9.73 -22.02 7.11
N PRO A 221 9.71 -20.68 7.03
CA PRO A 221 10.35 -19.91 8.11
C PRO A 221 9.74 -20.18 9.48
N CYS A 222 8.42 -20.37 9.55
CA CYS A 222 7.80 -20.70 10.83
C CYS A 222 8.33 -22.02 11.38
N LEU A 223 8.49 -23.02 10.51
CA LEU A 223 9.07 -24.28 10.93
C LEU A 223 10.50 -24.10 11.43
N LEU A 224 11.30 -23.33 10.70
CA LEU A 224 12.68 -23.09 11.10
C LEU A 224 12.74 -22.44 12.47
N PHE A 225 11.91 -21.43 12.71
CA PHE A 225 11.96 -20.74 13.99
C PHE A 225 11.41 -21.60 15.12
N SER A 226 10.42 -22.45 14.85
CA SER A 226 9.97 -23.39 15.88
C SER A 226 11.09 -24.37 16.25
N PHE A 227 11.81 -24.86 15.25
CA PHE A 227 12.96 -25.73 15.51
CA PHE A 227 12.94 -25.74 15.54
C PHE A 227 14.03 -25.01 16.31
N LEU A 228 14.20 -23.70 16.08
CA LEU A 228 15.14 -22.94 16.88
C LEU A 228 14.67 -22.79 18.32
N THR A 229 13.36 -22.61 18.52
CA THR A 229 12.81 -22.64 19.88
C THR A 229 13.21 -23.92 20.59
N GLY A 230 13.02 -25.05 19.90
CA GLY A 230 13.47 -26.31 20.48
C GLY A 230 14.95 -26.34 20.75
N LEU A 231 15.75 -25.79 19.83
CA LEU A 231 17.20 -25.83 19.95
C LEU A 231 17.71 -25.03 21.13
N VAL A 232 16.95 -24.02 21.56
CA VAL A 232 17.43 -23.13 22.62
C VAL A 232 17.82 -23.87 23.91
N PHE A 233 17.35 -25.10 24.09
CA PHE A 233 17.67 -25.84 25.31
C PHE A 233 19.02 -26.55 25.25
N TYR A 234 19.62 -26.68 24.07
CA TYR A 234 20.97 -27.22 23.98
C TYR A 234 22.04 -26.16 24.22
N LEU A 235 21.65 -24.89 24.23
CA LEU A 235 22.60 -23.81 24.48
C LEU A 235 22.94 -23.77 25.97
N PRO A 236 24.22 -23.80 26.33
CA PRO A 236 24.58 -23.75 27.75
C PRO A 236 24.25 -22.39 28.35
N THR A 237 23.82 -22.42 29.62
CA THR A 237 23.49 -21.18 30.31
C THR A 237 24.73 -20.39 30.71
N ASP A 238 25.88 -21.06 30.80
CA ASP A 238 27.12 -20.35 31.14
C ASP A 238 27.54 -19.39 30.05
N SER A 239 27.13 -19.62 28.80
CA SER A 239 27.47 -18.72 27.70
C SER A 239 26.60 -17.48 27.66
N GLY A 240 25.48 -17.46 28.40
CA GLY A 240 24.53 -16.40 28.20
C GLY A 240 23.85 -16.57 26.84
N GLU A 241 23.18 -15.50 26.42
CA GLU A 241 22.58 -15.39 25.10
C GLU A 241 21.46 -16.40 24.83
N LYS A 242 21.03 -17.17 25.84
CA LYS A 242 19.83 -17.97 25.67
C LYS A 242 18.63 -17.06 25.43
N MET A 243 18.52 -16.00 26.22
CA MET A 243 17.46 -15.04 26.02
C MET A 243 17.55 -14.37 24.66
N THR A 244 18.77 -14.14 24.15
CA THR A 244 18.92 -13.58 22.82
C THR A 244 18.24 -14.46 21.78
N LEU A 245 18.50 -15.76 21.82
CA LEU A 245 17.93 -16.68 20.83
C LEU A 245 16.42 -16.78 21.00
N SER A 246 15.95 -16.97 22.24
CA SER A 246 14.51 -17.09 22.46
C SER A 246 13.78 -15.82 22.02
N ILE A 247 14.34 -14.66 22.35
CA ILE A 247 13.71 -13.39 22.03
C ILE A 247 13.71 -13.15 20.53
N SER A 248 14.81 -13.47 19.84
CA SER A 248 14.85 -13.28 18.40
C SER A 248 13.82 -14.15 17.71
N VAL A 249 13.69 -15.41 18.14
CA VAL A 249 12.68 -16.28 17.54
C VAL A 249 11.28 -15.74 17.83
N LEU A 250 11.06 -15.26 19.05
CA LEU A 250 9.75 -14.71 19.41
C LEU A 250 9.40 -13.50 18.55
N LEU A 251 10.37 -12.62 18.32
CA LEU A 251 10.13 -11.44 17.47
C LEU A 251 9.85 -11.85 16.04
N SER A 252 10.58 -12.84 15.52
CA SER A 252 10.31 -13.32 14.17
C SER A 252 8.89 -13.88 14.06
N LEU A 253 8.47 -14.66 15.05
CA LEU A 253 7.12 -15.20 15.02
C LEU A 253 6.06 -14.11 15.16
N THR A 254 6.35 -13.06 15.92
CA THR A 254 5.43 -11.92 15.98
C THR A 254 5.29 -11.26 14.61
N VAL A 255 6.41 -11.06 13.91
CA VAL A 255 6.36 -10.46 12.59
C VAL A 255 5.57 -11.33 11.62
N PHE A 256 5.80 -12.64 11.67
CA PHE A 256 5.04 -13.54 10.80
C PHE A 256 3.58 -13.59 11.19
N LEU A 257 3.25 -13.43 12.47
CA LEU A 257 1.86 -13.31 12.88
C LEU A 257 1.21 -12.09 12.23
N LEU A 258 1.92 -10.96 12.23
CA LEU A 258 1.41 -9.78 11.56
C LEU A 258 1.19 -10.03 10.08
N VAL A 259 2.15 -10.68 9.43
CA VAL A 259 2.05 -10.95 8.00
C VAL A 259 0.85 -11.84 7.70
N ILE A 260 0.66 -12.90 8.48
CA ILE A 260 -0.44 -13.82 8.25
C ILE A 260 -1.78 -13.14 8.53
N VAL A 261 -1.82 -12.28 9.55
CA VAL A 261 -3.04 -11.53 9.84
C VAL A 261 -3.39 -10.64 8.66
N GLU A 262 -2.39 -10.07 8.00
CA GLU A 262 -2.65 -9.26 6.82
C GLU A 262 -3.22 -10.06 5.64
N LEU A 263 -3.16 -11.39 5.68
CA LEU A 263 -3.56 -12.22 4.55
C LEU A 263 -4.98 -12.76 4.65
N ILE A 264 -5.44 -13.11 5.84
CA ILE A 264 -6.73 -13.78 6.01
C ILE A 264 -7.81 -12.75 6.32
N PRO A 265 -9.06 -13.00 5.97
CA PRO A 265 -10.14 -12.10 6.38
C PRO A 265 -10.39 -12.16 7.88
N SER A 266 -10.91 -11.06 8.42
CA SER A 266 -11.12 -10.91 9.85
C SER A 266 -12.42 -11.57 10.33
N THR A 267 -13.02 -12.44 9.52
CA THR A 267 -14.25 -13.11 9.94
C THR A 267 -13.94 -14.13 11.04
N SER A 268 -14.94 -14.36 11.90
CA SER A 268 -14.81 -15.27 13.02
C SER A 268 -15.64 -16.53 12.86
N SER A 269 -16.05 -16.84 11.62
CA SER A 269 -16.83 -18.06 11.39
C SER A 269 -16.03 -19.30 11.75
N ALA A 270 -14.75 -19.33 11.40
CA ALA A 270 -13.89 -20.45 11.73
C ALA A 270 -12.47 -19.94 11.95
N VAL A 271 -11.71 -20.67 12.76
CA VAL A 271 -10.32 -20.34 13.06
C VAL A 271 -9.44 -20.98 12.00
N PRO A 272 -8.62 -20.21 11.28
CA PRO A 272 -7.73 -20.82 10.28
C PRO A 272 -6.74 -21.77 10.91
N LEU A 273 -6.42 -22.83 10.18
CA LEU A 273 -5.42 -23.78 10.66
C LEU A 273 -4.05 -23.13 10.78
N ILE A 274 -3.72 -22.22 9.87
CA ILE A 274 -2.46 -21.49 9.98
C ILE A 274 -2.48 -20.59 11.22
N GLY A 275 -3.63 -20.02 11.55
CA GLY A 275 -3.74 -19.25 12.77
C GLY A 275 -3.61 -20.11 14.02
N LYS A 276 -4.19 -21.31 13.99
CA LYS A 276 -4.02 -22.24 15.10
C LYS A 276 -2.55 -22.61 15.26
N TYR A 277 -1.86 -22.87 14.15
CA TYR A 277 -0.45 -23.18 14.21
C TYR A 277 0.36 -22.02 14.76
N MET A 278 0.03 -20.79 14.35
CA MET A 278 0.73 -19.63 14.88
C MET A 278 0.52 -19.47 16.37
N LEU A 279 -0.72 -19.67 16.84
CA LEU A 279 -0.98 -19.58 18.28
C LEU A 279 -0.25 -20.68 19.04
N PHE A 280 -0.23 -21.90 18.49
CA PHE A 280 0.50 -22.99 19.12
C PHE A 280 1.99 -22.68 19.21
N THR A 281 2.56 -22.14 18.13
CA THR A 281 3.98 -21.81 18.14
C THR A 281 4.27 -20.67 19.10
N MET A 282 3.39 -19.68 19.19
CA MET A 282 3.58 -18.58 20.12
C MET A 282 3.56 -19.08 21.56
N ILE A 283 2.60 -19.96 21.89
CA ILE A 283 2.56 -20.54 23.23
C ILE A 283 3.80 -21.39 23.47
N PHE A 284 4.27 -22.08 22.44
CA PHE A 284 5.49 -22.88 22.53
C PHE A 284 6.69 -22.01 22.89
N VAL A 285 6.82 -20.86 22.23
CA VAL A 285 7.94 -19.96 22.52
C VAL A 285 7.81 -19.38 23.92
N ILE A 286 6.59 -19.00 24.31
CA ILE A 286 6.39 -18.44 25.66
C ILE A 286 6.78 -19.47 26.72
N SER A 287 6.35 -20.71 26.53
CA SER A 287 6.71 -21.77 27.47
C SER A 287 8.21 -22.00 27.49
N SER A 288 8.85 -21.99 26.32
CA SER A 288 10.29 -22.17 26.25
C SER A 288 11.02 -21.06 27.00
N ILE A 289 10.55 -19.82 26.86
CA ILE A 289 11.20 -18.70 27.53
C ILE A 289 11.01 -18.80 29.04
N ILE A 290 9.81 -19.18 29.49
CA ILE A 290 9.58 -19.34 30.93
C ILE A 290 10.48 -20.42 31.50
N ILE A 291 10.56 -21.56 30.81
CA ILE A 291 11.41 -22.66 31.28
C ILE A 291 12.87 -22.24 31.24
N THR A 292 13.27 -21.45 30.24
CA THR A 292 14.64 -20.98 30.15
C THR A 292 14.98 -20.07 31.33
N VAL A 293 14.05 -19.20 31.72
CA VAL A 293 14.27 -18.35 32.89
C VAL A 293 14.39 -19.20 34.14
N VAL A 294 13.56 -20.24 34.25
CA VAL A 294 13.66 -21.15 35.40
C VAL A 294 15.02 -21.82 35.43
N VAL A 295 15.50 -22.29 34.27
CA VAL A 295 16.79 -22.96 34.19
C VAL A 295 17.92 -22.00 34.55
N ILE A 296 17.85 -20.77 34.05
CA ILE A 296 18.89 -19.79 34.34
C ILE A 296 18.92 -19.47 35.82
N ASN A 297 17.73 -19.33 36.44
CA ASN A 297 17.67 -19.07 37.87
C ASN A 297 18.24 -20.25 38.67
N THR A 298 17.96 -21.47 38.21
CA THR A 298 18.50 -22.66 38.88
C THR A 298 20.03 -22.71 38.76
N HIS A 299 20.56 -22.35 37.60
CA HIS A 299 21.99 -22.41 37.38
C HIS A 299 22.74 -21.42 38.27
N HIS A 300 22.16 -20.25 38.52
CA HIS A 300 22.82 -19.21 39.30
C HIS A 300 22.43 -19.23 40.77
N ARG A 301 21.73 -20.28 41.23
CA ARG A 301 21.34 -20.34 42.63
C ARG A 301 22.57 -20.34 43.53
N SER A 302 22.53 -19.48 44.54
CA SER A 302 23.66 -19.36 45.46
C SER A 302 23.81 -20.65 46.28
N PRO A 303 25.02 -21.19 46.39
CA PRO A 303 25.19 -22.38 47.24
C PRO A 303 24.86 -22.12 48.71
N SER A 304 25.33 -21.01 49.25
CA SER A 304 25.10 -20.71 50.66
C SER A 304 23.66 -20.31 50.90
N THR A 305 23.10 -19.44 50.05
CA THR A 305 21.75 -18.95 50.29
C THR A 305 20.72 -20.06 50.10
N HIS A 306 20.80 -20.79 48.99
CA HIS A 306 19.85 -21.85 48.68
C HIS A 306 20.53 -23.20 48.86
N THR A 307 19.93 -24.05 49.69
CA THR A 307 20.41 -25.40 49.88
C THR A 307 19.57 -26.36 49.04
N MET A 308 20.24 -27.28 48.36
CA MET A 308 19.55 -28.16 47.43
C MET A 308 18.64 -29.12 48.20
N PRO A 309 17.35 -29.17 47.86
CA PRO A 309 16.46 -30.14 48.49
C PRO A 309 16.93 -31.57 48.23
N GLN A 310 16.74 -32.43 49.23
CA GLN A 310 17.21 -33.81 49.13
C GLN A 310 16.51 -34.54 47.99
N TRP A 311 15.20 -34.33 47.83
CA TRP A 311 14.45 -35.04 46.79
C TRP A 311 14.95 -34.66 45.40
N VAL A 312 15.17 -33.36 45.16
CA VAL A 312 15.57 -32.90 43.84
C VAL A 312 16.99 -33.38 43.53
N ARG A 313 17.87 -33.39 44.54
CA ARG A 313 19.20 -33.94 44.35
C ARG A 313 19.11 -35.42 43.99
N LYS A 314 18.32 -36.18 44.77
CA LYS A 314 18.16 -37.60 44.50
C LYS A 314 17.75 -37.83 43.06
N ILE A 315 16.63 -37.25 42.64
CA ILE A 315 16.13 -37.52 41.29
C ILE A 315 17.15 -37.06 40.24
N PHE A 316 17.44 -35.75 40.20
CA PHE A 316 18.21 -35.18 39.11
C PHE A 316 19.70 -35.47 39.18
N ILE A 317 20.17 -36.25 40.15
CA ILE A 317 21.56 -36.68 40.15
C ILE A 317 21.71 -38.19 40.09
N ASP A 318 20.74 -38.98 40.55
CA ASP A 318 20.85 -40.42 40.53
C ASP A 318 19.98 -41.06 39.45
N THR A 319 18.70 -40.68 39.35
CA THR A 319 17.79 -41.41 38.49
C THR A 319 17.88 -40.96 37.04
N ILE A 320 17.64 -39.67 36.80
CA ILE A 320 17.58 -39.17 35.42
C ILE A 320 18.88 -39.39 34.65
N PRO A 321 20.07 -39.11 35.20
CA PRO A 321 21.29 -39.37 34.42
C PRO A 321 21.44 -40.80 33.97
N ASN A 322 21.04 -41.77 34.80
CA ASN A 322 21.19 -43.17 34.44
C ASN A 322 20.16 -43.64 33.43
N VAL A 323 19.02 -42.94 33.33
CA VAL A 323 17.97 -43.36 32.41
C VAL A 323 18.44 -43.26 30.97
N MET A 324 19.07 -42.15 30.60
CA MET A 324 19.44 -41.88 29.23
C MET A 324 20.90 -42.27 28.98
N PHE A 325 21.13 -42.99 27.88
CA PHE A 325 22.44 -43.50 27.55
C PHE A 325 23.09 -42.80 26.36
N PHE A 326 22.31 -42.10 25.54
CA PHE A 326 22.87 -41.42 24.38
C PHE A 326 23.73 -40.22 24.78
N SER A 327 23.44 -39.61 25.92
CA SER A 327 24.15 -38.40 26.33
C SER A 327 25.49 -38.75 26.97
N THR A 328 26.37 -37.76 27.04
CA THR A 328 27.69 -37.92 27.63
C THR A 328 27.76 -37.40 29.06
N MET A 329 26.62 -37.29 29.73
CA MET A 329 26.61 -36.81 31.11
C MET A 329 27.33 -37.80 32.02
N LYS A 330 28.03 -37.26 33.01
CA LYS A 330 28.76 -38.10 33.95
C LYS A 330 27.78 -38.81 34.88
N ARG A 331 27.99 -40.12 35.06
CA ARG A 331 27.14 -40.92 35.92
C ARG A 331 27.94 -41.58 37.04
N SER A 374 52.50 -15.87 64.20
CA SER A 374 51.48 -15.45 63.23
C SER A 374 51.74 -16.08 61.86
N ALA A 375 52.98 -16.51 61.63
CA ALA A 375 53.31 -17.15 60.37
C ALA A 375 52.55 -18.46 60.20
N ILE A 376 52.47 -19.26 61.26
CA ILE A 376 51.68 -20.49 61.19
C ILE A 376 50.20 -20.16 61.12
N GLU A 377 49.74 -19.16 61.87
CA GLU A 377 48.34 -18.79 61.85
C GLU A 377 47.94 -18.24 60.49
N GLY A 378 48.84 -17.50 59.82
CA GLY A 378 48.55 -17.02 58.48
C GLY A 378 48.38 -18.15 57.49
N VAL A 379 49.18 -19.21 57.62
CA VAL A 379 49.02 -20.38 56.76
C VAL A 379 47.72 -21.10 57.09
N LYS A 380 47.35 -21.16 58.37
CA LYS A 380 46.09 -21.79 58.75
C LYS A 380 44.90 -20.98 58.26
N TYR A 381 45.06 -19.67 58.07
CA TYR A 381 43.95 -18.85 57.59
C TYR A 381 43.67 -19.11 56.11
N ILE A 382 44.72 -19.16 55.29
CA ILE A 382 44.51 -19.35 53.85
C ILE A 382 43.98 -20.75 53.56
N ALA A 383 44.41 -21.75 54.33
CA ALA A 383 43.90 -23.10 54.12
C ALA A 383 42.41 -23.17 54.41
N GLU A 384 41.96 -22.48 55.48
CA GLU A 384 40.53 -22.44 55.78
C GLU A 384 39.76 -21.72 54.68
N HIS A 385 40.35 -20.65 54.12
CA HIS A 385 39.69 -19.94 53.04
C HIS A 385 39.53 -20.82 51.80
N MET A 386 40.59 -21.56 51.44
CA MET A 386 40.49 -22.44 50.27
C MET A 386 39.59 -23.63 50.52
N LYS A 387 39.50 -24.08 51.79
CA LYS A 387 38.59 -25.17 52.12
C LYS A 387 37.13 -24.74 51.98
N SER A 388 36.80 -23.54 52.49
CA SER A 388 35.46 -23.03 52.36
C SER A 388 35.08 -22.77 50.91
N ASP A 389 36.03 -22.25 50.12
CA ASP A 389 35.75 -21.98 48.71
C ASP A 389 35.54 -23.27 47.93
N GLU A 390 36.26 -24.34 48.29
CA GLU A 390 36.05 -25.62 47.63
C GLU A 390 34.66 -26.17 47.91
N GLU A 391 34.20 -26.07 49.15
CA GLU A 391 32.85 -26.51 49.48
C GLU A 391 31.81 -25.66 48.74
N SER A 392 32.04 -24.36 48.68
CA SER A 392 31.13 -23.48 47.94
C SER A 392 31.12 -23.82 46.46
N SER A 393 32.29 -24.13 45.89
CA SER A 393 32.36 -24.48 44.48
C SER A 393 31.64 -25.79 44.20
N ASN A 394 31.78 -26.78 45.07
CA ASN A 394 31.12 -28.06 44.86
C ASN A 394 29.61 -27.91 44.93
N ALA A 395 29.11 -27.12 45.89
CA ALA A 395 27.67 -26.86 45.94
C ALA A 395 27.22 -25.96 44.81
N ALA A 396 28.11 -25.13 44.26
CA ALA A 396 27.74 -24.29 43.13
C ALA A 396 27.53 -25.11 41.87
N GLU A 397 28.47 -26.03 41.59
CA GLU A 397 28.34 -26.85 40.40
C GLU A 397 27.20 -27.85 40.50
N GLU A 398 26.78 -28.19 41.72
CA GLU A 398 25.63 -29.08 41.87
C GLU A 398 24.36 -28.45 41.29
N TRP A 399 24.14 -27.16 41.55
CA TRP A 399 23.02 -26.46 40.92
C TRP A 399 23.20 -26.37 39.42
N LYS A 400 24.44 -26.14 38.97
CA LYS A 400 24.70 -26.09 37.53
C LYS A 400 24.49 -27.45 36.88
N TYR A 401 24.86 -28.52 37.57
CA TYR A 401 24.63 -29.86 37.03
C TYR A 401 23.14 -30.16 36.92
N VAL A 402 22.37 -29.81 37.94
CA VAL A 402 20.92 -30.01 37.91
C VAL A 402 20.31 -29.20 36.77
N ALA A 403 20.79 -27.96 36.58
CA ALA A 403 20.21 -27.09 35.56
C ALA A 403 20.39 -27.68 34.16
N MET A 404 21.54 -28.29 33.89
CA MET A 404 21.76 -28.88 32.58
C MET A 404 21.08 -30.23 32.43
N VAL A 405 20.76 -30.91 33.54
CA VAL A 405 19.95 -32.12 33.44
C VAL A 405 18.53 -31.78 33.02
N ILE A 406 17.97 -30.72 33.61
CA ILE A 406 16.65 -30.24 33.19
C ILE A 406 16.69 -29.82 31.72
N ASP A 407 17.79 -29.21 31.30
CA ASP A 407 17.92 -28.78 29.91
C ASP A 407 17.86 -29.97 28.95
N HIS A 408 18.53 -31.07 29.31
CA HIS A 408 18.48 -32.26 28.46
C HIS A 408 17.08 -32.85 28.42
N ILE A 409 16.39 -32.89 29.55
CA ILE A 409 15.01 -33.37 29.57
C ILE A 409 14.12 -32.48 28.71
N LEU A 410 14.25 -31.17 28.86
CA LEU A 410 13.41 -30.25 28.11
C LEU A 410 13.78 -30.21 26.63
N LEU A 411 15.05 -30.46 26.31
CA LEU A 411 15.44 -30.56 24.91
C LEU A 411 14.76 -31.73 24.23
N CYS A 412 14.75 -32.90 24.87
CA CYS A 412 14.08 -34.06 24.30
C CYS A 412 12.58 -33.82 24.19
N VAL A 413 11.97 -33.26 25.24
CA VAL A 413 10.53 -33.03 25.23
C VAL A 413 10.16 -32.02 24.16
N PHE A 414 10.87 -30.88 24.11
CA PHE A 414 10.48 -29.81 23.20
C PHE A 414 10.65 -30.21 21.74
N MET A 415 11.72 -30.96 21.43
CA MET A 415 11.88 -31.44 20.06
C MET A 415 10.81 -32.47 19.70
N LEU A 416 10.40 -33.30 20.66
CA LEU A 416 9.39 -34.32 20.39
C LEU A 416 8.03 -33.68 20.14
N ILE A 417 7.63 -32.74 20.99
CA ILE A 417 6.33 -32.09 20.82
C ILE A 417 6.33 -31.20 19.59
N CYS A 418 7.49 -30.66 19.22
CA CYS A 418 7.56 -29.79 18.04
C CYS A 418 7.19 -30.54 16.77
N ILE A 419 7.73 -31.75 16.59
CA ILE A 419 7.47 -32.48 15.35
C ILE A 419 6.04 -32.97 15.31
N ILE A 420 5.52 -33.47 16.43
CA ILE A 420 4.15 -33.98 16.44
C ILE A 420 3.15 -32.83 16.44
N GLY A 421 3.57 -31.63 16.81
CA GLY A 421 2.71 -30.47 16.66
C GLY A 421 2.64 -29.92 15.26
N THR A 422 3.57 -30.33 14.38
CA THR A 422 3.56 -29.90 12.99
C THR A 422 3.34 -31.08 12.05
N VAL A 423 4.15 -32.13 12.14
CA VAL A 423 4.08 -33.23 11.17
C VAL A 423 2.75 -33.94 11.28
N SER A 424 2.33 -34.28 12.50
CA SER A 424 1.07 -35.00 12.68
C SER A 424 -0.14 -34.08 12.54
N VAL A 425 0.03 -32.78 12.81
CA VAL A 425 -1.10 -31.88 12.80
C VAL A 425 -1.37 -31.33 11.39
N PHE A 426 -0.33 -30.89 10.69
CA PHE A 426 -0.52 -30.40 9.32
C PHE A 426 -0.96 -31.52 8.39
N ALA A 427 -0.55 -32.76 8.66
CA ALA A 427 -0.88 -33.87 7.77
C ALA A 427 -2.35 -34.23 7.79
N GLY A 428 -3.12 -33.75 8.76
CA GLY A 428 -4.55 -34.04 8.78
C GLY A 428 -5.26 -33.53 7.54
N ARG A 429 -4.94 -32.31 7.13
CA ARG A 429 -5.48 -31.78 5.87
C ARG A 429 -4.80 -32.38 4.65
N LEU A 430 -3.50 -32.67 4.76
CA LEU A 430 -2.77 -33.24 3.62
C LEU A 430 -3.23 -34.66 3.31
N ILE A 431 -3.74 -35.38 4.32
CA ILE A 431 -4.28 -36.71 4.08
C ILE A 431 -5.51 -36.63 3.18
N GLU A 432 -6.34 -35.60 3.38
CA GLU A 432 -7.56 -35.40 2.60
C GLU A 432 -8.51 -36.59 2.72
N SER B 1 -20.80 27.32 -50.49
CA SER B 1 -20.83 25.94 -50.00
C SER B 1 -19.61 25.17 -50.47
N VAL B 2 -18.82 24.67 -49.52
CA VAL B 2 -17.63 23.90 -49.87
C VAL B 2 -18.08 22.61 -50.56
N MET B 3 -17.21 22.10 -51.44
CA MET B 3 -17.50 20.86 -52.15
C MET B 3 -17.41 19.64 -51.26
N GLU B 4 -16.62 19.71 -50.18
CA GLU B 4 -16.52 18.58 -49.26
C GLU B 4 -17.86 18.30 -48.59
N ASP B 5 -18.61 19.36 -48.24
CA ASP B 5 -19.93 19.17 -47.64
C ASP B 5 -20.86 18.44 -48.61
N THR B 6 -20.83 18.83 -49.89
CA THR B 6 -21.66 18.15 -50.89
C THR B 6 -21.25 16.70 -51.05
N LEU B 7 -19.93 16.43 -51.07
CA LEU B 7 -19.47 15.05 -51.19
C LEU B 7 -19.90 14.21 -49.99
N LEU B 8 -19.81 14.77 -48.79
CA LEU B 8 -20.25 14.04 -47.60
C LEU B 8 -21.75 13.79 -47.63
N SER B 9 -22.53 14.76 -48.10
CA SER B 9 -23.97 14.56 -48.22
C SER B 9 -24.29 13.46 -49.23
N VAL B 10 -23.56 13.41 -50.34
CA VAL B 10 -23.79 12.38 -51.34
C VAL B 10 -23.41 11.00 -50.80
N LEU B 11 -22.27 10.90 -50.13
CA LEU B 11 -21.76 9.60 -49.70
C LEU B 11 -22.68 8.97 -48.66
N PHE B 12 -23.18 9.75 -47.71
CA PHE B 12 -23.97 9.22 -46.60
C PHE B 12 -25.46 9.48 -46.75
N GLU B 13 -25.95 9.59 -47.99
CA GLU B 13 -27.38 9.76 -48.20
C GLU B 13 -28.15 8.54 -47.73
N THR B 14 -27.66 7.33 -48.04
CA THR B 14 -28.31 6.09 -47.63
C THR B 14 -27.31 5.12 -46.99
N TYR B 15 -26.16 5.63 -46.55
CA TYR B 15 -25.15 4.78 -45.94
C TYR B 15 -25.60 4.33 -44.56
N ASN B 16 -25.41 3.04 -44.28
CA ASN B 16 -25.76 2.46 -42.99
C ASN B 16 -24.49 1.92 -42.33
N PRO B 17 -24.00 2.53 -41.25
CA PRO B 17 -22.76 2.03 -40.61
C PRO B 17 -22.91 0.68 -39.96
N LYS B 18 -24.12 0.17 -39.80
CA LYS B 18 -24.38 -1.11 -39.16
C LYS B 18 -24.31 -2.28 -40.12
N VAL B 19 -24.09 -2.04 -41.41
CA VAL B 19 -24.08 -3.07 -42.43
C VAL B 19 -22.65 -3.30 -42.90
N ARG B 20 -22.19 -4.54 -42.83
CA ARG B 20 -20.86 -4.86 -43.33
C ARG B 20 -20.81 -4.68 -44.84
N PRO B 21 -19.72 -4.09 -45.38
CA PRO B 21 -19.65 -3.80 -46.83
C PRO B 21 -19.32 -5.01 -47.68
N ALA B 22 -20.34 -5.83 -47.94
CA ALA B 22 -20.22 -6.94 -48.89
C ALA B 22 -21.00 -6.56 -50.14
N GLN B 23 -20.28 -6.29 -51.23
CA GLN B 23 -20.93 -5.83 -52.45
C GLN B 23 -21.89 -6.89 -53.00
N THR B 24 -21.47 -8.15 -52.97
CA THR B 24 -22.35 -9.26 -53.28
C THR B 24 -22.49 -10.14 -52.06
N VAL B 25 -23.65 -10.81 -51.95
CA VAL B 25 -23.90 -11.66 -50.79
C VAL B 25 -22.90 -12.79 -50.77
N GLY B 26 -22.21 -12.95 -49.64
CA GLY B 26 -21.18 -13.96 -49.50
C GLY B 26 -19.77 -13.44 -49.59
N ASP B 27 -19.58 -12.18 -49.97
CA ASP B 27 -18.24 -11.62 -50.03
C ASP B 27 -17.67 -11.41 -48.64
N LYS B 28 -16.35 -11.49 -48.54
CA LYS B 28 -15.63 -11.28 -47.30
C LYS B 28 -14.84 -9.98 -47.39
N VAL B 29 -14.81 -9.24 -46.29
CA VAL B 29 -14.07 -7.99 -46.21
C VAL B 29 -12.70 -8.29 -45.62
N THR B 30 -11.65 -8.05 -46.38
CA THR B 30 -10.30 -8.24 -45.87
C THR B 30 -9.89 -7.06 -45.02
N VAL B 31 -9.47 -7.34 -43.79
CA VAL B 31 -9.06 -6.31 -42.83
C VAL B 31 -7.59 -6.53 -42.52
N ARG B 32 -6.76 -5.54 -42.85
CA ARG B 32 -5.36 -5.56 -42.49
C ARG B 32 -5.19 -4.95 -41.11
N VAL B 33 -4.56 -5.69 -40.21
CA VAL B 33 -4.40 -5.31 -38.81
C VAL B 33 -2.91 -5.25 -38.50
N GLY B 34 -2.46 -4.09 -37.99
CA GLY B 34 -1.10 -3.94 -37.53
C GLY B 34 -1.08 -3.17 -36.23
N LEU B 35 0.06 -3.23 -35.56
CA LEU B 35 0.22 -2.58 -34.26
C LEU B 35 1.46 -1.71 -34.28
N THR B 36 1.32 -0.51 -33.72
CA THR B 36 2.46 0.37 -33.47
C THR B 36 2.55 0.63 -31.97
N LEU B 37 3.71 0.35 -31.41
CA LEU B 37 3.92 0.49 -29.97
C LEU B 37 4.63 1.81 -29.69
N THR B 38 3.97 2.69 -28.93
CA THR B 38 4.60 3.95 -28.55
C THR B 38 5.20 3.91 -27.16
N ASN B 39 4.69 3.07 -26.26
CA ASN B 39 5.22 2.99 -24.92
C ASN B 39 4.74 1.68 -24.29
N LEU B 40 5.68 0.83 -23.87
CA LEU B 40 5.37 -0.32 -23.03
C LEU B 40 5.33 0.19 -21.61
N LEU B 41 4.14 0.60 -21.17
CA LEU B 41 4.01 1.33 -19.91
C LEU B 41 4.45 0.51 -18.71
N ILE B 42 3.74 -0.59 -18.41
CA ILE B 42 4.01 -1.36 -17.20
C ILE B 42 3.81 -2.84 -17.50
N LEU B 43 4.54 -3.67 -16.77
CA LEU B 43 4.30 -5.12 -16.72
C LEU B 43 4.16 -5.48 -15.24
N ASN B 44 2.92 -5.50 -14.77
CA ASN B 44 2.62 -5.81 -13.37
C ASN B 44 2.61 -7.32 -13.19
N GLU B 45 3.64 -7.86 -12.53
CA GLU B 45 3.70 -9.29 -12.25
C GLU B 45 2.78 -9.71 -11.13
N LYS B 46 2.38 -8.77 -10.26
CA LYS B 46 1.47 -9.12 -9.17
C LYS B 46 0.11 -9.54 -9.70
N ILE B 47 -0.42 -8.82 -10.68
CA ILE B 47 -1.70 -9.14 -11.30
C ILE B 47 -1.53 -9.75 -12.68
N GLU B 48 -0.29 -9.95 -13.14
CA GLU B 48 0.00 -10.57 -14.43
C GLU B 48 -0.69 -9.81 -15.57
N GLU B 49 -0.31 -8.54 -15.73
CA GLU B 49 -0.97 -7.69 -16.71
C GLU B 49 0.04 -6.74 -17.33
N MET B 50 0.04 -6.65 -18.66
CA MET B 50 0.90 -5.73 -19.40
C MET B 50 0.05 -4.59 -19.93
N THR B 51 0.39 -3.37 -19.55
CA THR B 51 -0.27 -2.17 -20.05
C THR B 51 0.67 -1.42 -20.98
N THR B 52 0.18 -1.14 -22.18
CA THR B 52 0.95 -0.54 -23.26
C THR B 52 0.13 0.54 -23.94
N ASN B 53 0.84 1.44 -24.62
CA ASN B 53 0.23 2.49 -25.43
C ASN B 53 0.45 2.14 -26.90
N VAL B 54 -0.63 1.96 -27.66
CA VAL B 54 -0.53 1.43 -29.01
C VAL B 54 -1.41 2.21 -29.97
N PHE B 55 -1.07 2.09 -31.24
CA PHE B 55 -1.90 2.50 -32.37
C PHE B 55 -2.29 1.25 -33.15
N LEU B 56 -3.58 1.11 -33.42
CA LEU B 56 -4.11 -0.03 -34.19
C LEU B 56 -4.24 0.42 -35.64
N ASN B 57 -3.32 -0.02 -36.49
CA ASN B 57 -3.34 0.31 -37.91
C ASN B 57 -4.31 -0.64 -38.59
N LEU B 58 -5.52 -0.16 -38.86
CA LEU B 58 -6.56 -0.96 -39.49
C LEU B 58 -6.82 -0.43 -40.89
N ALA B 59 -6.92 -1.35 -41.85
CA ALA B 59 -7.23 -0.97 -43.22
C ALA B 59 -8.26 -1.94 -43.80
N TRP B 60 -9.23 -1.39 -44.51
CA TRP B 60 -10.19 -2.23 -45.23
C TRP B 60 -10.72 -1.45 -46.43
N THR B 61 -11.69 -2.00 -47.12
CA THR B 61 -12.27 -1.37 -48.30
C THR B 61 -13.78 -1.34 -48.15
N ASP B 62 -14.37 -0.16 -48.35
CA ASP B 62 -15.81 0.02 -48.30
C ASP B 62 -16.25 0.53 -49.67
N TYR B 63 -16.87 -0.34 -50.46
CA TYR B 63 -17.25 0.03 -51.82
C TYR B 63 -18.29 1.14 -51.85
N ARG B 64 -19.04 1.33 -50.76
CA ARG B 64 -20.03 2.40 -50.72
C ARG B 64 -19.40 3.78 -50.67
N LEU B 65 -18.16 3.88 -50.19
CA LEU B 65 -17.47 5.17 -50.07
C LEU B 65 -16.53 5.40 -51.25
N GLN B 66 -17.10 5.49 -52.45
CA GLN B 66 -16.35 5.76 -53.66
C GLN B 66 -16.90 7.01 -54.34
N TRP B 67 -16.01 7.78 -54.97
CA TRP B 67 -16.42 8.96 -55.70
C TRP B 67 -15.36 9.30 -56.73
N ASP B 68 -15.76 10.10 -57.71
CA ASP B 68 -14.83 10.58 -58.73
C ASP B 68 -14.27 11.92 -58.27
N PRO B 69 -12.97 12.02 -57.97
CA PRO B 69 -12.42 13.31 -57.53
C PRO B 69 -12.54 14.42 -58.56
N ALA B 70 -12.57 14.08 -59.85
CA ALA B 70 -12.67 15.11 -60.87
C ALA B 70 -14.00 15.86 -60.78
N ALA B 71 -15.02 15.24 -60.22
CA ALA B 71 -16.33 15.87 -60.08
C ALA B 71 -16.51 16.58 -58.75
N TYR B 72 -15.49 16.57 -57.88
CA TYR B 72 -15.57 17.19 -56.56
C TYR B 72 -14.33 18.02 -56.28
N GLU B 73 -13.92 18.83 -57.25
CA GLU B 73 -12.80 19.75 -57.10
C GLU B 73 -11.51 19.03 -56.70
N GLY B 74 -11.32 17.83 -57.24
CA GLY B 74 -10.09 17.10 -57.01
C GLY B 74 -9.88 16.60 -55.60
N ILE B 75 -10.96 16.34 -54.86
CA ILE B 75 -10.85 15.79 -53.52
C ILE B 75 -10.52 14.31 -53.64
N LYS B 76 -9.29 13.94 -53.27
CA LYS B 76 -8.83 12.56 -53.38
C LYS B 76 -9.11 11.73 -52.13
N ASP B 77 -9.22 12.37 -50.97
CA ASP B 77 -9.48 11.64 -49.74
C ASP B 77 -10.19 12.56 -48.76
N LEU B 78 -10.81 11.95 -47.77
CA LEU B 78 -11.54 12.65 -46.72
C LEU B 78 -11.18 12.08 -45.37
N ARG B 79 -11.36 12.89 -44.34
CA ARG B 79 -11.25 12.42 -42.96
C ARG B 79 -12.61 12.57 -42.30
N ILE B 80 -13.13 11.45 -41.81
CA ILE B 80 -14.52 11.36 -41.40
C ILE B 80 -14.57 10.87 -39.95
N PRO B 81 -15.53 11.31 -39.14
CA PRO B 81 -15.67 10.72 -37.81
C PRO B 81 -15.86 9.22 -37.90
N SER B 82 -15.19 8.49 -36.99
CA SER B 82 -15.16 7.04 -37.09
C SER B 82 -16.54 6.42 -36.88
N SER B 83 -17.42 7.10 -36.14
CA SER B 83 -18.75 6.57 -35.90
C SER B 83 -19.68 6.73 -37.10
N ASP B 84 -19.28 7.52 -38.10
CA ASP B 84 -20.10 7.70 -39.30
C ASP B 84 -19.97 6.57 -40.31
N VAL B 85 -18.97 5.70 -40.17
CA VAL B 85 -18.71 4.66 -41.14
C VAL B 85 -18.72 3.31 -40.45
N TRP B 86 -18.97 2.27 -41.22
CA TRP B 86 -18.86 0.91 -40.71
C TRP B 86 -17.40 0.61 -40.39
N GLN B 87 -17.19 -0.08 -39.27
CA GLN B 87 -15.85 -0.51 -38.90
C GLN B 87 -15.90 -1.91 -38.35
N PRO B 88 -14.84 -2.70 -38.56
CA PRO B 88 -14.78 -4.03 -37.95
C PRO B 88 -14.49 -3.91 -36.46
N ASP B 89 -15.15 -4.76 -35.67
CA ASP B 89 -15.02 -4.70 -34.22
C ASP B 89 -13.70 -5.35 -33.79
N ILE B 90 -12.61 -4.82 -34.34
CA ILE B 90 -11.27 -5.32 -34.01
C ILE B 90 -10.97 -4.94 -32.58
N VAL B 91 -10.98 -5.94 -31.69
CA VAL B 91 -10.78 -5.74 -30.27
C VAL B 91 -9.66 -6.65 -29.81
N LEU B 92 -9.12 -6.31 -28.64
CA LEU B 92 -8.10 -7.10 -27.95
C LEU B 92 -8.81 -8.10 -27.07
N MET B 93 -8.81 -9.36 -27.47
CA MET B 93 -9.45 -10.42 -26.69
C MET B 93 -8.63 -10.85 -25.49
N ASN B 94 -7.38 -10.40 -25.39
CA ASN B 94 -6.47 -10.79 -24.33
C ASN B 94 -6.51 -9.82 -23.16
N ASN B 95 -7.44 -8.87 -23.16
CA ASN B 95 -7.43 -7.82 -22.14
C ASN B 95 -7.67 -8.40 -20.75
N ASN B 96 -7.00 -7.82 -19.76
CA ASN B 96 -7.14 -8.25 -18.38
C ASN B 96 -8.31 -7.57 -17.68
N ASP B 97 -8.52 -6.29 -17.95
CA ASP B 97 -9.69 -5.57 -17.48
C ASP B 97 -10.84 -5.81 -18.45
N GLY B 98 -11.91 -5.03 -18.33
CA GLY B 98 -13.03 -5.18 -19.23
C GLY B 98 -12.95 -4.41 -20.52
N SER B 99 -11.84 -3.74 -20.80
CA SER B 99 -11.71 -2.86 -21.96
C SER B 99 -11.32 -3.68 -23.18
N PHE B 100 -12.27 -3.86 -24.10
CA PHE B 100 -12.00 -4.54 -25.36
C PHE B 100 -11.66 -3.56 -26.48
N GLU B 101 -12.26 -2.37 -26.47
CA GLU B 101 -12.20 -1.45 -27.59
C GLU B 101 -11.09 -0.41 -27.39
N ILE B 102 -10.81 0.32 -28.46
CA ILE B 102 -9.79 1.37 -28.45
C ILE B 102 -10.32 2.57 -27.69
N THR B 103 -9.43 3.52 -27.37
CA THR B 103 -9.77 4.65 -26.53
C THR B 103 -10.01 5.94 -27.30
N LEU B 104 -9.11 6.31 -28.21
CA LEU B 104 -9.12 7.66 -28.76
C LEU B 104 -10.25 7.89 -29.76
N HIS B 105 -10.49 6.93 -30.66
CA HIS B 105 -11.50 7.05 -31.71
C HIS B 105 -11.19 8.22 -32.65
N VAL B 106 -10.04 8.12 -33.31
CA VAL B 106 -9.60 9.14 -34.26
C VAL B 106 -10.45 9.07 -35.53
N ASN B 107 -10.37 10.09 -36.37
CA ASN B 107 -11.06 10.07 -37.65
C ASN B 107 -10.50 8.99 -38.56
N VAL B 108 -11.36 8.44 -39.38
CA VAL B 108 -10.95 7.49 -40.42
C VAL B 108 -10.57 8.27 -41.66
N LEU B 109 -9.61 7.73 -42.40
CA LEU B 109 -9.20 8.28 -43.69
C LEU B 109 -9.82 7.43 -44.79
N VAL B 110 -10.65 8.06 -45.63
CA VAL B 110 -11.35 7.37 -46.70
C VAL B 110 -10.88 7.93 -48.03
N GLN B 111 -10.32 7.08 -48.88
CA GLN B 111 -9.87 7.51 -50.19
C GLN B 111 -10.98 7.33 -51.21
N HIS B 112 -10.81 8.00 -52.36
CA HIS B 112 -11.86 7.99 -53.37
C HIS B 112 -12.09 6.60 -53.96
N THR B 113 -11.13 5.70 -53.80
CA THR B 113 -11.29 4.32 -54.27
C THR B 113 -12.07 3.46 -53.29
N GLY B 114 -12.37 3.97 -52.09
CA GLY B 114 -13.06 3.21 -51.08
C GLY B 114 -12.17 2.62 -50.01
N ALA B 115 -10.87 2.89 -50.05
CA ALA B 115 -9.94 2.34 -49.07
C ALA B 115 -10.04 3.15 -47.79
N VAL B 116 -10.51 2.50 -46.72
CA VAL B 116 -10.68 3.14 -45.42
C VAL B 116 -9.51 2.74 -44.52
N SER B 117 -8.87 3.75 -43.94
CA SER B 117 -7.77 3.56 -43.01
C SER B 117 -8.13 4.18 -41.66
N TRP B 118 -7.78 3.50 -40.58
CA TRP B 118 -8.12 3.96 -39.25
C TRP B 118 -6.98 3.58 -38.30
N GLN B 119 -6.48 4.55 -37.56
CA GLN B 119 -5.36 4.34 -36.64
C GLN B 119 -5.70 4.87 -35.25
N PRO B 120 -6.65 4.24 -34.57
CA PRO B 120 -7.00 4.70 -33.22
C PRO B 120 -5.89 4.40 -32.22
N SER B 121 -5.81 5.24 -31.20
CA SER B 121 -4.85 5.05 -30.12
C SER B 121 -5.55 4.40 -28.94
N ALA B 122 -4.78 3.63 -28.17
CA ALA B 122 -5.36 2.91 -27.05
C ALA B 122 -4.33 2.69 -25.97
N ILE B 123 -4.81 2.68 -24.73
CA ILE B 123 -4.06 2.18 -23.58
C ILE B 123 -4.62 0.81 -23.27
N TYR B 124 -3.88 -0.23 -23.60
CA TYR B 124 -4.37 -1.60 -23.52
C TYR B 124 -3.72 -2.32 -22.34
N ARG B 125 -4.54 -2.99 -21.55
CA ARG B 125 -4.09 -3.79 -20.42
C ARG B 125 -4.44 -5.25 -20.74
N SER B 126 -3.47 -5.97 -21.29
CA SER B 126 -3.65 -7.35 -21.71
C SER B 126 -3.12 -8.31 -20.66
N SER B 127 -3.59 -9.55 -20.74
CA SER B 127 -3.22 -10.59 -19.79
C SER B 127 -1.95 -11.30 -20.25
N CYS B 128 -0.97 -11.37 -19.36
CA CYS B 128 0.29 -12.05 -19.65
C CYS B 128 0.60 -13.02 -18.53
N THR B 129 0.86 -14.27 -18.88
CA THR B 129 1.23 -15.28 -17.90
C THR B 129 2.72 -15.14 -17.59
N ILE B 130 3.04 -14.80 -16.34
CA ILE B 130 4.43 -14.58 -15.95
C ILE B 130 5.05 -15.93 -15.61
N LYS B 131 6.19 -16.22 -16.24
CA LYS B 131 6.98 -17.40 -15.90
C LYS B 131 7.86 -17.03 -14.72
N VAL B 132 7.37 -17.35 -13.51
CA VAL B 132 8.03 -16.88 -12.30
C VAL B 132 9.42 -17.46 -12.12
N MET B 133 9.72 -18.60 -12.74
CA MET B 133 11.06 -19.15 -12.66
C MET B 133 12.07 -18.16 -13.26
N TYR B 134 13.21 -18.02 -12.58
CA TYR B 134 14.29 -17.19 -13.15
C TYR B 134 14.08 -15.72 -12.75
N PHE B 135 12.91 -15.34 -12.27
CA PHE B 135 12.75 -13.95 -11.76
C PHE B 135 13.83 -13.70 -10.71
N PRO B 136 14.60 -12.60 -10.67
CA PRO B 136 14.50 -11.50 -11.63
C PRO B 136 15.50 -11.52 -12.78
N PHE B 137 15.73 -12.67 -13.39
CA PHE B 137 16.70 -12.84 -14.49
C PHE B 137 15.91 -13.50 -15.60
N ASP B 138 14.72 -12.97 -15.87
CA ASP B 138 13.80 -13.65 -16.79
C ASP B 138 13.38 -12.86 -18.00
N TRP B 139 13.03 -13.53 -19.09
CA TRP B 139 12.36 -12.91 -20.21
C TRP B 139 10.91 -13.37 -20.20
N GLN B 140 10.00 -12.43 -20.45
CA GLN B 140 8.59 -12.74 -20.55
C GLN B 140 8.15 -12.68 -22.01
N ASN B 141 7.03 -13.35 -22.27
CA ASN B 141 6.51 -13.54 -23.63
C ASN B 141 5.03 -13.19 -23.56
N CYS B 142 4.71 -11.92 -23.81
CA CYS B 142 3.35 -11.41 -23.64
C CYS B 142 2.70 -11.21 -25.01
N THR B 143 1.48 -11.69 -25.14
CA THR B 143 0.77 -11.66 -26.41
C THR B 143 -0.39 -10.68 -26.37
N MET B 144 -0.62 -10.01 -27.49
CA MET B 144 -1.79 -9.17 -27.70
C MET B 144 -2.58 -9.79 -28.85
N VAL B 145 -3.76 -10.30 -28.55
CA VAL B 145 -4.58 -11.03 -29.50
C VAL B 145 -5.68 -10.09 -29.99
N PHE B 146 -5.68 -9.79 -31.29
CA PHE B 146 -6.65 -8.88 -31.87
C PHE B 146 -7.49 -9.64 -32.88
N LYS B 147 -8.81 -9.45 -32.79
CA LYS B 147 -9.71 -10.02 -33.78
C LYS B 147 -11.05 -9.31 -33.69
N SER B 148 -11.87 -9.52 -34.71
CA SER B 148 -13.23 -8.98 -34.67
C SER B 148 -14.04 -9.76 -33.63
N TYR B 149 -14.69 -9.02 -32.73
CA TYR B 149 -15.47 -9.68 -31.69
C TYR B 149 -16.68 -10.38 -32.28
N THR B 150 -17.29 -9.79 -33.31
CA THR B 150 -18.53 -10.30 -33.87
C THR B 150 -18.31 -11.09 -35.16
N TYR B 151 -17.70 -10.47 -36.15
CA TYR B 151 -17.55 -11.10 -37.46
C TYR B 151 -16.53 -12.23 -37.38
N ASP B 152 -16.83 -13.34 -38.05
CA ASP B 152 -15.96 -14.51 -38.11
C ASP B 152 -15.36 -14.62 -39.50
N THR B 153 -14.64 -15.72 -39.74
CA THR B 153 -13.90 -15.89 -40.98
C THR B 153 -14.80 -15.93 -42.21
N SER B 154 -16.09 -16.22 -42.03
CA SER B 154 -17.00 -16.20 -43.15
C SER B 154 -17.37 -14.78 -43.57
N GLU B 155 -17.07 -13.79 -42.74
CA GLU B 155 -17.43 -12.41 -42.98
C GLU B 155 -16.25 -11.48 -43.18
N VAL B 156 -15.19 -11.65 -42.39
CA VAL B 156 -14.01 -10.81 -42.50
C VAL B 156 -12.78 -11.71 -42.60
N THR B 157 -11.80 -11.27 -43.40
CA THR B 157 -10.53 -11.96 -43.56
C THR B 157 -9.43 -11.10 -42.98
N LEU B 158 -8.78 -11.57 -41.92
CA LEU B 158 -7.73 -10.82 -41.28
C LEU B 158 -6.40 -11.02 -42.00
N GLN B 159 -5.68 -9.93 -42.20
CA GLN B 159 -4.39 -9.94 -42.88
C GLN B 159 -3.41 -9.08 -42.10
N HIS B 160 -2.14 -9.14 -42.49
CA HIS B 160 -1.12 -8.28 -41.92
C HIS B 160 -1.14 -6.92 -42.61
N ALA B 161 -0.78 -5.90 -41.84
CA ALA B 161 -0.72 -4.55 -42.39
C ALA B 161 0.41 -4.43 -43.40
N LEU B 162 0.21 -3.58 -44.41
CA LEU B 162 1.26 -3.30 -45.38
C LEU B 162 2.26 -2.31 -44.80
N ASP B 163 3.40 -2.18 -45.48
CA ASP B 163 4.46 -1.30 -45.05
C ASP B 163 4.10 0.16 -45.34
N ALA B 164 5.05 1.07 -45.07
CA ALA B 164 4.85 2.46 -45.45
C ALA B 164 4.57 2.59 -46.94
N LYS B 165 5.28 1.82 -47.75
CA LYS B 165 4.91 1.59 -49.13
C LYS B 165 4.08 0.31 -49.23
N GLY B 166 3.24 0.23 -50.25
CA GLY B 166 2.39 -0.94 -50.37
C GLY B 166 3.07 -2.15 -50.96
N GLU B 167 4.40 -2.14 -50.98
CA GLU B 167 5.16 -3.22 -51.62
C GLU B 167 5.00 -4.54 -50.87
N ARG B 168 5.08 -4.51 -49.55
CA ARG B 168 5.17 -5.75 -48.79
C ARG B 168 4.44 -5.62 -47.46
N GLU B 169 4.11 -6.77 -46.89
CA GLU B 169 3.45 -6.82 -45.59
C GLU B 169 4.47 -6.73 -44.46
N VAL B 170 4.02 -6.22 -43.33
CA VAL B 170 4.82 -6.15 -42.10
C VAL B 170 4.32 -7.24 -41.16
N LYS B 171 5.22 -8.13 -40.75
CA LYS B 171 4.90 -9.21 -39.83
C LYS B 171 5.52 -8.98 -38.46
N GLU B 172 5.50 -7.74 -38.00
CA GLU B 172 6.10 -7.40 -36.71
C GLU B 172 5.41 -6.16 -36.16
N ILE B 173 5.66 -5.90 -34.88
CA ILE B 173 5.17 -4.67 -34.26
C ILE B 173 6.02 -3.50 -34.74
N VAL B 174 5.37 -2.46 -35.22
CA VAL B 174 6.07 -1.28 -35.70
C VAL B 174 6.42 -0.38 -34.52
N ILE B 175 7.66 0.12 -34.51
CA ILE B 175 8.09 1.08 -33.50
C ILE B 175 8.51 2.35 -34.20
N ASN B 176 7.90 3.47 -33.81
CA ASN B 176 8.22 4.77 -34.38
C ASN B 176 9.30 5.43 -33.52
N LYS B 177 10.48 5.63 -34.10
CA LYS B 177 11.60 6.17 -33.34
C LYS B 177 11.29 7.55 -32.78
N ASP B 178 10.52 8.36 -33.50
CA ASP B 178 10.18 9.69 -33.04
C ASP B 178 9.16 9.69 -31.90
N ALA B 179 8.48 8.57 -31.65
CA ALA B 179 7.41 8.55 -30.67
C ALA B 179 7.43 7.29 -29.82
N PHE B 180 8.60 6.73 -29.55
CA PHE B 180 8.73 5.53 -28.73
C PHE B 180 9.53 5.85 -27.48
N THR B 181 8.97 5.50 -26.33
CA THR B 181 9.64 5.66 -25.05
C THR B 181 10.16 4.30 -24.60
N GLU B 182 11.48 4.19 -24.47
CA GLU B 182 12.08 2.93 -24.06
C GLU B 182 11.76 2.65 -22.59
N ASN B 183 11.37 1.42 -22.30
CA ASN B 183 11.09 1.03 -20.92
C ASN B 183 12.39 0.79 -20.18
N GLY B 184 12.50 1.34 -18.96
CA GLY B 184 13.73 1.24 -18.22
C GLY B 184 13.98 -0.08 -17.54
N GLN B 185 12.99 -0.97 -17.52
CA GLN B 185 13.11 -2.26 -16.88
C GLN B 185 13.14 -3.42 -17.86
N TRP B 186 12.68 -3.23 -19.09
CA TRP B 186 12.58 -4.30 -20.07
C TRP B 186 13.21 -3.87 -21.38
N SER B 187 13.79 -4.84 -22.08
CA SER B 187 14.33 -4.64 -23.42
C SER B 187 13.62 -5.60 -24.37
N ILE B 188 13.12 -5.07 -25.48
CA ILE B 188 12.38 -5.87 -26.45
C ILE B 188 13.37 -6.62 -27.33
N GLU B 189 13.32 -7.96 -27.28
CA GLU B 189 14.18 -8.79 -28.11
C GLU B 189 13.51 -9.16 -29.43
N HIS B 190 12.25 -9.56 -29.39
CA HIS B 190 11.48 -9.91 -30.58
C HIS B 190 10.10 -9.33 -30.47
N LYS B 191 9.59 -8.80 -31.58
CA LYS B 191 8.21 -8.30 -31.66
C LYS B 191 7.54 -8.80 -32.93
N PRO B 192 7.37 -10.12 -33.07
CA PRO B 192 6.74 -10.66 -34.28
C PRO B 192 5.22 -10.56 -34.21
N SER B 193 4.60 -10.76 -35.37
CA SER B 193 3.15 -10.82 -35.50
C SER B 193 2.78 -12.02 -36.36
N ARG B 194 1.70 -12.71 -35.99
CA ARG B 194 1.32 -13.90 -36.73
C ARG B 194 -0.18 -14.11 -36.68
N LYS B 195 -0.73 -14.64 -37.77
CA LYS B 195 -2.14 -15.00 -37.84
C LYS B 195 -2.33 -16.40 -37.29
N ASN B 196 -3.35 -16.57 -36.45
CA ASN B 196 -3.59 -17.81 -35.73
C ASN B 196 -4.99 -18.34 -36.04
N TRP B 197 -5.07 -19.65 -36.23
CA TRP B 197 -6.33 -20.37 -36.39
C TRP B 197 -6.45 -21.44 -35.32
N ARG B 198 -7.66 -21.96 -35.14
CA ARG B 198 -7.92 -23.02 -34.18
C ARG B 198 -8.58 -24.19 -34.90
N SER B 199 -8.10 -25.40 -34.61
CA SER B 199 -8.76 -26.60 -35.09
C SER B 199 -10.06 -26.83 -34.32
N ASP B 200 -10.95 -27.62 -34.92
CA ASP B 200 -12.29 -27.94 -34.43
C ASP B 200 -13.26 -26.77 -34.57
N ASP B 201 -12.84 -25.64 -35.12
CA ASP B 201 -13.75 -24.53 -35.42
C ASP B 201 -13.15 -23.73 -36.56
N PRO B 202 -13.55 -24.01 -37.80
CA PRO B 202 -13.02 -23.23 -38.93
C PRO B 202 -13.71 -21.90 -39.10
N SER B 203 -13.91 -21.18 -37.99
CA SER B 203 -14.46 -19.84 -38.02
C SER B 203 -13.68 -18.90 -37.12
N TYR B 204 -12.58 -19.35 -36.53
CA TYR B 204 -11.74 -18.54 -35.68
C TYR B 204 -10.48 -18.14 -36.42
N GLU B 205 -10.10 -16.88 -36.26
CA GLU B 205 -8.84 -16.37 -36.82
C GLU B 205 -8.52 -15.09 -36.06
N ASP B 206 -7.27 -14.97 -35.62
CA ASP B 206 -6.84 -13.76 -34.93
C ASP B 206 -5.47 -13.34 -35.44
N VAL B 207 -5.09 -12.13 -35.11
CA VAL B 207 -3.74 -11.64 -35.34
C VAL B 207 -3.12 -11.40 -33.97
N THR B 208 -2.03 -12.09 -33.68
CA THR B 208 -1.38 -12.01 -32.38
C THR B 208 -0.05 -11.30 -32.54
N PHE B 209 0.16 -10.28 -31.74
CA PHE B 209 1.43 -9.57 -31.67
C PHE B 209 2.17 -10.03 -30.42
N TYR B 210 3.37 -10.55 -30.61
CA TYR B 210 4.14 -11.13 -29.52
C TYR B 210 5.22 -10.15 -29.10
N LEU B 211 5.33 -9.91 -27.80
CA LEU B 211 6.39 -9.10 -27.23
C LEU B 211 7.23 -10.01 -26.34
N ILE B 212 8.42 -10.33 -26.81
CA ILE B 212 9.41 -11.04 -26.01
C ILE B 212 10.32 -9.98 -25.41
N ILE B 213 10.28 -9.85 -24.08
CA ILE B 213 10.97 -8.77 -23.40
C ILE B 213 11.83 -9.37 -22.30
N GLN B 214 13.12 -9.02 -22.30
CA GLN B 214 14.04 -9.48 -21.28
C GLN B 214 14.15 -8.42 -20.19
N ARG B 215 14.06 -8.86 -18.94
CA ARG B 215 14.14 -7.96 -17.81
C ARG B 215 15.59 -7.59 -17.55
N LYS B 216 15.82 -6.31 -17.32
CA LYS B 216 17.12 -5.85 -16.85
C LYS B 216 17.20 -6.06 -15.35
N PRO B 217 18.11 -6.91 -14.86
CA PRO B 217 18.03 -7.38 -13.47
C PRO B 217 18.51 -6.38 -12.43
N LEU B 218 18.98 -5.21 -12.82
CA LEU B 218 19.37 -4.21 -11.83
C LEU B 218 18.17 -3.76 -11.03
N PHE B 219 18.45 -3.13 -9.88
CA PHE B 219 17.50 -2.78 -8.83
C PHE B 219 17.06 -4.02 -8.06
N TYR B 220 17.38 -5.20 -8.58
CA TYR B 220 17.19 -6.42 -7.84
C TYR B 220 18.51 -6.98 -7.34
N ILE B 221 19.54 -6.97 -8.18
CA ILE B 221 20.89 -7.28 -7.72
C ILE B 221 21.26 -6.39 -6.54
N VAL B 222 21.32 -5.08 -6.78
CA VAL B 222 21.86 -4.16 -5.79
C VAL B 222 20.99 -4.05 -4.54
N TYR B 223 19.71 -4.43 -4.61
CA TYR B 223 18.83 -4.26 -3.46
C TYR B 223 18.45 -5.55 -2.76
N THR B 224 18.68 -6.71 -3.37
CA THR B 224 18.47 -7.98 -2.67
C THR B 224 19.72 -8.84 -2.64
N ILE B 225 20.38 -9.04 -3.79
CA ILE B 225 21.44 -10.03 -3.88
C ILE B 225 22.65 -9.59 -3.08
N ILE B 226 23.09 -8.34 -3.29
CA ILE B 226 24.28 -7.84 -2.60
C ILE B 226 24.10 -7.85 -1.08
N PRO B 227 23.02 -7.30 -0.51
CA PRO B 227 22.86 -7.40 0.95
C PRO B 227 22.82 -8.83 1.45
N CYS B 228 22.20 -9.74 0.68
CA CYS B 228 22.16 -11.13 1.10
C CYS B 228 23.54 -11.79 1.00
N ILE B 229 24.35 -11.37 0.02
CA ILE B 229 25.73 -11.85 -0.04
C ILE B 229 26.50 -11.38 1.19
N LEU B 230 26.30 -10.12 1.60
CA LEU B 230 26.95 -9.62 2.81
C LEU B 230 26.50 -10.40 4.04
N ILE B 231 25.21 -10.69 4.14
CA ILE B 231 24.70 -11.44 5.28
C ILE B 231 25.25 -12.86 5.29
N SER B 232 25.38 -13.48 4.12
CA SER B 232 25.99 -14.80 4.04
C SER B 232 27.45 -14.76 4.44
N ILE B 233 28.15 -13.68 4.10
CA ILE B 233 29.53 -13.50 4.56
C ILE B 233 29.58 -13.45 6.08
N LEU B 234 28.64 -12.72 6.70
CA LEU B 234 28.56 -12.69 8.16
C LEU B 234 28.28 -14.07 8.73
N ALA B 235 27.39 -14.83 8.08
CA ALA B 235 27.07 -16.17 8.54
C ALA B 235 28.30 -17.07 8.50
N ILE B 236 29.11 -16.95 7.45
CA ILE B 236 30.37 -17.68 7.40
C ILE B 236 31.30 -17.22 8.52
N LEU B 237 31.35 -15.90 8.76
CA LEU B 237 32.20 -15.35 9.80
C LEU B 237 31.80 -15.82 11.19
N VAL B 238 30.56 -16.25 11.37
CA VAL B 238 30.10 -16.71 12.69
C VAL B 238 31.04 -17.77 13.25
N PHE B 239 31.51 -18.68 12.41
CA PHE B 239 32.33 -19.80 12.87
C PHE B 239 33.78 -19.40 13.14
N TYR B 240 34.16 -18.16 12.83
CA TYR B 240 35.48 -17.66 13.20
C TYR B 240 35.48 -16.96 14.54
N LEU B 241 34.33 -16.53 15.03
CA LEU B 241 34.25 -15.89 16.34
C LEU B 241 34.59 -16.90 17.44
N PRO B 242 35.35 -16.49 18.45
CA PRO B 242 35.59 -17.38 19.58
C PRO B 242 34.32 -17.59 20.39
N PRO B 243 34.13 -18.78 20.96
CA PRO B 243 33.01 -18.95 21.90
C PRO B 243 33.15 -18.14 23.16
N ASP B 244 34.35 -17.71 23.52
CA ASP B 244 34.57 -16.98 24.76
C ASP B 244 33.95 -15.59 24.75
N ALA B 245 33.63 -15.06 23.58
CA ALA B 245 32.92 -13.80 23.45
C ALA B 245 31.45 -14.09 23.17
N GLY B 246 30.57 -13.52 23.98
CA GLY B 246 29.15 -13.77 23.82
C GLY B 246 28.57 -13.04 22.64
N GLU B 247 29.03 -13.38 21.43
CA GLU B 247 28.57 -12.74 20.21
C GLU B 247 28.21 -13.72 19.11
N LYS B 248 28.36 -15.03 19.33
CA LYS B 248 27.99 -16.00 18.30
C LYS B 248 26.50 -15.96 18.02
N MET B 249 25.69 -16.04 19.08
CA MET B 249 24.25 -16.05 18.91
C MET B 249 23.74 -14.74 18.32
N SER B 250 24.25 -13.61 18.81
CA SER B 250 23.82 -12.33 18.27
C SER B 250 24.07 -12.24 16.78
N LEU B 251 25.31 -12.54 16.36
CA LEU B 251 25.67 -12.43 14.95
C LEU B 251 24.85 -13.37 14.09
N SER B 252 24.80 -14.65 14.46
CA SER B 252 24.10 -15.62 13.62
C SER B 252 22.60 -15.34 13.56
N ILE B 253 21.97 -15.08 14.70
CA ILE B 253 20.53 -14.87 14.72
C ILE B 253 20.17 -13.55 14.04
N SER B 254 21.03 -12.52 14.14
CA SER B 254 20.75 -11.27 13.45
C SER B 254 20.88 -11.44 11.95
N ALA B 255 21.85 -12.25 11.50
CA ALA B 255 21.95 -12.56 10.08
C ALA B 255 20.68 -13.27 9.60
N LEU B 256 20.19 -14.24 10.38
CA LEU B 256 18.97 -14.95 10.01
C LEU B 256 17.78 -14.00 9.94
N LEU B 257 17.67 -13.09 10.92
CA LEU B 257 16.57 -12.13 10.91
C LEU B 257 16.66 -11.22 9.70
N ALA B 258 17.86 -10.79 9.33
CA ALA B 258 18.02 -9.93 8.17
C ALA B 258 17.59 -10.65 6.89
N VAL B 259 18.00 -11.91 6.74
CA VAL B 259 17.61 -12.66 5.55
C VAL B 259 16.09 -12.84 5.51
N THR B 260 15.49 -13.14 6.66
CA THR B 260 14.03 -13.31 6.70
C THR B 260 13.32 -12.01 6.35
N VAL B 261 13.84 -10.88 6.83
CA VAL B 261 13.25 -9.58 6.53
C VAL B 261 13.36 -9.29 5.04
N PHE B 262 14.51 -9.60 4.42
CA PHE B 262 14.65 -9.40 2.98
C PHE B 262 13.67 -10.28 2.21
N LEU B 263 13.48 -11.52 2.65
CA LEU B 263 12.50 -12.39 2.00
C LEU B 263 11.09 -11.82 2.11
N LEU B 264 10.73 -11.35 3.30
CA LEU B 264 9.39 -10.79 3.49
C LEU B 264 9.18 -9.55 2.64
N LEU B 265 10.18 -8.67 2.57
CA LEU B 265 10.03 -7.46 1.76
C LEU B 265 10.12 -7.76 0.27
N LEU B 266 10.68 -8.90 -0.11
CA LEU B 266 10.60 -9.34 -1.50
C LEU B 266 9.30 -10.05 -1.83
N ALA B 267 8.55 -10.46 -0.80
CA ALA B 267 7.30 -11.18 -1.04
C ALA B 267 6.25 -10.32 -1.75
N ASP B 268 6.39 -9.00 -1.73
CA ASP B 268 5.45 -8.12 -2.40
C ASP B 268 5.88 -7.76 -3.81
N LYS B 269 6.99 -8.31 -4.30
CA LYS B 269 7.45 -8.05 -5.66
C LYS B 269 7.27 -9.23 -6.60
N VAL B 270 7.37 -10.45 -6.09
CA VAL B 270 7.22 -11.66 -6.90
C VAL B 270 5.74 -11.96 -7.06
N PRO B 271 5.33 -12.62 -8.15
CA PRO B 271 3.93 -13.01 -8.30
C PRO B 271 3.53 -14.09 -7.30
N GLU B 272 2.23 -14.17 -7.04
CA GLU B 272 1.70 -15.17 -6.13
C GLU B 272 1.42 -16.50 -6.81
N THR B 273 1.77 -16.65 -8.08
CA THR B 273 1.56 -17.90 -8.79
C THR B 273 2.38 -19.02 -8.15
N SER B 274 1.76 -20.19 -8.00
CA SER B 274 2.38 -21.32 -7.32
C SER B 274 2.81 -22.42 -8.29
N LEU B 275 3.07 -22.07 -9.55
CA LEU B 275 3.51 -23.07 -10.51
C LEU B 275 4.96 -23.47 -10.27
N SER B 276 5.81 -22.52 -9.90
CA SER B 276 7.20 -22.80 -9.56
C SER B 276 7.69 -21.70 -8.62
N VAL B 277 8.92 -21.85 -8.16
CA VAL B 277 9.54 -20.93 -7.22
C VAL B 277 10.56 -20.08 -7.98
N PRO B 278 10.49 -18.76 -7.92
CA PRO B 278 11.49 -17.93 -8.59
C PRO B 278 12.89 -18.17 -8.03
N ILE B 279 13.89 -17.95 -8.88
CA ILE B 279 15.26 -18.30 -8.51
C ILE B 279 15.78 -17.42 -7.38
N ILE B 280 15.32 -16.17 -7.31
CA ILE B 280 15.76 -15.31 -6.21
C ILE B 280 15.17 -15.80 -4.89
N ILE B 281 13.93 -16.29 -4.92
CA ILE B 281 13.34 -16.86 -3.71
C ILE B 281 14.05 -18.15 -3.32
N ARG B 282 14.46 -18.94 -4.31
CA ARG B 282 15.22 -20.15 -4.00
C ARG B 282 16.57 -19.81 -3.38
N TYR B 283 17.25 -18.79 -3.91
CA TYR B 283 18.52 -18.35 -3.32
C TYR B 283 18.31 -17.83 -1.91
N LEU B 284 17.24 -17.07 -1.68
CA LEU B 284 16.94 -16.58 -0.34
C LEU B 284 16.67 -17.72 0.62
N MET B 285 15.92 -18.72 0.17
CA MET B 285 15.63 -19.87 1.03
C MET B 285 16.88 -20.69 1.32
N PHE B 286 17.76 -20.83 0.33
CA PHE B 286 19.02 -21.51 0.55
C PHE B 286 19.86 -20.77 1.58
N ILE B 287 19.91 -19.44 1.49
CA ILE B 287 20.65 -18.66 2.48
C ILE B 287 20.00 -18.77 3.85
N MET B 288 18.67 -18.77 3.90
CA MET B 288 17.97 -18.90 5.18
C MET B 288 18.29 -20.22 5.85
N ILE B 289 18.23 -21.32 5.09
CA ILE B 289 18.53 -22.62 5.67
C ILE B 289 20.00 -22.71 6.07
N LEU B 290 20.89 -22.12 5.27
CA LEU B 290 22.31 -22.13 5.62
C LEU B 290 22.56 -21.38 6.92
N VAL B 291 21.93 -20.21 7.10
CA VAL B 291 22.12 -19.46 8.33
C VAL B 291 21.47 -20.17 9.51
N ALA B 292 20.33 -20.84 9.28
CA ALA B 292 19.71 -21.61 10.36
C ALA B 292 20.63 -22.75 10.82
N PHE B 293 21.25 -23.46 9.87
CA PHE B 293 22.21 -24.49 10.25
C PHE B 293 23.44 -23.88 10.89
N SER B 294 23.83 -22.67 10.49
CA SER B 294 24.91 -21.97 11.17
C SER B 294 24.56 -21.71 12.62
N VAL B 295 23.32 -21.29 12.89
CA VAL B 295 22.88 -21.09 14.26
C VAL B 295 22.92 -22.40 15.03
N ILE B 296 22.44 -23.47 14.42
CA ILE B 296 22.41 -24.77 15.09
C ILE B 296 23.83 -25.22 15.43
N LEU B 297 24.75 -25.11 14.48
CA LEU B 297 26.13 -25.55 14.72
C LEU B 297 26.86 -24.62 15.68
N SER B 298 26.52 -23.34 15.71
CA SER B 298 27.09 -22.45 16.72
C SER B 298 26.59 -22.82 18.11
N VAL B 299 25.33 -23.21 18.21
CA VAL B 299 24.82 -23.72 19.49
C VAL B 299 25.57 -24.97 19.90
N VAL B 300 25.81 -25.88 18.96
CA VAL B 300 26.56 -27.10 19.27
C VAL B 300 27.98 -26.76 19.72
N VAL B 301 28.63 -25.81 19.04
CA VAL B 301 29.98 -25.43 19.40
C VAL B 301 30.04 -24.80 20.78
N LEU B 302 29.07 -23.93 21.09
CA LEU B 302 29.01 -23.34 22.42
C LEU B 302 28.75 -24.40 23.48
N ASN B 303 27.93 -25.40 23.16
CA ASN B 303 27.71 -26.50 24.09
C ASN B 303 28.98 -27.28 24.33
N LEU B 304 29.75 -27.55 23.28
CA LEU B 304 31.00 -28.29 23.44
C LEU B 304 32.04 -27.47 24.22
N HIS B 305 32.06 -26.15 24.01
CA HIS B 305 33.07 -25.31 24.63
C HIS B 305 32.93 -25.30 26.15
N HIS B 306 31.70 -25.26 26.65
CA HIS B 306 31.45 -25.14 28.08
C HIS B 306 31.35 -26.48 28.80
N ARG B 307 31.55 -27.59 28.09
CA ARG B 307 31.54 -28.90 28.73
C ARG B 307 32.74 -29.04 29.66
N SER B 308 32.56 -29.83 30.72
CA SER B 308 33.57 -30.00 31.74
C SER B 308 33.63 -31.47 32.14
N PRO B 309 34.80 -31.95 32.59
CA PRO B 309 34.84 -33.29 33.19
C PRO B 309 33.92 -33.44 34.39
N ASN B 310 33.67 -32.34 35.11
CA ASN B 310 32.67 -32.31 36.17
C ASN B 310 31.24 -32.43 35.62
N THR B 311 31.04 -32.22 34.33
CA THR B 311 29.72 -32.31 33.71
C THR B 311 29.62 -33.41 32.68
N HIS B 312 30.64 -33.61 31.85
CA HIS B 312 30.60 -34.60 30.79
C HIS B 312 31.91 -35.40 30.79
N THR B 313 31.84 -36.61 30.25
CA THR B 313 33.01 -37.45 30.04
C THR B 313 33.24 -37.59 28.54
N MET B 314 34.44 -37.27 28.09
CA MET B 314 34.73 -37.26 26.66
C MET B 314 34.68 -38.67 26.10
N PRO B 315 33.84 -38.93 25.09
CA PRO B 315 33.86 -40.25 24.45
C PRO B 315 35.20 -40.51 23.79
N ASN B 316 35.59 -41.79 23.75
CA ASN B 316 36.85 -42.15 23.10
C ASN B 316 36.80 -41.82 21.62
N TRP B 317 35.67 -42.11 20.96
CA TRP B 317 35.59 -41.90 19.52
C TRP B 317 35.67 -40.42 19.17
N ILE B 318 35.02 -39.56 19.95
CA ILE B 318 35.05 -38.12 19.67
C ILE B 318 36.46 -37.58 19.79
N ARG B 319 37.14 -37.90 20.90
CA ARG B 319 38.51 -37.44 21.09
C ARG B 319 39.39 -37.96 19.96
N GLN B 320 39.29 -39.25 19.66
CA GLN B 320 40.08 -39.84 18.58
C GLN B 320 39.85 -39.06 17.30
N ILE B 321 38.63 -39.09 16.77
CA ILE B 321 38.37 -38.50 15.45
C ILE B 321 38.84 -37.05 15.42
N PHE B 322 38.26 -36.21 16.29
CA PHE B 322 38.59 -34.80 16.20
C PHE B 322 40.07 -34.56 16.45
N ILE B 323 40.54 -34.81 17.68
CA ILE B 323 41.86 -34.35 18.09
C ILE B 323 42.95 -34.97 17.22
N GLU B 324 42.80 -36.24 16.83
CA GLU B 324 43.84 -36.86 16.03
C GLU B 324 43.73 -36.45 14.56
N THR B 325 42.59 -36.74 13.91
CA THR B 325 42.55 -36.64 12.46
C THR B 325 42.40 -35.19 11.99
N LEU B 326 41.47 -34.42 12.60
CA LEU B 326 41.08 -33.16 11.97
C LEU B 326 42.20 -32.13 11.92
N PRO B 327 42.93 -31.82 12.99
CA PRO B 327 43.89 -30.70 12.94
C PRO B 327 44.96 -30.86 11.87
N PRO B 328 45.46 -32.08 11.61
CA PRO B 328 46.35 -32.22 10.44
C PRO B 328 45.71 -31.80 9.14
N PHE B 329 44.42 -32.12 8.95
CA PHE B 329 43.74 -31.79 7.72
C PHE B 329 43.36 -30.32 7.64
N LEU B 330 43.04 -29.69 8.78
CA LEU B 330 42.58 -28.30 8.81
C LEU B 330 43.63 -27.35 9.37
N TRP B 331 44.84 -27.83 9.64
CA TRP B 331 45.97 -27.02 10.12
C TRP B 331 45.61 -26.30 11.43
N ILE B 332 45.33 -27.11 12.44
CA ILE B 332 44.96 -26.57 13.76
C ILE B 332 45.83 -27.15 14.86
N GLN B 333 47.05 -27.57 14.51
CA GLN B 333 47.94 -28.13 15.52
C GLN B 333 48.20 -27.12 16.64
N ARG B 334 48.21 -27.62 17.87
CA ARG B 334 48.35 -26.77 19.06
C ARG B 334 49.75 -26.19 19.20
N VAL B 405 51.69 -27.40 59.50
CA VAL B 405 52.47 -27.79 58.33
C VAL B 405 51.62 -28.61 57.38
N GLU B 406 50.52 -29.17 57.90
CA GLU B 406 49.61 -29.94 57.05
C GLU B 406 48.83 -29.03 56.13
N ALA B 407 48.64 -27.76 56.50
CA ALA B 407 47.91 -26.83 55.66
C ALA B 407 48.61 -26.63 54.32
N ILE B 408 49.94 -26.54 54.34
CA ILE B 408 50.70 -26.35 53.11
C ILE B 408 50.55 -27.56 52.20
N LYS B 409 50.48 -28.76 52.79
CA LYS B 409 50.29 -29.97 51.98
C LYS B 409 48.93 -29.95 51.28
N TYR B 410 47.88 -29.54 51.98
CA TYR B 410 46.55 -29.55 51.38
C TYR B 410 46.44 -28.54 50.25
N ILE B 411 46.98 -27.32 50.44
CA ILE B 411 46.84 -26.29 49.42
C ILE B 411 47.64 -26.65 48.18
N ALA B 412 48.71 -27.42 48.32
CA ALA B 412 49.47 -27.86 47.15
C ALA B 412 48.69 -28.87 46.33
N GLU B 413 48.03 -29.83 47.01
CA GLU B 413 47.21 -30.81 46.29
C GLU B 413 46.01 -30.15 45.64
N GLN B 414 45.43 -29.14 46.30
CA GLN B 414 44.27 -28.45 45.75
C GLN B 414 44.62 -27.77 44.43
N LEU B 415 45.79 -27.14 44.35
CA LEU B 415 46.25 -26.58 43.09
C LEU B 415 46.51 -27.68 42.06
N GLU B 416 47.08 -28.81 42.51
CA GLU B 416 47.33 -29.92 41.60
C GLU B 416 46.05 -30.50 41.04
N SER B 417 45.01 -30.63 41.88
CA SER B 417 43.74 -31.17 41.41
C SER B 417 43.12 -30.26 40.36
N ALA B 418 43.21 -28.95 40.53
CA ALA B 418 42.65 -28.02 39.55
C ALA B 418 43.36 -28.12 38.21
N SER B 419 44.69 -28.30 38.24
CA SER B 419 45.46 -28.31 37.00
C SER B 419 45.07 -29.47 36.09
N GLU B 420 44.93 -30.67 36.67
CA GLU B 420 44.49 -31.81 35.86
C GLU B 420 43.03 -31.65 35.45
N PHE B 421 42.22 -31.05 36.32
CA PHE B 421 40.84 -30.72 35.95
C PHE B 421 40.81 -29.68 34.84
N ASP B 422 41.69 -28.68 34.92
CA ASP B 422 41.75 -27.66 33.88
C ASP B 422 42.18 -28.26 32.54
N ASP B 423 43.07 -29.25 32.57
CA ASP B 423 43.53 -29.87 31.33
C ASP B 423 42.38 -30.52 30.57
N LEU B 424 41.50 -31.22 31.29
CA LEU B 424 40.35 -31.84 30.63
C LEU B 424 39.37 -30.78 30.14
N LYS B 425 39.27 -29.65 30.84
CA LYS B 425 38.45 -28.55 30.36
C LYS B 425 38.97 -28.01 29.03
N LYS B 426 40.29 -27.90 28.90
CA LYS B 426 40.88 -27.40 27.67
C LYS B 426 40.64 -28.36 26.50
N ASP B 427 40.57 -29.66 26.77
CA ASP B 427 40.32 -30.63 25.70
C ASP B 427 38.94 -30.43 25.09
N TRP B 428 37.93 -30.17 25.93
CA TRP B 428 36.61 -29.83 25.40
C TRP B 428 36.66 -28.53 24.61
N GLN B 429 37.41 -27.54 25.10
CA GLN B 429 37.56 -26.29 24.37
C GLN B 429 38.36 -26.49 23.08
N TYR B 430 39.28 -27.44 23.08
CA TYR B 430 40.01 -27.75 21.85
C TYR B 430 39.10 -28.38 20.81
N VAL B 431 38.24 -29.30 21.24
CA VAL B 431 37.30 -29.93 20.30
C VAL B 431 36.39 -28.89 19.68
N ALA B 432 35.88 -27.96 20.49
CA ALA B 432 35.02 -26.90 19.97
C ALA B 432 35.77 -26.04 18.96
N MET B 433 37.03 -25.71 19.25
CA MET B 433 37.83 -24.92 18.31
C MET B 433 38.08 -25.70 17.02
N VAL B 434 38.33 -27.00 17.14
CA VAL B 434 38.56 -27.81 15.94
C VAL B 434 37.27 -27.97 15.15
N ALA B 435 36.16 -28.24 15.83
CA ALA B 435 34.88 -28.34 15.14
C ALA B 435 34.48 -27.00 14.51
N ASP B 436 34.81 -25.89 15.16
CA ASP B 436 34.47 -24.59 14.61
C ASP B 436 35.19 -24.36 13.28
N ARG B 437 36.47 -24.72 13.20
CA ARG B 437 37.22 -24.53 11.97
C ARG B 437 36.66 -25.39 10.85
N LEU B 438 36.27 -26.62 11.17
CA LEU B 438 35.71 -27.52 10.15
C LEU B 438 34.43 -26.93 9.56
N PHE B 439 33.56 -26.40 10.41
CA PHE B 439 32.33 -25.78 9.91
C PHE B 439 32.63 -24.50 9.16
N LEU B 440 33.72 -23.80 9.51
CA LEU B 440 34.10 -22.61 8.78
C LEU B 440 34.45 -22.92 7.32
N TYR B 441 35.19 -24.01 7.10
CA TYR B 441 35.55 -24.38 5.74
C TYR B 441 34.37 -25.01 5.00
N VAL B 442 33.56 -25.81 5.70
CA VAL B 442 32.43 -26.47 5.06
C VAL B 442 31.40 -25.43 4.61
N PHE B 443 31.06 -24.50 5.51
CA PHE B 443 30.06 -23.50 5.16
C PHE B 443 30.56 -22.58 4.05
N PHE B 444 31.84 -22.23 4.07
CA PHE B 444 32.38 -21.38 3.01
C PHE B 444 32.29 -22.07 1.66
N VAL B 445 32.60 -23.36 1.60
CA VAL B 445 32.52 -24.08 0.33
C VAL B 445 31.07 -24.19 -0.13
N ILE B 446 30.16 -24.55 0.77
CA ILE B 446 28.75 -24.68 0.40
C ILE B 446 28.17 -23.34 0.00
N CYS B 447 28.47 -22.29 0.76
CA CYS B 447 27.95 -20.96 0.43
C CYS B 447 28.50 -20.47 -0.90
N SER B 448 29.80 -20.67 -1.14
CA SER B 448 30.40 -20.18 -2.39
C SER B 448 29.90 -20.99 -3.58
N ILE B 449 29.93 -22.32 -3.49
CA ILE B 449 29.47 -23.15 -4.59
C ILE B 449 27.96 -22.98 -4.80
N GLY B 450 27.20 -22.98 -3.70
CA GLY B 450 25.76 -22.86 -3.81
C GLY B 450 25.32 -21.52 -4.40
N THR B 451 25.96 -20.44 -3.96
CA THR B 451 25.63 -19.13 -4.53
C THR B 451 26.04 -19.05 -6.00
N PHE B 452 27.25 -19.52 -6.32
CA PHE B 452 27.73 -19.49 -7.69
C PHE B 452 26.86 -20.33 -8.61
N SER B 453 26.43 -21.51 -8.13
CA SER B 453 25.59 -22.37 -8.94
C SER B 453 24.24 -21.74 -9.24
N ILE B 454 23.64 -21.09 -8.22
CA ILE B 454 22.33 -20.48 -8.41
C ILE B 454 22.40 -19.37 -9.45
N PHE B 455 23.46 -18.58 -9.44
CA PHE B 455 23.60 -17.48 -10.38
C PHE B 455 24.33 -17.88 -11.65
N LEU B 456 24.85 -19.10 -11.73
CA LEU B 456 25.42 -19.60 -12.98
C LEU B 456 24.33 -19.84 -14.02
N ASP B 457 23.27 -20.57 -13.64
CA ASP B 457 22.18 -20.83 -14.56
C ASP B 457 21.21 -19.68 -14.66
N ALA B 458 21.22 -18.76 -13.70
CA ALA B 458 20.42 -17.54 -13.83
C ALA B 458 20.95 -16.69 -14.98
N SER B 459 22.27 -16.63 -15.15
CA SER B 459 22.86 -15.88 -16.24
C SER B 459 22.69 -16.56 -17.59
N HIS B 460 22.37 -17.85 -17.61
CA HIS B 460 22.19 -18.59 -18.85
C HIS B 460 20.79 -18.51 -19.40
N ASN B 461 19.84 -17.92 -18.67
CA ASN B 461 18.46 -17.81 -19.14
C ASN B 461 18.34 -16.61 -20.06
N VAL B 462 18.29 -16.88 -21.36
CA VAL B 462 18.16 -15.82 -22.36
C VAL B 462 17.05 -16.22 -23.32
N PRO B 463 16.34 -15.27 -23.94
CA PRO B 463 15.29 -15.63 -24.88
C PRO B 463 15.87 -16.31 -26.10
N PRO B 464 15.12 -17.21 -26.73
CA PRO B 464 15.65 -17.92 -27.90
C PRO B 464 15.84 -16.98 -29.09
N ASP B 465 16.78 -17.36 -29.96
CA ASP B 465 17.03 -16.56 -31.16
C ASP B 465 15.82 -16.57 -32.08
N ASN B 466 15.15 -17.71 -32.20
CA ASN B 466 13.93 -17.80 -33.00
C ASN B 466 12.73 -17.50 -32.13
N PRO B 467 11.99 -16.43 -32.40
CA PRO B 467 10.80 -16.13 -31.57
C PRO B 467 9.72 -17.17 -31.68
N PHE B 468 9.72 -17.98 -32.73
CA PHE B 468 8.68 -18.95 -33.08
C PHE B 468 7.39 -18.28 -33.52
N ALA B 469 7.32 -16.95 -33.51
CA ALA B 469 6.14 -16.19 -33.91
C ALA B 469 4.88 -16.67 -33.19
N VAL C 1 -35.68 41.39 -27.02
CA VAL C 1 -35.14 40.14 -27.53
C VAL C 1 -33.63 40.23 -27.65
N ASN C 2 -32.93 39.14 -27.35
CA ASN C 2 -31.48 39.10 -27.46
C ASN C 2 -31.07 38.92 -28.92
N GLU C 3 -30.15 39.78 -29.37
CA GLU C 3 -29.62 39.68 -30.73
C GLU C 3 -28.67 38.51 -30.89
N GLU C 4 -28.10 37.99 -29.80
CA GLU C 4 -27.19 36.86 -29.89
C GLU C 4 -27.90 35.63 -30.44
N GLU C 5 -29.17 35.45 -30.06
CA GLU C 5 -29.92 34.31 -30.57
C GLU C 5 -30.08 34.40 -32.08
N ARG C 6 -30.43 35.57 -32.59
CA ARG C 6 -30.56 35.75 -34.04
C ARG C 6 -29.22 35.54 -34.73
N LEU C 7 -28.14 36.06 -34.16
CA LEU C 7 -26.83 35.90 -34.78
C LEU C 7 -26.42 34.44 -34.82
N ILE C 8 -26.63 33.70 -33.72
CA ILE C 8 -26.24 32.30 -33.68
C ILE C 8 -27.10 31.48 -34.63
N ASN C 9 -28.39 31.78 -34.70
CA ASN C 9 -29.26 31.06 -35.64
C ASN C 9 -28.84 31.32 -37.08
N ASP C 10 -28.46 32.56 -37.40
CA ASP C 10 -27.96 32.85 -38.74
C ASP C 10 -26.67 32.11 -39.03
N LEU C 11 -25.76 32.08 -38.06
CA LEU C 11 -24.44 31.49 -38.31
C LEU C 11 -24.52 29.97 -38.45
N LEU C 12 -25.24 29.31 -37.54
CA LEU C 12 -25.23 27.85 -37.48
C LEU C 12 -26.38 27.22 -38.26
N ILE C 13 -27.61 27.68 -38.05
CA ILE C 13 -28.77 27.03 -38.64
C ILE C 13 -29.04 27.55 -40.05
N VAL C 14 -29.09 28.87 -40.22
CA VAL C 14 -29.42 29.45 -41.53
C VAL C 14 -28.33 29.13 -42.54
N ASN C 15 -27.07 29.23 -42.14
CA ASN C 15 -25.95 28.98 -43.04
C ASN C 15 -25.60 27.51 -43.17
N LYS C 16 -26.29 26.63 -42.45
CA LYS C 16 -26.04 25.19 -42.49
C LYS C 16 -24.59 24.87 -42.16
N TYR C 17 -24.14 25.36 -41.00
CA TYR C 17 -22.79 25.09 -40.54
C TYR C 17 -22.59 23.60 -40.31
N ASN C 18 -21.48 23.08 -40.82
CA ASN C 18 -21.11 21.68 -40.64
C ASN C 18 -19.85 21.63 -39.79
N LYS C 19 -19.98 21.05 -38.59
CA LYS C 19 -18.86 20.98 -37.65
C LYS C 19 -17.87 19.88 -37.99
N HIS C 20 -18.17 19.03 -38.97
CA HIS C 20 -17.29 17.95 -39.38
C HIS C 20 -16.51 18.29 -40.65
N VAL C 21 -16.51 19.55 -41.06
CA VAL C 21 -15.79 20.01 -42.23
C VAL C 21 -14.80 21.09 -41.77
N ARG C 22 -13.57 20.99 -42.24
CA ARG C 22 -12.55 21.95 -41.86
C ARG C 22 -12.98 23.36 -42.26
N PRO C 23 -12.69 24.37 -41.44
CA PRO C 23 -13.07 25.74 -41.79
C PRO C 23 -12.22 26.30 -42.91
N VAL C 24 -12.38 25.75 -44.11
CA VAL C 24 -11.52 26.07 -45.24
C VAL C 24 -12.39 26.26 -46.47
N LYS C 25 -11.98 27.19 -47.34
CA LYS C 25 -12.75 27.46 -48.55
C LYS C 25 -12.48 26.43 -49.63
N HIS C 26 -11.24 25.96 -49.75
CA HIS C 26 -10.86 24.94 -50.72
C HIS C 26 -10.13 23.83 -49.99
N ASN C 27 -10.31 22.60 -50.47
CA ASN C 27 -9.79 21.43 -49.78
C ASN C 27 -8.26 21.39 -49.75
N ASN C 28 -7.59 22.11 -50.63
CA ASN C 28 -6.14 22.08 -50.70
C ASN C 28 -5.46 23.06 -49.75
N GLU C 29 -6.23 23.90 -49.06
CA GLU C 29 -5.65 24.84 -48.12
C GLU C 29 -5.53 24.20 -46.74
N VAL C 30 -4.80 24.88 -45.86
CA VAL C 30 -4.44 24.35 -44.55
C VAL C 30 -5.00 25.26 -43.47
N VAL C 31 -5.48 24.66 -42.38
CA VAL C 31 -5.98 25.42 -41.23
C VAL C 31 -4.87 25.52 -40.20
N ASN C 32 -4.48 26.75 -39.87
CA ASN C 32 -3.42 26.98 -38.90
C ASN C 32 -4.00 27.00 -37.49
N ILE C 33 -3.39 26.23 -36.59
CA ILE C 33 -3.82 26.14 -35.20
C ILE C 33 -2.68 26.64 -34.33
N ALA C 34 -2.89 27.78 -33.67
CA ALA C 34 -1.92 28.27 -32.71
C ALA C 34 -2.21 27.64 -31.35
N LEU C 35 -1.17 27.09 -30.73
CA LEU C 35 -1.30 26.32 -29.50
C LEU C 35 -0.45 26.93 -28.40
N SER C 36 -0.96 26.90 -27.19
CA SER C 36 -0.24 27.40 -26.02
C SER C 36 -0.65 26.60 -24.80
N LEU C 37 0.22 26.59 -23.80
CA LEU C 37 -0.01 25.86 -22.56
C LEU C 37 0.25 26.78 -21.38
N THR C 38 -0.68 26.82 -20.43
CA THR C 38 -0.51 27.55 -19.19
C THR C 38 -0.51 26.55 -18.04
N LEU C 39 0.54 26.58 -17.22
CA LEU C 39 0.66 25.66 -16.10
C LEU C 39 0.07 26.30 -14.86
N SER C 40 -1.13 25.87 -14.48
CA SER C 40 -1.76 26.39 -13.27
C SER C 40 -1.15 25.77 -12.01
N ASN C 41 -0.83 24.48 -12.05
CA ASN C 41 -0.35 23.78 -10.87
C ASN C 41 0.32 22.48 -11.30
N LEU C 42 1.55 22.26 -10.85
CA LEU C 42 2.24 21.00 -11.04
C LEU C 42 1.82 20.10 -9.88
N ILE C 43 0.81 19.26 -10.14
CA ILE C 43 0.17 18.53 -9.04
C ILE C 43 1.14 17.54 -8.41
N SER C 44 1.79 16.71 -9.23
CA SER C 44 2.69 15.72 -8.65
C SER C 44 3.63 15.18 -9.72
N LEU C 45 4.71 14.54 -9.25
CA LEU C 45 5.61 13.77 -10.10
C LEU C 45 5.92 12.48 -9.35
N LYS C 46 5.17 11.43 -9.66
CA LYS C 46 5.37 10.12 -9.03
C LYS C 46 6.55 9.43 -9.69
N GLU C 47 7.65 9.28 -8.95
CA GLU C 47 8.83 8.62 -9.50
C GLU C 47 8.61 7.12 -9.64
N THR C 48 7.89 6.51 -8.68
CA THR C 48 7.64 5.08 -8.75
C THR C 48 6.83 4.72 -9.99
N ASP C 49 5.80 5.49 -10.30
CA ASP C 49 5.02 5.29 -11.51
C ASP C 49 5.53 6.09 -12.70
N GLU C 50 6.53 6.96 -12.49
CA GLU C 50 7.09 7.79 -13.56
C GLU C 50 6.00 8.59 -14.27
N THR C 51 5.14 9.24 -13.49
CA THR C 51 3.99 9.96 -14.02
C THR C 51 4.01 11.40 -13.55
N LEU C 52 3.85 12.33 -14.47
CA LEU C 52 3.71 13.74 -14.15
C LEU C 52 2.24 14.13 -14.24
N THR C 53 1.66 14.56 -13.12
CA THR C 53 0.28 15.01 -13.06
C THR C 53 0.29 16.53 -12.95
N SER C 54 -0.33 17.20 -13.93
CA SER C 54 -0.28 18.65 -14.00
C SER C 54 -1.67 19.21 -14.31
N ASN C 55 -1.93 20.39 -13.76
CA ASN C 55 -3.13 21.15 -14.04
C ASN C 55 -2.76 22.25 -15.04
N VAL C 56 -3.38 22.24 -16.22
CA VAL C 56 -3.00 23.15 -17.29
C VAL C 56 -4.24 23.73 -17.94
N TRP C 57 -4.03 24.84 -18.64
CA TRP C 57 -5.01 25.44 -19.55
C TRP C 57 -4.44 25.35 -20.95
N MET C 58 -5.22 24.79 -21.88
CA MET C 58 -4.79 24.64 -23.26
C MET C 58 -5.41 25.76 -24.09
N ASP C 59 -4.59 26.55 -24.74
CA ASP C 59 -5.04 27.68 -25.53
C ASP C 59 -4.93 27.33 -27.01
N HIS C 60 -6.07 27.23 -27.68
CA HIS C 60 -6.14 27.01 -29.11
C HIS C 60 -6.68 28.27 -29.78
N ALA C 61 -6.11 28.61 -30.92
CA ALA C 61 -6.59 29.74 -31.70
C ALA C 61 -6.56 29.38 -33.18
N TRP C 62 -7.63 29.72 -33.89
CA TRP C 62 -7.67 29.50 -35.32
C TRP C 62 -8.70 30.44 -35.93
N TYR C 63 -8.97 30.28 -37.22
CA TYR C 63 -9.92 31.09 -37.94
C TYR C 63 -10.97 30.21 -38.58
N ASP C 64 -12.23 30.64 -38.49
CA ASP C 64 -13.35 29.95 -39.14
C ASP C 64 -14.10 31.01 -39.94
N HIS C 65 -13.93 30.98 -41.26
CA HIS C 65 -14.60 31.96 -42.12
C HIS C 65 -16.11 31.82 -42.10
N ARG C 66 -16.63 30.67 -41.67
CA ARG C 66 -18.07 30.49 -41.54
C ARG C 66 -18.63 31.23 -40.35
N LEU C 67 -17.82 31.45 -39.32
CA LEU C 67 -18.24 32.17 -38.13
C LEU C 67 -17.84 33.64 -38.22
N THR C 68 -18.30 34.29 -39.29
CA THR C 68 -18.00 35.68 -39.56
C THR C 68 -19.30 36.46 -39.74
N TRP C 69 -19.36 37.65 -39.16
CA TRP C 69 -20.54 38.48 -39.30
C TRP C 69 -20.16 39.95 -39.27
N ASN C 70 -21.02 40.78 -39.85
CA ASN C 70 -20.88 42.23 -39.81
C ASN C 70 -21.46 42.72 -38.49
N ALA C 71 -20.60 43.26 -37.63
CA ALA C 71 -21.02 43.55 -36.25
C ALA C 71 -22.14 44.58 -36.21
N SER C 72 -22.04 45.63 -37.03
CA SER C 72 -23.06 46.67 -37.03
C SER C 72 -24.41 46.17 -37.55
N GLU C 73 -24.44 45.04 -38.25
CA GLU C 73 -25.69 44.45 -38.69
C GLU C 73 -26.41 43.68 -37.59
N TYR C 74 -25.78 43.49 -36.44
CA TYR C 74 -26.37 42.75 -35.34
C TYR C 74 -26.25 43.54 -34.04
N SER C 75 -26.54 44.84 -34.11
CA SER C 75 -26.53 45.74 -32.95
C SER C 75 -25.18 45.72 -32.24
N ASP C 76 -24.10 45.68 -33.02
CA ASP C 76 -22.73 45.80 -32.52
C ASP C 76 -22.41 44.71 -31.49
N ILE C 77 -22.60 43.47 -31.88
CA ILE C 77 -22.15 42.32 -31.11
C ILE C 77 -20.70 42.05 -31.51
N SER C 78 -19.78 42.15 -30.55
CA SER C 78 -18.36 42.10 -30.84
C SER C 78 -17.70 40.80 -30.40
N ILE C 79 -18.43 39.90 -29.74
CA ILE C 79 -17.86 38.63 -29.31
C ILE C 79 -19.02 37.69 -29.00
N LEU C 80 -18.81 36.41 -29.30
CA LEU C 80 -19.82 35.39 -29.10
C LEU C 80 -19.17 34.19 -28.41
N ARG C 81 -19.98 33.43 -27.68
CA ARG C 81 -19.50 32.24 -26.99
C ARG C 81 -20.39 31.06 -27.36
N LEU C 82 -19.78 30.01 -27.87
CA LEU C 82 -20.48 28.85 -28.38
C LEU C 82 -19.90 27.57 -27.82
N PRO C 83 -20.74 26.56 -27.55
CA PRO C 83 -20.21 25.29 -27.09
C PRO C 83 -19.38 24.62 -28.16
N PRO C 84 -18.34 23.87 -27.77
CA PRO C 84 -17.52 23.17 -28.77
C PRO C 84 -18.28 22.14 -29.58
N GLU C 85 -19.35 21.56 -29.02
CA GLU C 85 -20.10 20.54 -29.74
C GLU C 85 -20.91 21.12 -30.91
N LEU C 86 -20.98 22.44 -31.03
CA LEU C 86 -21.69 23.06 -32.14
C LEU C 86 -20.77 23.51 -33.27
N VAL C 87 -19.49 23.74 -33.00
CA VAL C 87 -18.57 24.28 -33.99
C VAL C 87 -17.41 23.30 -34.17
N TRP C 88 -16.72 23.45 -35.29
CA TRP C 88 -15.54 22.64 -35.57
C TRP C 88 -14.40 23.07 -34.65
N ILE C 89 -13.77 22.10 -34.01
CA ILE C 89 -12.58 22.37 -33.19
C ILE C 89 -11.46 21.44 -33.65
N PRO C 90 -10.20 21.85 -33.51
CA PRO C 90 -9.10 20.92 -33.79
C PRO C 90 -8.88 20.00 -32.60
N ASP C 91 -8.81 18.70 -32.86
CA ASP C 91 -8.66 17.72 -31.79
C ASP C 91 -7.18 17.49 -31.55
N ILE C 92 -6.60 18.32 -30.68
CA ILE C 92 -5.22 18.18 -30.27
C ILE C 92 -5.18 17.33 -29.01
N VAL C 93 -4.42 16.25 -29.05
CA VAL C 93 -4.43 15.27 -27.98
C VAL C 93 -3.03 15.13 -27.39
N LEU C 94 -2.98 14.81 -26.11
CA LEU C 94 -1.72 14.51 -25.42
C LEU C 94 -1.35 13.06 -25.73
N GLN C 95 -0.38 12.87 -26.62
CA GLN C 95 -0.05 11.53 -27.08
C GLN C 95 0.61 10.71 -25.98
N ASN C 96 1.51 11.32 -25.21
CA ASN C 96 2.25 10.58 -24.19
C ASN C 96 1.54 10.62 -22.83
N ASN C 97 0.27 10.25 -22.81
CA ASN C 97 -0.48 10.19 -21.56
C ASN C 97 -0.39 8.78 -20.98
N ASN C 98 -0.19 8.71 -19.66
CA ASN C 98 -0.09 7.42 -18.99
C ASN C 98 -1.44 6.73 -18.93
N ASP C 99 -2.48 7.46 -18.53
CA ASP C 99 -3.83 6.93 -18.51
C ASP C 99 -4.48 7.09 -19.87
N GLY C 100 -5.74 6.69 -19.99
CA GLY C 100 -6.45 6.81 -21.25
C GLY C 100 -7.16 8.13 -21.41
N GLN C 101 -6.52 9.21 -20.97
CA GLN C 101 -7.10 10.55 -21.05
C GLN C 101 -6.28 11.35 -22.06
N TYR C 102 -6.84 11.51 -23.27
CA TYR C 102 -6.19 12.26 -24.33
C TYR C 102 -6.66 13.70 -24.44
N HIS C 103 -7.91 13.97 -24.09
CA HIS C 103 -8.52 15.28 -24.31
C HIS C 103 -8.46 16.12 -23.03
N VAL C 104 -8.95 17.35 -23.15
CA VAL C 104 -9.04 18.23 -21.99
C VAL C 104 -10.16 17.75 -21.07
N ALA C 105 -10.05 18.16 -19.81
CA ALA C 105 -10.99 17.68 -18.80
C ALA C 105 -12.38 18.29 -19.01
N TYR C 106 -12.44 19.60 -19.23
CA TYR C 106 -13.70 20.33 -19.32
C TYR C 106 -13.77 21.04 -20.67
N PHE C 107 -14.84 20.78 -21.41
CA PHE C 107 -15.04 21.40 -22.72
C PHE C 107 -15.81 22.70 -22.53
N CYS C 108 -15.06 23.74 -22.20
CA CYS C 108 -15.63 25.05 -21.93
C CYS C 108 -16.12 25.70 -23.23
N ASN C 109 -16.75 26.85 -23.09
CA ASN C 109 -17.19 27.59 -24.27
C ASN C 109 -16.01 28.07 -25.09
N VAL C 110 -16.28 28.31 -26.37
CA VAL C 110 -15.32 28.86 -27.31
C VAL C 110 -15.74 30.30 -27.59
N LEU C 111 -14.76 31.18 -27.79
CA LEU C 111 -15.01 32.60 -28.02
C LEU C 111 -14.69 32.92 -29.47
N VAL C 112 -15.66 33.47 -30.19
CA VAL C 112 -15.52 33.80 -31.60
C VAL C 112 -15.77 35.29 -31.78
N ARG C 113 -14.87 35.95 -32.49
CA ARG C 113 -14.97 37.36 -32.84
C ARG C 113 -15.56 37.52 -34.23
N PRO C 114 -16.08 38.71 -34.57
CA PRO C 114 -16.76 38.87 -35.87
C PRO C 114 -15.86 38.64 -37.07
N ASN C 115 -14.54 38.71 -36.90
CA ASN C 115 -13.63 38.43 -38.01
C ASN C 115 -13.35 36.94 -38.18
N GLY C 116 -14.06 36.08 -37.46
CA GLY C 116 -13.86 34.65 -37.56
C GLY C 116 -12.82 34.09 -36.64
N TYR C 117 -12.14 34.91 -35.86
CA TYR C 117 -11.10 34.42 -34.95
C TYR C 117 -11.73 33.67 -33.79
N VAL C 118 -11.31 32.43 -33.60
CA VAL C 118 -11.87 31.53 -32.60
C VAL C 118 -10.77 31.18 -31.62
N THR C 119 -11.05 31.35 -30.32
CA THR C 119 -10.14 30.99 -29.25
C THR C 119 -10.84 30.05 -28.28
N TRP C 120 -10.11 29.02 -27.86
CA TRP C 120 -10.61 28.01 -26.93
C TRP C 120 -9.59 27.85 -25.82
N LEU C 121 -10.03 27.92 -24.58
CA LEU C 121 -9.14 27.80 -23.42
C LEU C 121 -9.71 26.84 -22.40
N PRO C 122 -9.73 25.54 -22.71
CA PRO C 122 -10.23 24.57 -21.74
C PRO C 122 -9.18 24.19 -20.72
N PRO C 123 -9.58 23.87 -19.50
CA PRO C 123 -8.65 23.31 -18.52
C PRO C 123 -8.52 21.82 -18.70
N ALA C 124 -7.44 21.28 -18.14
CA ALA C 124 -7.16 19.86 -18.22
C ALA C 124 -6.28 19.44 -17.05
N ILE C 125 -6.44 18.19 -16.63
CA ILE C 125 -5.53 17.55 -15.71
C ILE C 125 -4.89 16.40 -16.47
N PHE C 126 -3.60 16.52 -16.74
CA PHE C 126 -2.89 15.59 -17.61
C PHE C 126 -1.92 14.76 -16.78
N ARG C 127 -1.97 13.45 -16.98
CA ARG C 127 -1.02 12.51 -16.40
C ARG C 127 -0.19 11.95 -17.56
N SER C 128 1.04 12.43 -17.68
CA SER C 128 1.90 12.08 -18.79
C SER C 128 3.07 11.23 -18.32
N SER C 129 3.66 10.50 -19.26
CA SER C 129 4.80 9.63 -18.96
C SER C 129 6.07 10.46 -18.90
N CYS C 130 6.74 10.44 -17.76
CA CYS C 130 8.01 11.13 -17.58
C CYS C 130 9.04 10.14 -17.04
N PRO C 131 9.90 9.59 -17.89
CA PRO C 131 10.96 8.70 -17.39
C PRO C 131 11.86 9.45 -16.41
N ILE C 132 12.22 8.76 -15.34
CA ILE C 132 12.94 9.36 -14.21
C ILE C 132 14.40 8.99 -14.29
N ASN C 133 15.26 10.00 -14.25
CA ASN C 133 16.71 9.80 -14.15
C ASN C 133 17.07 9.80 -12.67
N VAL C 134 17.33 8.62 -12.12
CA VAL C 134 17.49 8.45 -10.67
C VAL C 134 18.96 8.55 -10.28
N LEU C 135 19.81 8.98 -11.22
CA LEU C 135 21.25 8.90 -11.01
C LEU C 135 21.70 9.73 -9.81
N TYR C 136 21.15 10.95 -9.66
CA TYR C 136 21.60 11.87 -8.62
C TYR C 136 20.56 12.06 -7.51
N PHE C 137 19.63 11.13 -7.37
CA PHE C 137 18.63 11.26 -6.33
C PHE C 137 19.29 11.29 -4.95
N PRO C 138 18.85 12.17 -4.04
CA PRO C 138 17.75 13.13 -4.19
C PRO C 138 18.16 14.51 -4.72
N PHE C 139 19.42 14.68 -5.12
CA PHE C 139 19.86 15.95 -5.69
C PHE C 139 19.71 15.94 -7.21
N ASP C 140 18.54 15.57 -7.70
CA ASP C 140 18.33 15.32 -9.11
C ASP C 140 17.35 16.33 -9.71
N TRP C 141 17.48 16.52 -11.01
CA TRP C 141 16.53 17.30 -11.80
C TRP C 141 15.97 16.42 -12.90
N GLN C 142 14.68 16.57 -13.16
CA GLN C 142 13.98 15.79 -14.16
C GLN C 142 13.59 16.67 -15.35
N ASN C 143 13.31 16.01 -16.46
CA ASN C 143 13.04 16.65 -17.74
C ASN C 143 11.81 15.96 -18.35
N CYS C 144 10.63 16.46 -18.02
CA CYS C 144 9.38 15.89 -18.49
C CYS C 144 8.90 16.64 -19.72
N SER C 145 8.06 15.96 -20.51
CA SER C 145 7.54 16.57 -21.73
C SER C 145 6.06 16.22 -21.89
N LEU C 146 5.32 17.18 -22.44
CA LEU C 146 3.93 16.98 -22.86
C LEU C 146 3.89 17.15 -24.37
N LYS C 147 3.64 16.06 -25.08
CA LYS C 147 3.66 16.06 -26.54
C LYS C 147 2.23 16.05 -27.06
N PHE C 148 1.81 17.16 -27.66
CA PHE C 148 0.48 17.30 -28.22
C PHE C 148 0.53 17.16 -29.73
N THR C 149 -0.40 16.37 -30.26
CA THR C 149 -0.41 16.05 -31.67
C THR C 149 -1.83 16.10 -32.20
N ALA C 150 -1.95 16.26 -33.51
CA ALA C 150 -3.22 16.29 -34.21
C ALA C 150 -3.37 14.98 -34.98
N LEU C 151 -4.27 14.12 -34.51
CA LEU C 151 -4.48 12.81 -35.12
C LEU C 151 -5.74 12.73 -35.95
N ASN C 152 -6.60 13.74 -35.91
CA ASN C 152 -7.78 13.80 -36.75
C ASN C 152 -7.50 14.34 -38.13
N TYR C 153 -6.34 14.97 -38.35
CA TYR C 153 -5.98 15.51 -39.66
C TYR C 153 -4.47 15.42 -39.81
N ASP C 154 -4.01 15.39 -41.05
CA ASP C 154 -2.58 15.37 -41.34
C ASP C 154 -2.08 16.78 -41.61
N ALA C 155 -0.75 16.90 -41.76
CA ALA C 155 -0.10 18.19 -41.88
C ALA C 155 -0.47 18.95 -43.15
N ASN C 156 -1.01 18.27 -44.16
CA ASN C 156 -1.51 18.97 -45.35
C ASN C 156 -2.86 19.63 -45.10
N GLU C 157 -3.56 19.25 -44.04
CA GLU C 157 -4.89 19.76 -43.75
C GLU C 157 -4.92 20.77 -42.61
N ILE C 158 -4.23 20.50 -41.50
CA ILE C 158 -4.07 21.48 -40.43
C ILE C 158 -2.61 21.53 -40.04
N THR C 159 -2.13 22.73 -39.73
CA THR C 159 -0.76 22.95 -39.30
C THR C 159 -0.77 23.43 -37.85
N MET C 160 -0.05 22.71 -37.00
CA MET C 160 0.09 23.12 -35.60
C MET C 160 1.17 24.19 -35.49
N ASP C 161 0.92 25.17 -34.62
CA ASP C 161 1.84 26.28 -34.46
C ASP C 161 1.85 26.72 -33.01
N LEU C 162 2.93 27.40 -32.63
CA LEU C 162 3.00 28.03 -31.32
C LEU C 162 2.24 29.36 -31.35
N MET C 163 1.57 29.66 -30.25
CA MET C 163 0.82 30.91 -30.15
C MET C 163 1.79 32.09 -30.24
N THR C 164 1.35 33.14 -30.92
CA THR C 164 2.16 34.34 -31.10
C THR C 164 1.62 35.47 -30.24
N ASP C 165 2.52 36.32 -29.77
CA ASP C 165 2.18 37.49 -28.99
C ASP C 165 2.91 38.68 -29.54
N THR C 166 2.32 39.87 -29.41
CA THR C 166 2.90 41.08 -29.94
C THR C 166 3.39 41.99 -28.82
N ILE C 167 4.59 42.54 -29.00
CA ILE C 167 5.13 43.56 -28.11
C ILE C 167 5.66 44.70 -28.96
N ASP C 168 5.30 45.93 -28.59
CA ASP C 168 5.63 47.16 -29.32
C ASP C 168 5.50 47.00 -30.84
N GLY C 169 4.45 46.30 -31.29
CA GLY C 169 4.17 46.18 -32.70
C GLY C 169 4.89 45.08 -33.43
N LYS C 170 5.58 44.18 -32.72
CA LYS C 170 6.30 43.08 -33.33
C LYS C 170 5.79 41.76 -32.77
N ASP C 171 5.60 40.78 -33.64
CA ASP C 171 5.05 39.48 -33.26
C ASP C 171 6.17 38.48 -33.03
N TYR C 172 6.09 37.75 -31.91
CA TYR C 172 7.04 36.72 -31.57
C TYR C 172 6.29 35.47 -31.15
N PRO C 173 6.80 34.28 -31.47
CA PRO C 173 6.19 33.06 -30.97
C PRO C 173 6.42 32.90 -29.47
N ILE C 174 5.45 32.27 -28.81
CA ILE C 174 5.54 32.00 -27.37
C ILE C 174 6.20 30.63 -27.24
N GLU C 175 7.53 30.63 -27.16
CA GLU C 175 8.30 29.40 -27.09
C GLU C 175 8.58 28.99 -25.64
N TRP C 176 7.54 28.94 -24.82
CA TRP C 176 7.70 28.59 -23.42
C TRP C 176 6.33 28.30 -22.84
N ILE C 177 6.34 27.62 -21.69
CA ILE C 177 5.12 27.39 -20.93
C ILE C 177 4.76 28.67 -20.18
N ILE C 178 3.53 29.13 -20.35
CA ILE C 178 3.08 30.36 -19.71
C ILE C 178 2.75 30.06 -18.25
N ILE C 179 3.34 30.84 -17.34
CA ILE C 179 3.06 30.73 -15.92
C ILE C 179 2.47 32.07 -15.47
N ASP C 180 1.22 32.05 -15.06
CA ASP C 180 0.53 33.25 -14.63
C ASP C 180 0.77 33.47 -13.15
N PRO C 181 1.41 34.56 -12.74
CA PRO C 181 1.66 34.78 -11.31
C PRO C 181 0.38 34.86 -10.49
N GLU C 182 -0.71 35.37 -11.07
CA GLU C 182 -1.98 35.44 -10.36
C GLU C 182 -2.52 34.05 -10.05
N ALA C 183 -2.43 33.14 -11.02
CA ALA C 183 -2.95 31.78 -10.87
C ALA C 183 -1.82 30.80 -11.11
N PHE C 184 -1.03 30.55 -10.06
CA PHE C 184 0.01 29.52 -10.08
C PHE C 184 0.49 29.24 -8.67
N THR C 185 0.62 27.96 -8.33
CA THR C 185 1.08 27.55 -7.01
C THR C 185 2.41 26.85 -7.15
N GLU C 186 3.41 27.33 -6.40
CA GLU C 186 4.69 26.63 -6.34
C GLU C 186 4.50 25.25 -5.74
N ASN C 187 5.20 24.26 -6.30
CA ASN C 187 4.98 22.88 -5.89
C ASN C 187 5.39 22.65 -4.44
N GLY C 188 6.52 23.22 -4.03
CA GLY C 188 7.07 22.98 -2.71
C GLY C 188 8.11 21.88 -2.66
N GLU C 189 8.13 21.00 -3.67
CA GLU C 189 9.19 20.01 -3.82
C GLU C 189 9.99 20.18 -5.10
N TRP C 190 9.38 20.70 -6.16
CA TRP C 190 10.05 20.87 -7.44
C TRP C 190 10.05 22.34 -7.82
N GLU C 191 11.18 22.81 -8.34
CA GLU C 191 11.34 24.17 -8.81
C GLU C 191 11.58 24.15 -10.31
N ILE C 192 10.81 24.94 -11.06
CA ILE C 192 10.92 24.96 -12.51
C ILE C 192 12.13 25.79 -12.91
N ILE C 193 13.09 25.16 -13.57
CA ILE C 193 14.27 25.86 -14.07
C ILE C 193 14.05 26.33 -15.50
N HIS C 194 13.65 25.42 -16.38
CA HIS C 194 13.34 25.73 -17.77
C HIS C 194 11.95 25.21 -18.10
N LYS C 195 11.28 25.90 -19.01
CA LYS C 195 9.95 25.50 -19.46
C LYS C 195 9.77 25.90 -20.92
N PRO C 196 10.48 25.26 -21.84
CA PRO C 196 10.40 25.63 -23.25
C PRO C 196 9.21 24.98 -23.94
N ALA C 197 8.96 25.45 -25.16
CA ALA C 197 7.95 24.89 -26.04
C ALA C 197 8.51 24.86 -27.46
N LYS C 198 8.27 23.76 -28.16
CA LYS C 198 8.81 23.56 -29.49
C LYS C 198 7.74 23.04 -30.43
N LYS C 199 7.84 23.45 -31.69
CA LYS C 199 7.06 22.89 -32.77
C LYS C 199 7.97 21.94 -33.54
N ASN C 200 7.73 20.64 -33.41
CA ASN C 200 8.60 19.61 -33.95
C ASN C 200 8.02 19.04 -35.23
N ILE C 201 8.88 18.92 -36.24
CA ILE C 201 8.54 18.32 -37.53
C ILE C 201 9.51 17.17 -37.79
N TYR C 202 8.99 16.06 -38.29
CA TYR C 202 9.81 14.87 -38.54
C TYR C 202 9.97 14.65 -40.03
N PRO C 203 11.12 15.01 -40.61
CA PRO C 203 11.27 14.92 -42.08
C PRO C 203 11.16 13.53 -42.64
N ASP C 204 11.53 12.50 -41.88
CA ASP C 204 11.44 11.13 -42.39
C ASP C 204 10.01 10.68 -42.57
N LYS C 205 9.04 11.39 -41.99
CA LYS C 205 7.63 11.10 -42.18
C LYS C 205 7.07 11.96 -43.30
N PHE C 206 5.90 11.61 -43.74
CA PHE C 206 5.28 12.37 -44.81
C PHE C 206 4.22 13.31 -44.27
N PRO C 207 3.97 14.43 -44.95
CA PRO C 207 3.02 15.42 -44.42
C PRO C 207 1.56 14.99 -44.54
N ASN C 208 1.31 13.75 -44.93
CA ASN C 208 -0.04 13.24 -45.07
C ASN C 208 -0.30 12.02 -44.18
N GLY C 209 0.32 11.99 -43.00
CA GLY C 209 0.25 10.80 -42.17
C GLY C 209 -0.09 10.98 -40.71
N THR C 210 -0.30 12.23 -40.28
CA THR C 210 -0.66 12.62 -38.91
C THR C 210 0.44 12.35 -37.90
N ASN C 211 1.58 11.80 -38.32
CA ASN C 211 2.74 11.64 -37.44
C ASN C 211 3.89 12.54 -37.88
N TYR C 212 3.59 13.62 -38.59
CA TYR C 212 4.60 14.49 -39.17
C TYR C 212 4.91 15.70 -38.29
N GLN C 213 3.97 16.13 -37.46
CA GLN C 213 4.14 17.35 -36.67
C GLN C 213 3.64 17.11 -35.25
N ASP C 214 4.18 17.90 -34.32
CA ASP C 214 3.67 17.94 -32.96
C ASP C 214 4.14 19.22 -32.30
N VAL C 215 3.57 19.53 -31.14
CA VAL C 215 4.03 20.61 -30.29
C VAL C 215 4.34 20.02 -28.92
N THR C 216 5.57 20.23 -28.46
CA THR C 216 6.03 19.63 -27.21
C THR C 216 6.36 20.73 -26.21
N PHE C 217 5.81 20.62 -25.01
CA PHE C 217 6.08 21.53 -23.92
C PHE C 217 6.96 20.81 -22.90
N TYR C 218 8.12 21.36 -22.60
CA TYR C 218 9.09 20.73 -21.73
C TYR C 218 9.09 21.39 -20.36
N LEU C 219 9.21 20.58 -19.33
CA LEU C 219 9.34 21.05 -17.95
C LEU C 219 10.61 20.44 -17.37
N ILE C 220 11.61 21.28 -17.15
CA ILE C 220 12.84 20.88 -16.48
C ILE C 220 12.74 21.38 -15.04
N ILE C 221 12.71 20.45 -14.09
CA ILE C 221 12.40 20.77 -12.70
C ILE C 221 13.49 20.19 -11.80
N ARG C 222 14.01 21.02 -10.92
CA ARG C 222 15.00 20.60 -9.94
C ARG C 222 14.30 20.28 -8.62
N ARG C 223 14.61 19.12 -8.05
CA ARG C 223 14.04 18.76 -6.76
C ARG C 223 14.70 19.58 -5.66
N LYS C 224 13.89 20.02 -4.70
CA LYS C 224 14.42 20.66 -3.51
C LYS C 224 14.73 19.57 -2.49
N PRO C 225 15.99 19.35 -2.13
CA PRO C 225 16.37 18.17 -1.35
C PRO C 225 16.44 18.34 0.17
N LEU C 226 16.07 19.50 0.71
CA LEU C 226 16.22 19.71 2.15
C LEU C 226 15.41 18.70 2.95
N PHE C 227 14.18 18.41 2.51
CA PHE C 227 13.39 17.39 3.17
C PHE C 227 14.12 16.05 3.17
N TYR C 228 14.56 15.60 1.99
CA TYR C 228 15.24 14.31 1.90
C TYR C 228 16.56 14.33 2.66
N VAL C 229 17.32 15.42 2.56
CA VAL C 229 18.56 15.53 3.32
C VAL C 229 18.29 15.29 4.80
N ILE C 230 17.45 16.15 5.39
CA ILE C 230 17.21 16.11 6.83
C ILE C 230 16.64 14.76 7.26
N ASN C 231 15.71 14.20 6.48
CA ASN C 231 14.98 13.03 6.94
C ASN C 231 15.66 11.71 6.64
N PHE C 232 16.56 11.66 5.66
CA PHE C 232 17.21 10.40 5.29
C PHE C 232 18.72 10.46 5.38
N ILE C 233 19.36 11.48 4.82
CA ILE C 233 20.82 11.47 4.70
C ILE C 233 21.47 11.63 6.06
N THR C 234 20.98 12.57 6.86
CA THR C 234 21.57 12.82 8.17
C THR C 234 21.48 11.62 9.10
N PRO C 235 20.33 10.95 9.28
CA PRO C 235 20.33 9.74 10.11
C PRO C 235 21.26 8.65 9.60
N CYS C 236 21.41 8.50 8.28
CA CYS C 236 22.34 7.52 7.75
C CYS C 236 23.76 7.81 8.19
N VAL C 237 24.19 9.07 8.06
CA VAL C 237 25.55 9.44 8.44
C VAL C 237 25.75 9.25 9.94
N LEU C 238 24.76 9.67 10.74
CA LEU C 238 24.88 9.55 12.18
C LEU C 238 24.96 8.10 12.61
N ILE C 239 24.22 7.21 11.95
CA ILE C 239 24.28 5.79 12.28
C ILE C 239 25.61 5.19 11.84
N SER C 240 26.10 5.56 10.66
CA SER C 240 27.37 5.03 10.20
C SER C 240 28.53 5.47 11.09
N PHE C 241 28.42 6.64 11.71
CA PHE C 241 29.44 7.05 12.67
C PHE C 241 29.54 6.06 13.82
N LEU C 242 28.46 5.36 14.15
CA LEU C 242 28.53 4.35 15.20
C LEU C 242 29.31 3.13 14.75
N ALA C 243 29.17 2.74 13.48
CA ALA C 243 30.03 1.69 12.94
C ALA C 243 31.49 2.12 13.00
N SER C 244 31.76 3.40 12.72
CA SER C 244 33.10 3.92 12.89
C SER C 244 33.57 3.78 14.34
N LEU C 245 32.67 4.06 15.28
CA LEU C 245 32.99 4.08 16.71
C LEU C 245 33.09 2.69 17.32
N ALA C 246 32.64 1.66 16.61
CA ALA C 246 32.72 0.30 17.14
C ALA C 246 34.15 -0.17 17.37
N PHE C 247 35.15 0.49 16.76
CA PHE C 247 36.53 0.10 16.97
C PHE C 247 37.06 0.49 18.34
N TYR C 248 36.38 1.42 19.03
CA TYR C 248 36.85 1.90 20.31
C TYR C 248 36.33 1.06 21.48
N LEU C 249 35.47 0.09 21.22
CA LEU C 249 34.93 -0.76 22.29
C LEU C 249 35.95 -1.83 22.66
N PRO C 250 36.30 -1.96 23.94
CA PRO C 250 37.23 -3.02 24.33
C PRO C 250 36.64 -4.40 24.11
N ALA C 251 37.52 -5.36 23.86
CA ALA C 251 37.10 -6.75 23.68
C ALA C 251 36.55 -7.35 24.96
N GLU C 252 36.89 -6.77 26.12
CA GLU C 252 36.35 -7.29 27.39
C GLU C 252 34.84 -7.11 27.45
N SER C 253 34.33 -6.02 26.89
CA SER C 253 32.89 -5.86 26.76
C SER C 253 32.35 -6.84 25.73
N GLY C 254 31.16 -7.37 25.98
CA GLY C 254 30.54 -8.29 25.05
C GLY C 254 29.60 -7.61 24.08
N GLU C 255 30.01 -6.45 23.57
CA GLU C 255 29.14 -5.64 22.71
C GLU C 255 29.85 -5.15 21.46
N LYS C 256 31.06 -5.63 21.19
CA LYS C 256 31.80 -5.15 20.03
C LYS C 256 31.09 -5.49 18.72
N MET C 257 30.60 -6.72 18.60
CA MET C 257 29.94 -7.13 17.37
C MET C 257 28.53 -6.57 17.26
N SER C 258 27.82 -6.46 18.38
CA SER C 258 26.42 -6.06 18.34
C SER C 258 26.25 -4.66 17.77
N THR C 259 27.15 -3.74 18.12
CA THR C 259 27.07 -2.38 17.61
C THR C 259 27.20 -2.34 16.10
N ALA C 260 28.22 -3.02 15.56
CA ALA C 260 28.43 -3.04 14.12
C ALA C 260 27.27 -3.74 13.41
N ILE C 261 26.78 -4.85 13.97
CA ILE C 261 25.65 -5.56 13.37
C ILE C 261 24.43 -4.67 13.31
N SER C 262 24.15 -3.95 14.40
CA SER C 262 22.97 -3.07 14.44
C SER C 262 23.12 -1.92 13.45
N VAL C 263 24.32 -1.37 13.31
CA VAL C 263 24.52 -0.32 12.32
C VAL C 263 24.28 -0.87 10.92
N LEU C 264 24.76 -2.08 10.64
CA LEU C 264 24.50 -2.70 9.34
C LEU C 264 23.01 -2.89 9.10
N LEU C 265 22.28 -3.33 10.13
CA LEU C 265 20.84 -3.54 9.99
C LEU C 265 20.12 -2.22 9.71
N ALA C 266 20.50 -1.15 10.42
CA ALA C 266 19.89 0.15 10.19
C ALA C 266 20.19 0.65 8.77
N GLN C 267 21.42 0.46 8.30
CA GLN C 267 21.75 0.88 6.95
C GLN C 267 20.96 0.08 5.92
N ALA C 268 20.74 -1.22 6.18
CA ALA C 268 19.92 -2.02 5.30
C ALA C 268 18.48 -1.53 5.27
N VAL C 269 17.96 -1.14 6.43
CA VAL C 269 16.60 -0.59 6.48
C VAL C 269 16.52 0.67 5.64
N PHE C 270 17.52 1.56 5.77
CA PHE C 270 17.53 2.78 4.96
C PHE C 270 17.66 2.46 3.47
N LEU C 271 18.44 1.43 3.13
CA LEU C 271 18.56 1.02 1.73
C LEU C 271 17.22 0.56 1.18
N LEU C 272 16.48 -0.23 1.95
CA LEU C 272 15.17 -0.68 1.50
C LEU C 272 14.20 0.49 1.39
N LEU C 273 14.26 1.45 2.32
CA LEU C 273 13.43 2.64 2.21
C LEU C 273 13.75 3.41 0.94
N THR C 274 15.03 3.54 0.62
CA THR C 274 15.42 4.20 -0.63
C THR C 274 14.88 3.44 -1.84
N SER C 275 14.97 2.11 -1.81
CA SER C 275 14.47 1.31 -2.93
C SER C 275 12.97 1.48 -3.11
N GLN C 276 12.24 1.64 -2.01
CA GLN C 276 10.78 1.78 -2.12
C GLN C 276 10.40 3.07 -2.85
N ARG C 277 11.08 4.17 -2.57
CA ARG C 277 10.69 5.48 -3.11
C ARG C 277 11.41 5.80 -4.42
N LEU C 278 11.40 4.87 -5.36
CA LEU C 278 12.13 5.04 -6.61
C LEU C 278 11.59 4.03 -7.63
N PRO C 279 11.64 4.34 -8.92
CA PRO C 279 11.26 3.35 -9.92
C PRO C 279 12.26 2.21 -10.00
N GLU C 280 11.77 1.07 -10.48
CA GLU C 280 12.60 -0.14 -10.59
C GLU C 280 13.26 -0.24 -11.96
N THR C 281 13.93 0.82 -12.38
CA THR C 281 14.59 0.86 -13.68
C THR C 281 16.08 0.57 -13.53
N ALA C 282 16.69 0.17 -14.63
CA ALA C 282 18.09 -0.24 -14.65
C ALA C 282 18.98 0.73 -15.42
N LEU C 283 18.54 1.97 -15.60
CA LEU C 283 19.37 2.96 -16.27
C LEU C 283 20.64 3.24 -15.47
N ALA C 284 20.49 3.43 -14.16
CA ALA C 284 21.62 3.74 -13.31
C ALA C 284 21.25 3.43 -11.87
N VAL C 285 22.27 3.35 -11.02
CA VAL C 285 22.09 3.19 -9.58
C VAL C 285 21.99 4.59 -8.96
N PRO C 286 21.03 4.82 -8.06
CA PRO C 286 20.91 6.15 -7.46
C PRO C 286 22.14 6.53 -6.64
N LEU C 287 22.37 7.84 -6.54
CA LEU C 287 23.49 8.33 -5.74
C LEU C 287 23.38 7.90 -4.29
N ILE C 288 22.18 8.04 -3.71
CA ILE C 288 21.96 7.58 -2.36
C ILE C 288 22.08 6.06 -2.28
N GLY C 289 21.66 5.36 -3.33
CA GLY C 289 21.83 3.92 -3.37
C GLY C 289 23.28 3.51 -3.42
N LYS C 290 24.08 4.21 -4.23
CA LYS C 290 25.51 3.94 -4.27
C LYS C 290 26.16 4.21 -2.92
N TYR C 291 25.78 5.30 -2.27
CA TYR C 291 26.33 5.60 -0.96
C TYR C 291 25.96 4.53 0.05
N LEU C 292 24.71 4.07 0.03
CA LEU C 292 24.28 3.04 0.97
C LEU C 292 25.00 1.72 0.69
N MET C 293 25.19 1.36 -0.57
CA MET C 293 25.93 0.14 -0.89
C MET C 293 27.37 0.23 -0.38
N PHE C 294 28.02 1.37 -0.61
CA PHE C 294 29.39 1.56 -0.15
C PHE C 294 29.47 1.50 1.37
N ILE C 295 28.51 2.12 2.06
CA ILE C 295 28.51 2.11 3.51
C ILE C 295 28.25 0.71 4.05
N MET C 296 27.32 -0.03 3.44
CA MET C 296 27.04 -1.39 3.91
C MET C 296 28.24 -2.29 3.69
N SER C 297 28.95 -2.13 2.56
CA SER C 297 30.17 -2.91 2.35
C SER C 297 31.22 -2.57 3.38
N LEU C 298 31.39 -1.28 3.68
CA LEU C 298 32.40 -0.89 4.66
C LEU C 298 32.03 -1.36 6.07
N VAL C 299 30.74 -1.37 6.41
CA VAL C 299 30.30 -1.86 7.70
C VAL C 299 30.47 -3.37 7.79
N THR C 300 30.24 -4.10 6.69
CA THR C 300 30.54 -5.53 6.67
C THR C 300 32.03 -5.77 6.89
N GLY C 301 32.87 -4.95 6.26
CA GLY C 301 34.30 -5.03 6.52
C GLY C 301 34.64 -4.76 7.97
N VAL C 302 33.95 -3.80 8.58
CA VAL C 302 34.17 -3.50 9.99
C VAL C 302 33.76 -4.67 10.87
N ILE C 303 32.65 -5.34 10.52
CA ILE C 303 32.22 -6.51 11.27
C ILE C 303 33.26 -7.62 11.17
N VAL C 304 33.80 -7.84 9.97
CA VAL C 304 34.84 -8.84 9.80
C VAL C 304 36.08 -8.49 10.60
N ASN C 305 36.46 -7.20 10.60
CA ASN C 305 37.63 -6.78 11.36
C ASN C 305 37.41 -6.95 12.86
N CYS C 306 36.21 -6.65 13.35
CA CYS C 306 35.89 -6.89 14.75
C CYS C 306 35.97 -8.37 15.09
N GLY C 307 35.51 -9.22 14.18
CA GLY C 307 35.67 -10.66 14.38
C GLY C 307 37.12 -11.08 14.47
N ILE C 308 37.96 -10.51 13.60
CA ILE C 308 39.39 -10.82 13.64
C ILE C 308 40.00 -10.36 14.96
N VAL C 309 39.64 -9.16 15.42
CA VAL C 309 40.18 -8.64 16.67
C VAL C 309 39.76 -9.51 17.85
N LEU C 310 38.49 -9.92 17.87
CA LEU C 310 38.02 -10.81 18.94
C LEU C 310 38.73 -12.15 18.89
N ASN C 311 38.97 -12.68 17.70
CA ASN C 311 39.67 -13.96 17.58
C ASN C 311 41.09 -13.83 18.11
N PHE C 312 41.77 -12.73 17.81
CA PHE C 312 43.12 -12.53 18.31
C PHE C 312 43.14 -12.31 19.82
N HIS C 313 42.11 -11.63 20.34
CA HIS C 313 42.10 -11.26 21.75
C HIS C 313 42.02 -12.49 22.66
N PHE C 314 41.23 -13.48 22.27
CA PHE C 314 41.00 -14.66 23.10
C PHE C 314 41.95 -15.79 22.81
N ARG C 315 42.97 -15.57 21.98
CA ARG C 315 43.99 -16.59 21.76
C ARG C 315 44.79 -16.80 23.04
N THR C 316 45.13 -18.05 23.30
CA THR C 316 45.81 -18.44 24.53
C THR C 316 46.98 -19.35 24.19
N PRO C 317 48.01 -19.36 25.03
CA PRO C 317 49.15 -20.27 24.78
C PRO C 317 48.76 -21.74 24.78
N SER C 318 47.64 -22.11 25.39
CA SER C 318 47.18 -23.49 25.35
C SER C 318 46.76 -23.93 23.95
N THR C 319 46.44 -22.99 23.07
CA THR C 319 46.04 -23.33 21.70
C THR C 319 46.75 -22.53 20.62
N HIS C 320 47.31 -21.35 20.92
CA HIS C 320 47.95 -20.53 19.92
C HIS C 320 49.34 -20.11 20.38
N VAL C 321 50.28 -20.11 19.44
CA VAL C 321 51.66 -19.69 19.70
C VAL C 321 51.85 -18.28 19.17
N LEU C 322 52.35 -17.39 20.02
CA LEU C 322 52.58 -16.00 19.64
C LEU C 322 53.89 -15.92 18.87
N SER C 323 53.79 -15.87 17.55
CA SER C 323 54.99 -15.89 16.70
C SER C 323 55.80 -14.62 16.89
N THR C 324 57.11 -14.76 16.64
CA THR C 324 58.04 -13.66 16.91
C THR C 324 57.74 -12.44 16.05
N ARG C 325 57.50 -12.64 14.74
CA ARG C 325 57.30 -11.50 13.87
C ARG C 325 56.00 -10.76 14.19
N VAL C 326 54.92 -11.51 14.45
CA VAL C 326 53.65 -10.89 14.80
C VAL C 326 53.80 -10.11 16.09
N LYS C 327 54.45 -10.71 17.08
CA LYS C 327 54.68 -10.03 18.36
C LYS C 327 55.45 -8.74 18.15
N GLN C 328 56.57 -8.80 17.42
CA GLN C 328 57.39 -7.61 17.26
C GLN C 328 56.64 -6.51 16.52
N ILE C 329 55.96 -6.85 15.41
CA ILE C 329 55.29 -5.80 14.64
C ILE C 329 54.17 -5.19 15.48
N PHE C 330 53.22 -6.01 15.94
CA PHE C 330 52.05 -5.50 16.63
C PHE C 330 52.35 -4.97 18.03
N LEU C 331 53.56 -5.17 18.55
CA LEU C 331 53.90 -4.62 19.86
C LEU C 331 54.83 -3.42 19.81
N GLU C 332 55.62 -3.26 18.75
CA GLU C 332 56.43 -2.04 18.75
C GLU C 332 56.33 -1.22 17.47
N LYS C 333 56.17 -1.87 16.32
CA LYS C 333 56.24 -1.13 15.06
C LYS C 333 54.97 -0.29 14.85
N LEU C 334 53.81 -0.89 15.07
CA LEU C 334 52.54 -0.23 14.83
C LEU C 334 52.14 0.71 15.97
N PRO C 335 52.30 0.33 17.24
CA PRO C 335 52.02 1.31 18.31
C PRO C 335 52.87 2.55 18.22
N ARG C 336 54.12 2.44 17.72
CA ARG C 336 54.96 3.61 17.56
C ARG C 336 54.36 4.59 16.56
N ILE C 337 53.84 4.07 15.44
CA ILE C 337 53.22 4.94 14.44
C ILE C 337 51.91 5.51 14.96
N LEU C 338 51.08 4.66 15.56
CA LEU C 338 49.75 5.08 16.00
C LEU C 338 49.78 5.96 17.24
N HIS C 339 50.94 6.14 17.87
CA HIS C 339 51.09 6.97 19.06
C HIS C 339 50.18 6.49 20.19
N MET C 340 50.05 5.18 20.35
CA MET C 340 49.25 4.60 21.41
C MET C 340 49.93 4.77 22.77
N ILE C 419 58.83 -37.40 54.75
CA ILE C 419 59.08 -36.86 56.07
C ILE C 419 59.26 -35.35 56.01
N LYS C 420 60.24 -34.90 55.23
CA LYS C 420 60.53 -33.48 55.06
C LYS C 420 59.98 -32.93 53.75
N SER C 421 58.83 -33.44 53.31
CA SER C 421 58.23 -33.03 52.04
C SER C 421 57.44 -31.74 52.14
N GLY C 422 57.30 -31.17 53.33
CA GLY C 422 56.57 -29.92 53.48
C GLY C 422 57.20 -28.78 52.69
N ILE C 423 58.53 -28.66 52.76
CA ILE C 423 59.23 -27.65 51.97
C ILE C 423 59.15 -28.00 50.48
N ASP C 424 59.26 -29.30 50.16
CA ASP C 424 59.08 -29.72 48.78
C ASP C 424 57.66 -29.43 48.29
N SER C 425 56.68 -29.61 49.17
CA SER C 425 55.30 -29.24 48.83
C SER C 425 55.19 -27.75 48.56
N THR C 426 55.85 -26.92 49.37
CA THR C 426 55.87 -25.48 49.12
C THR C 426 56.57 -25.16 47.82
N ASN C 427 57.55 -25.96 47.43
CA ASN C 427 58.27 -25.72 46.18
C ASN C 427 57.39 -25.97 44.97
N TYR C 428 56.49 -26.95 45.05
CA TYR C 428 55.60 -27.24 43.94
C TYR C 428 54.61 -26.10 43.70
N ILE C 429 54.17 -25.44 44.77
CA ILE C 429 53.18 -24.38 44.64
C ILE C 429 53.73 -23.22 43.81
N VAL C 430 54.97 -22.82 44.10
CA VAL C 430 55.54 -21.66 43.41
C VAL C 430 55.75 -21.96 41.93
N LYS C 431 55.96 -23.23 41.57
CA LYS C 431 56.06 -23.57 40.15
C LYS C 431 54.74 -23.34 39.44
N GLN C 432 53.63 -23.69 40.09
CA GLN C 432 52.32 -23.44 39.51
C GLN C 432 52.03 -21.94 39.42
N ILE C 433 52.47 -21.18 40.42
CA ILE C 433 52.31 -19.73 40.37
C ILE C 433 53.15 -19.14 39.24
N LYS C 434 54.35 -19.70 39.03
CA LYS C 434 55.19 -19.21 37.93
C LYS C 434 54.55 -19.48 36.58
N GLU C 435 53.90 -20.63 36.43
CA GLU C 435 53.19 -20.93 35.18
C GLU C 435 52.03 -19.96 34.97
N LYS C 436 51.32 -19.61 36.04
CA LYS C 436 50.21 -18.67 35.94
C LYS C 436 50.69 -17.28 35.51
N ASN C 437 51.77 -16.80 36.13
CA ASN C 437 52.30 -15.49 35.75
C ASN C 437 52.77 -15.47 34.30
N ALA C 438 53.43 -16.55 33.86
CA ALA C 438 53.79 -16.67 32.46
C ALA C 438 52.55 -16.77 31.58
N TYR C 439 51.52 -17.50 32.05
CA TYR C 439 50.29 -17.61 31.29
C TYR C 439 49.61 -16.25 31.15
N ASP C 440 49.60 -15.47 32.22
CA ASP C 440 48.98 -14.14 32.18
C ASP C 440 49.74 -13.20 31.23
N GLU C 441 51.04 -13.43 31.06
CA GLU C 441 51.82 -12.59 30.16
C GLU C 441 51.41 -12.81 28.70
N GLU C 442 51.23 -14.06 28.30
CA GLU C 442 50.89 -14.35 26.91
C GLU C 442 49.52 -13.82 26.55
N VAL C 443 48.53 -14.00 27.43
CA VAL C 443 47.20 -13.46 27.16
C VAL C 443 47.23 -11.94 27.24
N GLY C 444 48.12 -11.38 28.05
CA GLY C 444 48.31 -9.93 28.06
C GLY C 444 48.88 -9.42 26.76
N ASN C 445 49.79 -10.18 26.14
CA ASN C 445 50.32 -9.79 24.85
C ASN C 445 49.29 -9.95 23.75
N TRP C 446 48.48 -11.01 23.80
CA TRP C 446 47.40 -11.16 22.84
C TRP C 446 46.38 -10.04 22.98
N ASN C 447 46.17 -9.58 24.21
CA ASN C 447 45.27 -8.44 24.42
C ASN C 447 45.80 -7.18 23.72
N LEU C 448 47.11 -6.94 23.82
CA LEU C 448 47.69 -5.76 23.18
C LEU C 448 47.74 -5.90 21.66
N VAL C 449 47.82 -7.13 21.15
CA VAL C 449 47.73 -7.33 19.71
C VAL C 449 46.36 -6.90 19.20
N GLY C 450 45.31 -7.25 19.93
CA GLY C 450 43.97 -6.86 19.53
C GLY C 450 43.74 -5.37 19.55
N GLN C 451 44.31 -4.67 20.54
CA GLN C 451 44.16 -3.22 20.60
C GLN C 451 44.85 -2.55 19.42
N THR C 452 46.02 -3.07 19.02
CA THR C 452 46.74 -2.48 17.89
C THR C 452 45.96 -2.65 16.59
N ILE C 453 45.38 -3.83 16.36
CA ILE C 453 44.57 -4.03 15.16
C ILE C 453 43.33 -3.15 15.21
N ASP C 454 42.76 -2.94 16.40
CA ASP C 454 41.62 -2.03 16.53
C ASP C 454 42.01 -0.61 16.18
N ARG C 455 43.15 -0.14 16.70
CA ARG C 455 43.60 1.22 16.40
C ARG C 455 43.95 1.38 14.93
N LEU C 456 44.58 0.35 14.33
CA LEU C 456 44.95 0.43 12.92
C LEU C 456 43.71 0.55 12.04
N SER C 457 42.67 -0.24 12.31
CA SER C 457 41.46 -0.14 11.53
C SER C 457 40.71 1.16 11.83
N MET C 458 40.82 1.68 13.04
CA MET C 458 40.16 2.93 13.39
C MET C 458 40.73 4.10 12.60
N PHE C 459 42.04 4.10 12.34
CA PHE C 459 42.69 5.17 11.59
C PHE C 459 42.75 4.91 10.10
N ILE C 460 42.25 3.77 9.63
CA ILE C 460 42.27 3.47 8.20
C ILE C 460 40.87 3.30 7.61
N ILE C 461 39.85 3.01 8.42
CA ILE C 461 38.48 2.87 7.92
C ILE C 461 37.69 4.15 8.14
N THR C 462 37.85 4.80 9.29
CA THR C 462 37.16 6.06 9.53
C THR C 462 37.52 7.15 8.53
N PRO C 463 38.80 7.38 8.18
CA PRO C 463 39.07 8.37 7.12
C PRO C 463 38.40 8.04 5.80
N VAL C 464 38.31 6.75 5.45
CA VAL C 464 37.67 6.37 4.20
C VAL C 464 36.18 6.66 4.24
N MET C 465 35.53 6.38 5.37
CA MET C 465 34.11 6.65 5.49
C MET C 465 33.81 8.15 5.46
N VAL C 466 34.64 8.96 6.13
CA VAL C 466 34.45 10.40 6.10
C VAL C 466 34.69 10.93 4.69
N LEU C 467 35.79 10.50 4.06
CA LEU C 467 36.08 10.93 2.69
C LEU C 467 35.03 10.43 1.72
N GLY C 468 34.57 9.18 1.89
CA GLY C 468 33.53 8.66 1.02
C GLY C 468 32.20 9.37 1.21
N THR C 469 31.86 9.70 2.45
CA THR C 469 30.59 10.38 2.72
C THR C 469 30.59 11.79 2.13
N ILE C 470 31.67 12.54 2.37
CA ILE C 470 31.73 13.92 1.86
C ILE C 470 31.75 13.93 0.35
N PHE C 471 32.52 13.03 -0.27
CA PHE C 471 32.70 13.06 -1.71
C PHE C 471 31.38 12.80 -2.45
N ILE C 472 30.64 11.79 -2.02
CA ILE C 472 29.40 11.43 -2.72
C ILE C 472 28.38 12.54 -2.62
N PHE C 473 28.21 13.12 -1.42
CA PHE C 473 27.23 14.17 -1.23
C PHE C 473 27.67 15.50 -1.83
N VAL C 474 28.98 15.73 -1.98
CA VAL C 474 29.44 16.90 -2.72
C VAL C 474 29.13 16.74 -4.20
N MET C 475 29.29 15.53 -4.74
CA MET C 475 28.99 15.28 -6.14
C MET C 475 27.53 15.53 -6.46
N GLY C 476 26.63 15.09 -5.58
CA GLY C 476 25.22 15.36 -5.79
C GLY C 476 24.88 16.84 -5.67
N ASN C 477 25.48 17.52 -4.68
CA ASN C 477 25.20 18.93 -4.48
C ASN C 477 25.68 19.79 -5.64
N PHE C 478 26.59 19.29 -6.46
CA PHE C 478 27.08 20.02 -7.63
C PHE C 478 26.42 19.55 -8.93
N ASN C 479 25.23 18.95 -8.83
CA ASN C 479 24.48 18.50 -10.00
C ASN C 479 23.36 19.51 -10.26
N HIS C 480 23.64 20.46 -11.14
CA HIS C 480 22.65 21.46 -11.50
C HIS C 480 22.16 21.23 -12.92
N PRO C 481 20.90 21.55 -13.21
CA PRO C 481 20.44 21.51 -14.59
C PRO C 481 21.20 22.52 -15.43
N PRO C 482 21.42 22.23 -16.71
CA PRO C 482 22.25 23.12 -17.53
C PRO C 482 21.60 24.47 -17.73
N ALA C 483 22.44 25.46 -18.04
CA ALA C 483 21.96 26.82 -18.25
C ALA C 483 21.05 26.94 -19.46
N LYS C 484 21.15 26.02 -20.41
CA LYS C 484 20.29 26.02 -21.58
C LYS C 484 19.43 24.76 -21.59
N PRO C 485 18.17 24.86 -22.03
CA PRO C 485 17.30 23.68 -22.04
C PRO C 485 17.63 22.69 -23.16
N PHE C 486 18.34 23.10 -24.20
CA PHE C 486 18.67 22.23 -25.31
C PHE C 486 20.16 22.33 -25.62
N GLU C 487 20.73 21.21 -26.09
CA GLU C 487 22.17 21.08 -26.24
C GLU C 487 22.76 22.09 -27.21
N GLY C 488 22.44 21.97 -28.49
CA GLY C 488 23.03 22.86 -29.49
C GLY C 488 22.37 24.21 -29.61
N ASP C 489 21.25 24.42 -28.93
CA ASP C 489 20.50 25.66 -29.08
C ASP C 489 21.05 26.72 -28.15
N PRO C 490 21.58 27.83 -28.68
CA PRO C 490 22.04 28.91 -27.81
C PRO C 490 20.91 29.72 -27.20
N PHE C 491 19.69 29.61 -27.73
CA PHE C 491 18.59 30.43 -27.26
C PHE C 491 18.15 29.99 -25.87
N ASP C 492 17.80 30.97 -25.04
CA ASP C 492 17.23 30.73 -23.74
C ASP C 492 15.72 30.94 -23.85
N TYR C 493 14.97 29.85 -23.70
CA TYR C 493 13.51 29.89 -23.91
C TYR C 493 12.81 30.53 -22.71
N SER C 494 13.17 31.79 -22.46
CA SER C 494 12.66 32.54 -21.33
C SER C 494 11.60 33.54 -21.79
N SER C 495 10.54 33.67 -21.00
CA SER C 495 9.47 34.59 -21.34
C SER C 495 9.92 36.04 -21.28
N ASP C 496 11.05 36.32 -20.63
CA ASP C 496 11.53 37.69 -20.52
C ASP C 496 12.32 38.15 -21.74
N HIS C 497 12.74 37.22 -22.61
CA HIS C 497 13.55 37.53 -23.77
C HIS C 497 12.97 36.83 -25.00
N PRO C 498 11.88 37.36 -25.55
CA PRO C 498 11.34 36.79 -26.79
C PRO C 498 12.34 36.88 -27.92
N ARG C 499 12.34 35.86 -28.77
CA ARG C 499 13.36 35.76 -29.82
C ARG C 499 13.02 36.65 -31.01
N CYS C 500 11.86 36.43 -31.63
CA CYS C 500 11.49 37.20 -32.81
C CYS C 500 11.12 38.64 -32.48
N ALA C 501 10.93 38.97 -31.20
CA ALA C 501 10.60 40.33 -30.81
C ALA C 501 11.02 40.58 -29.36
N SER D 1 -49.57 16.05 -14.52
CA SER D 1 -50.53 17.15 -14.55
C SER D 1 -50.61 17.75 -15.95
N GLU D 2 -51.84 17.93 -16.44
CA GLU D 2 -52.02 18.54 -17.75
C GLU D 2 -51.51 19.97 -17.79
N HIS D 3 -51.77 20.74 -16.73
CA HIS D 3 -51.32 22.12 -16.69
C HIS D 3 -49.79 22.21 -16.71
N GLU D 4 -49.12 21.39 -15.90
CA GLU D 4 -47.67 21.43 -15.86
C GLU D 4 -47.06 20.90 -17.14
N THR D 5 -47.68 19.88 -17.74
CA THR D 5 -47.21 19.38 -19.02
C THR D 5 -47.29 20.45 -20.10
N ARG D 6 -48.43 21.14 -20.17
CA ARG D 6 -48.58 22.22 -21.14
C ARG D 6 -47.59 23.35 -20.87
N LEU D 7 -47.40 23.69 -19.60
CA LEU D 7 -46.46 24.75 -19.25
C LEU D 7 -45.04 24.41 -19.69
N VAL D 8 -44.60 23.19 -19.42
CA VAL D 8 -43.25 22.80 -19.79
C VAL D 8 -43.10 22.72 -21.30
N ALA D 9 -44.14 22.26 -22.00
CA ALA D 9 -44.09 22.24 -23.45
C ALA D 9 -43.99 23.66 -24.02
N ASN D 10 -44.73 24.60 -23.44
CA ASN D 10 -44.70 25.98 -23.94
C ASN D 10 -43.38 26.67 -23.63
N LEU D 11 -42.84 26.45 -22.44
CA LEU D 11 -41.64 27.17 -22.02
C LEU D 11 -40.43 26.80 -22.89
N LEU D 12 -40.29 25.51 -23.22
CA LEU D 12 -39.11 25.03 -23.91
C LEU D 12 -39.33 24.86 -25.41
N GLU D 13 -40.45 25.35 -25.94
CA GLU D 13 -40.74 25.17 -27.36
C GLU D 13 -39.74 25.90 -28.24
N ASN D 14 -39.53 27.19 -27.96
CA ASN D 14 -38.58 28.00 -28.71
C ASN D 14 -37.42 28.47 -27.84
N TYR D 15 -37.10 27.70 -26.82
CA TYR D 15 -36.05 28.06 -25.87
C TYR D 15 -34.72 27.51 -26.36
N ASN D 16 -33.73 28.39 -26.49
CA ASN D 16 -32.37 28.03 -26.87
C ASN D 16 -31.48 28.20 -25.66
N LYS D 17 -30.98 27.09 -25.12
CA LYS D 17 -30.17 27.13 -23.90
C LYS D 17 -28.74 27.57 -24.15
N VAL D 18 -28.35 27.77 -25.41
CA VAL D 18 -27.01 28.28 -25.70
C VAL D 18 -26.90 29.75 -25.31
N ILE D 19 -28.00 30.49 -25.39
CA ILE D 19 -27.98 31.94 -25.21
C ILE D 19 -28.21 32.30 -23.75
N ARG D 20 -27.52 33.34 -23.29
CA ARG D 20 -27.65 33.79 -21.91
C ARG D 20 -29.06 34.30 -21.63
N PRO D 21 -29.52 34.20 -20.38
CA PRO D 21 -30.86 34.72 -19.99
C PRO D 21 -30.85 36.23 -19.77
N VAL D 22 -30.70 36.99 -20.85
CA VAL D 22 -30.73 38.44 -20.79
C VAL D 22 -31.71 38.95 -21.85
N GLU D 23 -32.46 39.99 -21.49
CA GLU D 23 -33.34 40.64 -22.47
C GLU D 23 -32.53 41.30 -23.57
N HIS D 24 -31.43 41.95 -23.21
CA HIS D 24 -30.56 42.61 -24.17
C HIS D 24 -29.13 42.11 -23.97
N HIS D 25 -28.38 41.99 -25.06
CA HIS D 25 -27.06 41.39 -24.99
C HIS D 25 -26.07 42.24 -24.21
N THR D 26 -26.37 43.52 -23.99
CA THR D 26 -25.50 44.37 -23.20
C THR D 26 -25.71 44.20 -21.70
N HIS D 27 -26.75 43.48 -21.29
CA HIS D 27 -26.98 43.20 -19.88
C HIS D 27 -26.14 42.02 -19.43
N PHE D 28 -26.05 41.84 -18.11
CA PHE D 28 -25.33 40.74 -17.53
C PHE D 28 -26.26 39.92 -16.64
N VAL D 29 -25.97 38.63 -16.56
CA VAL D 29 -26.73 37.71 -15.70
C VAL D 29 -26.12 37.78 -14.31
N ASP D 30 -26.93 38.16 -13.32
CA ASP D 30 -26.48 38.22 -11.93
C ASP D 30 -26.80 36.89 -11.26
N ILE D 31 -25.76 36.18 -10.84
CA ILE D 31 -25.89 34.86 -10.27
C ILE D 31 -25.42 34.89 -8.83
N THR D 32 -26.31 34.52 -7.90
CA THR D 32 -25.95 34.38 -6.50
C THR D 32 -25.40 32.99 -6.27
N VAL D 33 -24.19 32.91 -5.74
CA VAL D 33 -23.47 31.64 -5.57
C VAL D 33 -23.22 31.41 -4.09
N GLY D 34 -23.57 30.22 -3.62
CA GLY D 34 -23.28 29.82 -2.26
C GLY D 34 -22.75 28.40 -2.22
N LEU D 35 -22.00 28.11 -1.16
CA LEU D 35 -21.42 26.80 -0.96
C LEU D 35 -21.93 26.22 0.35
N GLN D 36 -22.35 24.95 0.31
CA GLN D 36 -22.84 24.26 1.49
C GLN D 36 -21.97 23.02 1.71
N LEU D 37 -21.17 23.04 2.76
CA LEU D 37 -20.24 21.94 3.04
C LEU D 37 -20.96 20.87 3.85
N ILE D 38 -21.18 19.71 3.25
CA ILE D 38 -21.88 18.62 3.92
C ILE D 38 -20.91 17.79 4.76
N GLN D 39 -19.75 17.44 4.20
CA GLN D 39 -18.82 16.57 4.90
C GLN D 39 -17.42 16.81 4.38
N LEU D 40 -16.45 16.84 5.29
CA LEU D 40 -15.03 16.86 4.93
C LEU D 40 -14.60 15.41 4.78
N ILE D 41 -14.60 14.92 3.54
CA ILE D 41 -14.41 13.49 3.31
C ILE D 41 -13.01 13.06 3.70
N SER D 42 -11.99 13.77 3.23
CA SER D 42 -10.63 13.39 3.61
C SER D 42 -9.67 14.54 3.32
N VAL D 43 -8.53 14.50 4.02
CA VAL D 43 -7.42 15.42 3.81
C VAL D 43 -6.17 14.56 3.66
N ASP D 44 -5.74 14.34 2.41
CA ASP D 44 -4.51 13.60 2.13
C ASP D 44 -3.37 14.59 2.18
N GLU D 45 -2.57 14.53 3.25
CA GLU D 45 -1.48 15.47 3.43
C GLU D 45 -0.31 15.15 2.51
N VAL D 46 -0.02 13.87 2.29
CA VAL D 46 1.11 13.49 1.45
C VAL D 46 0.88 13.95 0.02
N ASN D 47 -0.32 13.74 -0.51
CA ASN D 47 -0.67 14.20 -1.84
C ASN D 47 -1.23 15.62 -1.84
N GLN D 48 -1.46 16.20 -0.66
CA GLN D 48 -1.91 17.59 -0.52
C GLN D 48 -3.22 17.84 -1.25
N ILE D 49 -4.18 16.94 -1.03
CA ILE D 49 -5.49 17.03 -1.66
C ILE D 49 -6.57 16.90 -0.60
N VAL D 50 -7.49 17.85 -0.57
CA VAL D 50 -8.64 17.82 0.34
C VAL D 50 -9.87 17.52 -0.48
N GLU D 51 -10.56 16.44 -0.16
CA GLU D 51 -11.79 16.08 -0.85
C GLU D 51 -12.97 16.23 0.11
N THR D 52 -14.00 16.93 -0.36
CA THR D 52 -15.16 17.31 0.43
C THR D 52 -16.42 17.05 -0.36
N ASN D 53 -17.52 16.89 0.36
CA ASN D 53 -18.85 16.77 -0.22
C ASN D 53 -19.54 18.12 -0.06
N VAL D 54 -20.01 18.69 -1.17
CA VAL D 54 -20.56 20.03 -1.17
C VAL D 54 -21.85 20.07 -1.98
N ARG D 55 -22.65 21.11 -1.70
CA ARG D 55 -23.76 21.51 -2.55
C ARG D 55 -23.44 22.91 -3.07
N LEU D 56 -23.56 23.10 -4.38
CA LEU D 56 -23.19 24.37 -5.01
C LEU D 56 -24.48 25.11 -5.38
N ARG D 57 -24.95 25.94 -4.44
CA ARG D 57 -26.21 26.66 -4.64
C ARG D 57 -26.00 27.80 -5.62
N GLN D 58 -26.86 27.89 -6.62
CA GLN D 58 -26.78 28.92 -7.64
C GLN D 58 -28.18 29.44 -7.94
N GLN D 59 -28.35 30.75 -7.89
CA GLN D 59 -29.64 31.38 -8.12
C GLN D 59 -29.50 32.45 -9.17
N TRP D 60 -30.40 32.44 -10.16
CA TRP D 60 -30.37 33.48 -11.18
C TRP D 60 -31.73 33.58 -11.84
N ILE D 61 -31.97 34.72 -12.49
CA ILE D 61 -33.25 34.98 -13.14
C ILE D 61 -33.13 34.72 -14.63
N ASP D 62 -34.03 33.90 -15.16
CA ASP D 62 -34.14 33.64 -16.59
C ASP D 62 -35.43 34.27 -17.09
N VAL D 63 -35.31 35.35 -17.85
CA VAL D 63 -36.50 36.08 -18.30
C VAL D 63 -37.31 35.29 -19.31
N ARG D 64 -36.72 34.27 -19.94
CA ARG D 64 -37.44 33.46 -20.91
C ARG D 64 -38.28 32.37 -20.26
N LEU D 65 -38.16 32.17 -18.95
CA LEU D 65 -38.81 31.06 -18.26
C LEU D 65 -39.80 31.57 -17.22
N ARG D 66 -40.61 32.56 -17.59
CA ARG D 66 -41.63 33.10 -16.72
C ARG D 66 -43.01 32.85 -17.34
N TRP D 67 -44.01 32.75 -16.48
CA TRP D 67 -45.37 32.48 -16.93
C TRP D 67 -46.36 33.09 -15.95
N ASN D 68 -47.62 33.11 -16.36
CA ASN D 68 -48.70 33.56 -15.50
C ASN D 68 -49.39 32.36 -14.89
N PRO D 69 -49.37 32.20 -13.57
CA PRO D 69 -49.98 31.00 -12.96
C PRO D 69 -51.47 30.86 -13.26
N ALA D 70 -52.18 31.96 -13.49
CA ALA D 70 -53.61 31.87 -13.76
C ALA D 70 -53.90 31.08 -15.03
N ASP D 71 -53.01 31.14 -16.01
CA ASP D 71 -53.19 30.41 -17.26
C ASP D 71 -52.86 28.93 -17.13
N TYR D 72 -52.24 28.50 -16.03
CA TYR D 72 -51.81 27.12 -15.87
C TYR D 72 -52.27 26.57 -14.54
N GLY D 73 -53.51 26.86 -14.15
CA GLY D 73 -54.10 26.25 -12.98
C GLY D 73 -53.50 26.67 -11.66
N GLY D 74 -52.85 27.82 -11.61
CA GLY D 74 -52.25 28.29 -10.38
C GLY D 74 -50.87 27.77 -10.08
N ILE D 75 -50.22 27.11 -11.04
CA ILE D 75 -48.88 26.57 -10.81
C ILE D 75 -47.90 27.72 -10.67
N LYS D 76 -47.15 27.73 -9.55
CA LYS D 76 -46.18 28.77 -9.29
C LYS D 76 -44.74 28.28 -9.24
N LYS D 77 -44.51 26.98 -9.13
CA LYS D 77 -43.17 26.42 -9.09
C LYS D 77 -43.17 25.07 -9.80
N ILE D 78 -42.13 24.82 -10.58
CA ILE D 78 -41.95 23.54 -11.27
C ILE D 78 -40.52 23.08 -11.05
N ARG D 79 -40.29 21.80 -11.35
CA ARG D 79 -38.96 21.21 -11.32
C ARG D 79 -38.56 20.85 -12.75
N LEU D 80 -37.41 21.34 -13.18
CA LEU D 80 -36.93 21.08 -14.52
C LEU D 80 -35.55 20.45 -14.49
N PRO D 81 -35.25 19.54 -15.42
CA PRO D 81 -33.88 19.04 -15.54
C PRO D 81 -32.93 20.17 -15.87
N SER D 82 -31.74 20.14 -15.26
CA SER D 82 -30.77 21.21 -15.48
C SER D 82 -30.25 21.23 -16.90
N ASP D 83 -30.32 20.11 -17.62
CA ASP D 83 -29.83 20.07 -19.00
C ASP D 83 -30.75 20.77 -19.98
N ASP D 84 -31.97 21.11 -19.57
CA ASP D 84 -32.92 21.74 -20.48
C ASP D 84 -32.82 23.25 -20.52
N VAL D 85 -32.02 23.86 -19.64
CA VAL D 85 -31.94 25.31 -19.55
C VAL D 85 -30.48 25.74 -19.55
N TRP D 86 -30.28 27.02 -19.83
CA TRP D 86 -28.95 27.61 -19.73
C TRP D 86 -28.44 27.54 -18.29
N LEU D 87 -27.19 27.15 -18.13
CA LEU D 87 -26.60 27.03 -16.81
C LEU D 87 -25.28 27.79 -16.76
N PRO D 88 -24.94 28.36 -15.60
CA PRO D 88 -23.61 28.94 -15.44
C PRO D 88 -22.53 27.87 -15.47
N ASP D 89 -21.40 28.27 -16.02
CA ASP D 89 -20.24 27.38 -16.15
C ASP D 89 -19.30 27.64 -14.99
N LEU D 90 -19.72 27.29 -13.80
CA LEU D 90 -18.85 27.41 -12.64
C LEU D 90 -17.78 26.30 -12.68
N VAL D 91 -16.53 26.71 -12.46
CA VAL D 91 -15.39 25.81 -12.55
C VAL D 91 -14.58 25.91 -11.27
N LEU D 92 -14.21 24.77 -10.70
CA LEU D 92 -13.30 24.74 -9.57
C LEU D 92 -11.89 24.91 -10.09
N TYR D 93 -11.29 26.07 -9.84
CA TYR D 93 -9.98 26.37 -10.42
C TYR D 93 -8.91 25.43 -9.90
N ASN D 94 -8.84 25.25 -8.59
CA ASN D 94 -7.78 24.42 -8.00
C ASN D 94 -8.20 22.96 -7.89
N ASN D 95 -8.69 22.42 -8.99
CA ASN D 95 -9.01 21.00 -9.04
C ASN D 95 -7.72 20.19 -9.16
N ALA D 96 -7.61 19.15 -8.34
CA ALA D 96 -6.42 18.30 -8.32
C ALA D 96 -6.68 16.90 -8.83
N ASP D 97 -7.82 16.31 -8.51
CA ASP D 97 -8.13 14.94 -8.95
C ASP D 97 -9.65 14.84 -9.06
N GLY D 98 -10.17 15.05 -10.26
CA GLY D 98 -11.60 14.99 -10.43
C GLY D 98 -12.14 15.84 -11.57
N ASP D 99 -13.24 16.53 -11.32
CA ASP D 99 -13.93 17.30 -12.34
C ASP D 99 -13.83 18.79 -12.02
N PHE D 100 -13.64 19.60 -13.06
CA PHE D 100 -13.60 21.05 -12.88
C PHE D 100 -14.99 21.64 -12.65
N ALA D 101 -16.02 21.06 -13.27
CA ALA D 101 -17.37 21.59 -13.20
C ALA D 101 -18.31 20.55 -12.60
N ILE D 102 -19.60 20.92 -12.51
CA ILE D 102 -20.61 20.02 -11.99
C ILE D 102 -20.90 18.93 -13.01
N VAL D 103 -21.02 17.69 -12.55
CA VAL D 103 -21.26 16.56 -13.42
C VAL D 103 -22.54 15.81 -13.08
N HIS D 104 -23.14 16.04 -11.92
CA HIS D 104 -24.33 15.28 -11.54
C HIS D 104 -25.57 15.72 -12.31
N MET D 105 -25.76 17.03 -12.48
CA MET D 105 -26.86 17.58 -13.27
C MET D 105 -28.22 17.15 -12.71
N THR D 106 -28.48 17.58 -11.48
CA THR D 106 -29.77 17.33 -10.86
C THR D 106 -30.79 18.37 -11.32
N LYS D 107 -32.06 18.11 -10.99
CA LYS D 107 -33.11 19.04 -11.38
C LYS D 107 -33.01 20.33 -10.57
N LEU D 108 -33.61 21.39 -11.10
CA LEU D 108 -33.59 22.70 -10.48
C LEU D 108 -35.02 23.20 -10.27
N LEU D 109 -35.15 24.19 -9.40
CA LEU D 109 -36.44 24.79 -9.08
C LEU D 109 -36.61 26.06 -9.91
N LEU D 110 -37.78 26.20 -10.53
CA LEU D 110 -38.12 27.36 -11.33
C LEU D 110 -39.49 27.88 -10.91
N ASP D 111 -39.57 29.17 -10.61
CA ASP D 111 -40.84 29.80 -10.24
C ASP D 111 -41.34 30.67 -11.39
N TYR D 112 -42.58 31.14 -11.23
CA TYR D 112 -43.26 31.83 -12.33
C TYR D 112 -42.63 33.17 -12.68
N THR D 113 -41.80 33.72 -11.81
CA THR D 113 -41.13 34.99 -12.08
C THR D 113 -39.82 34.81 -12.83
N GLY D 114 -39.42 33.58 -13.12
CA GLY D 114 -38.18 33.31 -13.82
C GLY D 114 -36.99 33.02 -12.92
N LYS D 115 -37.14 33.13 -11.61
CA LYS D 115 -36.03 32.83 -10.71
C LYS D 115 -35.78 31.33 -10.67
N ILE D 116 -34.51 30.96 -10.73
CA ILE D 116 -34.05 29.58 -10.77
C ILE D 116 -33.09 29.37 -9.61
N MET D 117 -33.36 28.35 -8.81
CA MET D 117 -32.48 27.88 -7.75
C MET D 117 -32.02 26.47 -8.10
N TRP D 118 -30.71 26.27 -8.12
CA TRP D 118 -30.11 24.99 -8.50
C TRP D 118 -29.06 24.63 -7.47
N THR D 119 -29.21 23.47 -6.84
CA THR D 119 -28.31 23.06 -5.76
C THR D 119 -27.76 21.66 -6.08
N PRO D 120 -26.84 21.57 -7.04
CA PRO D 120 -26.27 20.26 -7.37
C PRO D 120 -25.23 19.84 -6.36
N PRO D 121 -25.12 18.55 -6.08
CA PRO D 121 -24.05 18.04 -5.25
C PRO D 121 -22.75 17.90 -6.03
N ALA D 122 -21.65 17.80 -5.28
CA ALA D 122 -20.35 17.63 -5.91
C ALA D 122 -19.38 17.07 -4.89
N ILE D 123 -18.40 16.33 -5.40
CA ILE D 123 -17.24 15.89 -4.63
C ILE D 123 -16.06 16.72 -5.12
N PHE D 124 -15.67 17.72 -4.33
CA PHE D 124 -14.55 18.58 -4.68
C PHE D 124 -13.27 17.99 -4.13
N LYS D 125 -12.37 17.56 -5.00
CA LYS D 125 -11.04 17.11 -4.61
C LYS D 125 -10.07 18.20 -5.04
N SER D 126 -9.89 19.18 -4.16
CA SER D 126 -9.11 20.37 -4.47
C SER D 126 -7.71 20.27 -3.89
N TYR D 127 -6.81 21.06 -4.46
CA TYR D 127 -5.44 21.11 -4.00
C TYR D 127 -5.33 22.01 -2.78
N CYS D 128 -4.75 21.49 -1.70
CA CYS D 128 -4.44 22.29 -0.53
C CYS D 128 -2.95 22.15 -0.22
N GLU D 129 -2.24 23.26 -0.25
CA GLU D 129 -0.84 23.30 0.15
C GLU D 129 -0.80 23.27 1.68
N ILE D 130 -0.66 22.08 2.23
CA ILE D 130 -0.77 21.90 3.67
C ILE D 130 0.51 22.40 4.34
N ILE D 131 0.37 23.06 5.48
CA ILE D 131 1.50 23.55 6.25
C ILE D 131 1.86 22.50 7.28
N VAL D 132 3.11 22.03 7.23
CA VAL D 132 3.53 20.88 8.02
C VAL D 132 4.34 21.29 9.24
N THR D 133 4.37 22.58 9.57
CA THR D 133 5.23 23.07 10.64
C THR D 133 4.86 22.45 11.99
N HIS D 134 3.65 22.72 12.47
CA HIS D 134 3.23 22.24 13.78
C HIS D 134 2.50 20.90 13.71
N PHE D 135 3.06 19.94 13.01
CA PHE D 135 2.42 18.62 12.95
C PHE D 135 2.67 17.87 14.26
N PRO D 136 1.64 17.26 14.85
CA PRO D 136 0.25 17.20 14.40
C PRO D 136 -0.68 18.19 15.07
N PHE D 137 -0.16 19.20 15.76
CA PHE D 137 -1.00 20.24 16.37
C PHE D 137 -1.16 21.42 15.42
N ASP D 138 -1.53 21.15 14.18
CA ASP D 138 -1.49 22.12 13.10
C ASP D 138 -2.88 22.45 12.59
N GLN D 139 -3.08 23.70 12.22
CA GLN D 139 -4.29 24.11 11.50
C GLN D 139 -3.96 24.25 10.03
N GLN D 140 -4.89 23.85 9.18
CA GLN D 140 -4.72 23.92 7.73
C GLN D 140 -5.75 24.88 7.15
N ASN D 141 -5.30 25.74 6.26
CA ASN D 141 -6.15 26.70 5.57
C ASN D 141 -6.24 26.25 4.12
N CYS D 142 -7.44 25.83 3.69
CA CYS D 142 -7.62 25.28 2.36
C CYS D 142 -8.77 26.00 1.69
N THR D 143 -8.67 26.19 0.38
CA THR D 143 -9.63 27.02 -0.33
C THR D 143 -10.21 26.28 -1.52
N MET D 144 -11.36 26.79 -1.97
CA MET D 144 -12.01 26.39 -3.20
C MET D 144 -12.30 27.65 -4.00
N LYS D 145 -11.81 27.70 -5.23
CA LYS D 145 -11.96 28.86 -6.10
C LYS D 145 -12.93 28.52 -7.22
N LEU D 146 -14.00 29.29 -7.35
CA LEU D 146 -15.06 29.03 -8.31
C LEU D 146 -15.29 30.25 -9.18
N GLY D 147 -15.33 30.05 -10.49
CA GLY D 147 -15.50 31.16 -11.42
C GLY D 147 -16.29 30.74 -12.65
N ILE D 148 -16.69 31.75 -13.41
CA ILE D 148 -17.53 31.52 -14.60
C ILE D 148 -16.71 30.87 -15.72
N TRP D 149 -15.46 31.27 -15.86
CA TRP D 149 -14.42 30.67 -16.71
C TRP D 149 -14.57 31.03 -18.20
N THR D 150 -15.69 31.57 -18.65
CA THR D 150 -15.78 31.97 -20.06
C THR D 150 -16.41 33.33 -20.28
N TYR D 151 -17.22 33.84 -19.37
CA TYR D 151 -17.84 35.14 -19.50
C TYR D 151 -17.18 36.11 -18.51
N ASP D 152 -16.90 37.32 -18.99
CA ASP D 152 -16.33 38.34 -18.12
C ASP D 152 -17.40 38.90 -17.20
N GLY D 153 -17.00 39.84 -16.34
CA GLY D 153 -17.92 40.40 -15.37
C GLY D 153 -19.07 41.17 -15.98
N THR D 154 -18.97 41.52 -17.25
CA THR D 154 -20.05 42.22 -17.95
C THR D 154 -21.07 41.29 -18.57
N LYS D 155 -20.92 39.98 -18.41
CA LYS D 155 -21.83 39.01 -19.00
C LYS D 155 -22.56 38.15 -17.98
N VAL D 156 -21.82 37.47 -17.11
CA VAL D 156 -22.42 36.52 -16.16
C VAL D 156 -21.91 36.78 -14.75
N SER D 157 -21.76 38.06 -14.39
CA SER D 157 -21.32 38.45 -13.06
C SER D 157 -21.97 37.60 -11.97
N ILE D 158 -21.18 37.25 -10.96
CA ILE D 158 -21.63 36.43 -9.84
C ILE D 158 -21.36 37.17 -8.53
N SER D 159 -22.11 36.81 -7.50
CA SER D 159 -21.96 37.37 -6.17
C SER D 159 -22.16 36.28 -5.12
N PRO D 160 -21.49 36.37 -3.99
CA PRO D 160 -21.67 35.34 -2.95
C PRO D 160 -23.02 35.48 -2.25
N GLU D 161 -23.62 34.32 -1.95
CA GLU D 161 -24.88 34.31 -1.24
C GLU D 161 -24.74 34.89 0.16
N SER D 162 -23.67 34.53 0.85
CA SER D 162 -23.37 35.10 2.16
C SER D 162 -21.84 35.14 2.31
N ASP D 163 -21.39 35.91 3.30
CA ASP D 163 -19.96 36.04 3.52
C ASP D 163 -19.31 34.76 4.02
N ARG D 164 -20.09 33.77 4.44
CA ARG D 164 -19.55 32.53 4.96
C ARG D 164 -20.22 31.34 4.28
N PRO D 165 -19.48 30.27 4.04
CA PRO D 165 -20.11 29.04 3.54
C PRO D 165 -21.05 28.44 4.58
N ASP D 166 -22.07 27.75 4.09
CA ASP D 166 -23.11 27.20 4.95
C ASP D 166 -22.65 25.86 5.50
N LEU D 167 -22.61 25.74 6.82
CA LEU D 167 -22.23 24.50 7.49
C LEU D 167 -23.32 24.03 8.46
N SER D 168 -24.57 24.42 8.22
CA SER D 168 -25.65 24.05 9.13
C SER D 168 -25.91 22.55 9.12
N THR D 169 -25.62 21.88 8.01
CA THR D 169 -25.79 20.43 7.89
C THR D 169 -24.45 19.72 7.73
N PHE D 170 -23.41 20.23 8.37
CA PHE D 170 -22.07 19.69 8.21
C PHE D 170 -21.85 18.57 9.22
N MET D 171 -21.52 17.38 8.70
CA MET D 171 -21.19 16.27 9.57
C MET D 171 -19.85 16.51 10.25
N GLU D 172 -19.80 16.31 11.55
CA GLU D 172 -18.56 16.50 12.29
C GLU D 172 -17.49 15.53 11.78
N SER D 173 -16.31 16.07 11.50
CA SER D 173 -15.27 15.25 10.90
C SER D 173 -14.73 14.22 11.86
N GLY D 174 -14.53 14.60 13.12
CA GLY D 174 -13.84 13.75 14.07
C GLY D 174 -12.33 13.84 13.98
N GLU D 175 -11.80 14.07 12.79
CA GLU D 175 -10.37 14.25 12.58
C GLU D 175 -9.96 15.72 12.50
N TRP D 176 -10.89 16.62 12.18
CA TRP D 176 -10.60 18.04 12.06
C TRP D 176 -11.71 18.85 12.71
N VAL D 177 -11.37 20.04 13.17
CA VAL D 177 -12.32 20.98 13.75
C VAL D 177 -12.31 22.24 12.91
N MET D 178 -13.49 22.65 12.45
CA MET D 178 -13.60 23.85 11.63
C MET D 178 -13.46 25.11 12.47
N LYS D 179 -12.24 25.62 12.58
CA LYS D 179 -12.02 26.84 13.34
C LYS D 179 -12.72 28.04 12.71
N ASP D 180 -12.63 28.16 11.38
CA ASP D 180 -13.22 29.31 10.72
C ASP D 180 -13.47 28.98 9.26
N TYR D 181 -14.32 29.77 8.62
CA TYR D 181 -14.62 29.60 7.21
C TYR D 181 -15.25 30.87 6.67
N ARG D 182 -14.83 31.28 5.48
CA ARG D 182 -15.31 32.54 4.92
C ARG D 182 -15.09 32.57 3.41
N GLY D 183 -15.94 33.30 2.71
CA GLY D 183 -15.84 33.44 1.27
C GLY D 183 -15.56 34.88 0.87
N TRP D 184 -14.70 35.05 -0.13
CA TRP D 184 -14.33 36.37 -0.65
C TRP D 184 -14.46 36.40 -2.17
N LYS D 185 -14.95 37.51 -2.68
CA LYS D 185 -15.13 37.69 -4.12
C LYS D 185 -14.00 38.53 -4.69
N HIS D 186 -13.46 38.08 -5.82
CA HIS D 186 -12.29 38.70 -6.43
C HIS D 186 -12.55 39.01 -7.90
N TRP D 187 -11.95 40.11 -8.36
CA TRP D 187 -11.90 40.51 -9.75
C TRP D 187 -10.47 40.32 -10.22
N VAL D 188 -10.26 39.43 -11.20
CA VAL D 188 -8.93 39.03 -11.61
C VAL D 188 -8.76 39.28 -13.10
N TYR D 189 -7.62 39.85 -13.47
CA TYR D 189 -7.21 40.00 -14.86
C TYR D 189 -6.12 38.99 -15.15
N TYR D 190 -6.40 38.07 -16.08
CA TYR D 190 -5.48 36.99 -16.39
C TYR D 190 -4.61 37.35 -17.59
N THR D 191 -3.57 36.54 -17.80
CA THR D 191 -2.69 36.74 -18.94
C THR D 191 -3.43 36.54 -20.26
N CYS D 192 -4.43 35.66 -20.28
CA CYS D 192 -5.26 35.49 -21.48
C CYS D 192 -5.92 36.80 -21.87
N CYS D 193 -6.55 37.45 -20.89
CA CYS D 193 -7.58 38.46 -21.16
C CYS D 193 -7.34 39.64 -20.25
N PRO D 194 -6.28 40.41 -20.48
CA PRO D 194 -5.95 41.51 -19.56
C PRO D 194 -6.88 42.70 -19.66
N ASP D 195 -7.69 42.80 -20.71
CA ASP D 195 -8.52 43.98 -20.90
C ASP D 195 -9.75 43.99 -19.98
N THR D 196 -10.30 42.82 -19.66
CA THR D 196 -11.53 42.75 -18.90
C THR D 196 -11.36 41.84 -17.69
N PRO D 197 -12.04 42.16 -16.59
CA PRO D 197 -11.91 41.34 -15.37
C PRO D 197 -12.88 40.16 -15.36
N TYR D 198 -12.41 39.06 -14.80
CA TYR D 198 -13.22 37.88 -14.56
C TYR D 198 -13.44 37.72 -13.06
N LEU D 199 -14.64 37.32 -12.69
CA LEU D 199 -15.06 37.29 -11.31
C LEU D 199 -14.93 35.87 -10.75
N ASP D 200 -14.51 35.76 -9.49
CA ASP D 200 -14.45 34.46 -8.85
C ASP D 200 -14.78 34.62 -7.38
N ILE D 201 -15.14 33.51 -6.75
CA ILE D 201 -15.40 33.45 -5.32
C ILE D 201 -14.52 32.36 -4.73
N THR D 202 -13.77 32.71 -3.70
CA THR D 202 -12.88 31.78 -3.01
C THR D 202 -13.41 31.55 -1.61
N TYR D 203 -13.73 30.30 -1.30
CA TYR D 203 -14.17 29.90 0.03
C TYR D 203 -13.00 29.22 0.74
N HIS D 204 -12.57 29.79 1.86
CA HIS D 204 -11.47 29.23 2.62
C HIS D 204 -11.97 28.68 3.95
N PHE D 205 -11.43 27.52 4.32
CA PHE D 205 -11.72 26.84 5.57
C PHE D 205 -10.41 26.71 6.35
N ILE D 206 -10.42 27.20 7.58
CA ILE D 206 -9.30 27.02 8.51
C ILE D 206 -9.75 25.97 9.51
N MET D 207 -9.14 24.80 9.44
CA MET D 207 -9.54 23.65 10.24
C MET D 207 -8.38 23.17 11.09
N GLN D 208 -8.64 22.99 12.39
CA GLN D 208 -7.64 22.55 13.34
C GLN D 208 -7.68 21.04 13.47
N ARG D 209 -6.49 20.42 13.51
CA ARG D 209 -6.40 18.98 13.63
C ARG D 209 -6.58 18.53 15.06
N ILE D 210 -7.31 17.43 15.25
CA ILE D 210 -7.44 16.79 16.56
C ILE D 210 -6.26 15.82 16.69
N PRO D 211 -5.33 16.05 17.61
CA PRO D 211 -4.06 15.31 17.61
C PRO D 211 -4.05 14.02 18.42
N LEU D 212 -5.19 13.60 18.98
CA LEU D 212 -5.18 12.45 19.90
C LEU D 212 -4.64 11.20 19.24
N TYR D 213 -5.08 10.91 18.02
CA TYR D 213 -4.61 9.71 17.32
C TYR D 213 -3.10 9.74 17.13
N PHE D 214 -2.59 10.84 16.57
CA PHE D 214 -1.15 10.93 16.33
C PHE D 214 -0.37 11.02 17.63
N VAL D 215 -0.92 11.70 18.64
CA VAL D 215 -0.26 11.75 19.94
C VAL D 215 -0.04 10.33 20.46
N VAL D 216 -1.13 9.56 20.54
CA VAL D 216 -1.06 8.21 21.10
C VAL D 216 -0.15 7.32 20.26
N ASN D 217 -0.24 7.42 18.93
CA ASN D 217 0.49 6.50 18.08
C ASN D 217 1.96 6.86 17.87
N VAL D 218 2.36 8.11 18.11
CA VAL D 218 3.71 8.52 17.80
C VAL D 218 4.40 9.13 19.02
N ILE D 219 3.77 10.14 19.63
CA ILE D 219 4.50 10.99 20.56
C ILE D 219 4.82 10.24 21.85
N ILE D 220 3.87 9.46 22.37
CA ILE D 220 4.11 8.74 23.62
C ILE D 220 5.28 7.76 23.51
N PRO D 221 5.35 6.89 22.48
CA PRO D 221 6.54 6.01 22.39
C PRO D 221 7.85 6.77 22.30
N CYS D 222 7.89 7.90 21.60
CA CYS D 222 9.12 8.68 21.51
C CYS D 222 9.55 9.19 22.89
N LEU D 223 8.59 9.67 23.68
CA LEU D 223 8.92 10.11 25.04
C LEU D 223 9.41 8.95 25.89
N LEU D 224 8.76 7.78 25.75
CA LEU D 224 9.22 6.60 26.49
C LEU D 224 10.66 6.27 26.13
N PHE D 225 11.00 6.31 24.85
CA PHE D 225 12.35 5.94 24.44
C PHE D 225 13.37 7.01 24.82
N SER D 226 12.96 8.28 24.90
CA SER D 226 13.88 9.30 25.43
C SER D 226 14.19 9.05 26.91
N PHE D 227 13.15 8.76 27.69
CA PHE D 227 13.39 8.38 29.09
C PHE D 227 14.28 7.14 29.17
N LEU D 228 14.16 6.24 28.18
CA LEU D 228 15.03 5.08 28.13
C LEU D 228 16.47 5.47 27.82
N THR D 229 16.69 6.60 27.15
CA THR D 229 18.06 7.08 26.80
C THR D 229 18.87 7.49 28.03
N GLY D 230 18.28 8.24 28.95
CA GLY D 230 18.99 8.64 30.17
C GLY D 230 19.35 7.46 31.03
N LEU D 231 18.56 6.38 30.95
CA LEU D 231 18.76 5.22 31.82
C LEU D 231 20.13 4.61 31.57
N VAL D 232 20.66 4.72 30.36
CA VAL D 232 21.97 4.09 30.05
C VAL D 232 23.03 4.70 30.95
N PHE D 233 22.89 5.97 31.33
CA PHE D 233 23.87 6.59 32.25
C PHE D 233 23.87 5.94 33.64
N TYR D 234 22.74 5.47 34.12
CA TYR D 234 22.67 4.84 35.46
C TYR D 234 22.96 3.35 35.37
N LEU D 235 23.02 2.77 34.17
CA LEU D 235 23.26 1.33 33.98
C LEU D 235 24.75 1.10 34.16
N PRO D 236 25.17 0.26 35.12
CA PRO D 236 26.58 0.09 35.41
C PRO D 236 27.30 -0.53 34.22
N THR D 237 28.55 -0.15 33.98
CA THR D 237 29.25 -0.67 32.79
C THR D 237 29.58 -2.13 33.05
N ASP D 238 29.44 -2.56 34.29
CA ASP D 238 29.92 -3.89 34.61
C ASP D 238 28.93 -4.98 34.18
N SER D 239 27.70 -4.62 33.84
CA SER D 239 26.71 -5.57 33.38
C SER D 239 26.70 -5.74 31.87
N GLY D 240 27.52 -4.98 31.15
CA GLY D 240 27.30 -4.90 29.73
C GLY D 240 25.96 -4.23 29.46
N GLU D 241 25.38 -4.57 28.31
CA GLU D 241 24.00 -4.22 27.98
C GLU D 241 23.79 -2.72 27.79
N LYS D 242 24.80 -1.90 28.04
CA LYS D 242 24.65 -0.46 27.79
C LYS D 242 24.45 -0.19 26.30
N MET D 243 25.35 -0.72 25.47
CA MET D 243 25.19 -0.58 24.04
C MET D 243 23.92 -1.26 23.55
N THR D 244 23.52 -2.36 24.21
CA THR D 244 22.33 -3.08 23.78
C THR D 244 21.11 -2.17 23.72
N LEU D 245 20.68 -1.65 24.87
CA LEU D 245 19.48 -0.83 24.85
C LEU D 245 19.74 0.59 24.36
N SER D 246 20.99 1.06 24.39
CA SER D 246 21.30 2.33 23.73
C SER D 246 20.97 2.25 22.24
N ILE D 247 21.50 1.24 21.55
CA ILE D 247 21.23 1.08 20.13
C ILE D 247 19.78 0.69 19.90
N SER D 248 19.17 -0.05 20.83
CA SER D 248 17.75 -0.38 20.69
C SER D 248 16.90 0.88 20.68
N VAL D 249 17.18 1.81 21.59
CA VAL D 249 16.44 3.07 21.63
C VAL D 249 16.73 3.89 20.38
N LEU D 250 17.98 3.91 19.94
CA LEU D 250 18.31 4.66 18.71
C LEU D 250 17.54 4.12 17.52
N LEU D 251 17.48 2.78 17.37
CA LEU D 251 16.74 2.18 16.27
C LEU D 251 15.24 2.46 16.39
N SER D 252 14.70 2.43 17.60
CA SER D 252 13.28 2.74 17.78
C SER D 252 12.98 4.18 17.37
N LEU D 253 13.83 5.11 17.77
CA LEU D 253 13.64 6.51 17.38
C LEU D 253 13.77 6.67 15.87
N THR D 254 14.69 5.94 15.25
CA THR D 254 14.82 5.99 13.80
C THR D 254 13.56 5.47 13.12
N VAL D 255 13.00 4.37 13.62
CA VAL D 255 11.78 3.82 13.03
C VAL D 255 10.63 4.81 13.15
N PHE D 256 10.52 5.46 14.31
CA PHE D 256 9.41 6.41 14.48
C PHE D 256 9.60 7.66 13.63
N LEU D 257 10.85 8.11 13.46
CA LEU D 257 11.11 9.19 12.51
C LEU D 257 10.72 8.79 11.10
N LEU D 258 11.00 7.53 10.72
CA LEU D 258 10.60 7.04 9.41
C LEU D 258 9.08 7.08 9.25
N VAL D 259 8.37 6.67 10.30
CA VAL D 259 6.91 6.72 10.26
C VAL D 259 6.43 8.16 10.08
N ILE D 260 7.01 9.09 10.84
CA ILE D 260 6.63 10.50 10.73
C ILE D 260 6.87 11.01 9.31
N VAL D 261 8.00 10.63 8.71
CA VAL D 261 8.29 11.03 7.34
C VAL D 261 7.24 10.48 6.39
N GLU D 262 6.85 9.21 6.57
CA GLU D 262 5.81 8.65 5.73
C GLU D 262 4.47 9.35 5.93
N LEU D 263 4.25 9.98 7.09
CA LEU D 263 2.99 10.66 7.35
C LEU D 263 2.89 12.02 6.64
N ILE D 264 4.01 12.69 6.41
CA ILE D 264 4.00 14.08 5.95
C ILE D 264 4.34 14.16 4.46
N PRO D 265 3.93 15.22 3.77
CA PRO D 265 4.34 15.38 2.37
C PRO D 265 5.84 15.64 2.24
N SER D 266 6.39 15.23 1.12
CA SER D 266 7.81 15.39 0.82
C SER D 266 8.19 16.82 0.48
N THR D 267 7.29 17.79 0.61
CA THR D 267 7.61 19.17 0.27
C THR D 267 8.65 19.73 1.23
N SER D 268 9.47 20.65 0.72
CA SER D 268 10.56 21.24 1.47
C SER D 268 10.29 22.69 1.85
N SER D 269 9.02 23.09 1.88
CA SER D 269 8.70 24.47 2.25
C SER D 269 9.08 24.76 3.70
N ALA D 270 8.83 23.81 4.60
CA ALA D 270 9.12 24.01 6.01
C ALA D 270 9.48 22.67 6.64
N VAL D 271 10.18 22.74 7.77
CA VAL D 271 10.59 21.56 8.51
C VAL D 271 9.63 21.38 9.68
N PRO D 272 8.96 20.24 9.79
CA PRO D 272 8.03 20.04 10.93
C PRO D 272 8.75 20.10 12.26
N LEU D 273 8.08 20.66 13.26
CA LEU D 273 8.65 20.69 14.59
C LEU D 273 8.77 19.30 15.20
N ILE D 274 7.85 18.40 14.86
CA ILE D 274 7.97 17.02 15.31
C ILE D 274 9.22 16.38 14.70
N GLY D 275 9.48 16.66 13.43
CA GLY D 275 10.69 16.15 12.80
C GLY D 275 11.95 16.72 13.41
N LYS D 276 11.95 18.02 13.71
CA LYS D 276 13.09 18.63 14.39
C LYS D 276 13.31 18.01 15.76
N TYR D 277 12.22 17.77 16.50
CA TYR D 277 12.35 17.14 17.81
C TYR D 277 12.94 15.75 17.69
N MET D 278 12.46 14.96 16.72
CA MET D 278 12.98 13.62 16.54
C MET D 278 14.45 13.65 16.12
N LEU D 279 14.82 14.58 15.24
CA LEU D 279 16.22 14.66 14.81
C LEU D 279 17.13 15.07 15.96
N PHE D 280 16.70 16.04 16.78
CA PHE D 280 17.50 16.44 17.93
C PHE D 280 17.59 15.31 18.95
N THR D 281 16.50 14.56 19.13
CA THR D 281 16.55 13.41 20.03
C THR D 281 17.52 12.35 19.52
N MET D 282 17.53 12.12 18.20
CA MET D 282 18.46 11.17 17.62
C MET D 282 19.91 11.63 17.79
N ILE D 283 20.15 12.94 17.64
CA ILE D 283 21.49 13.46 17.85
C ILE D 283 21.89 13.31 19.32
N PHE D 284 20.95 13.53 20.24
CA PHE D 284 21.22 13.33 21.66
C PHE D 284 21.55 11.87 21.96
N VAL D 285 20.81 10.95 21.33
CA VAL D 285 21.09 9.52 21.52
C VAL D 285 22.46 9.17 20.96
N ILE D 286 22.82 9.74 19.81
CA ILE D 286 24.14 9.47 19.24
C ILE D 286 25.23 9.96 20.18
N SER D 287 25.07 11.16 20.73
CA SER D 287 26.05 11.68 21.69
C SER D 287 26.12 10.80 22.93
N SER D 288 24.96 10.34 23.42
CA SER D 288 24.94 9.45 24.57
C SER D 288 25.67 8.15 24.28
N ILE D 289 25.51 7.63 23.06
CA ILE D 289 26.20 6.40 22.67
C ILE D 289 27.70 6.63 22.61
N ILE D 290 28.13 7.78 22.09
CA ILE D 290 29.56 8.09 22.03
C ILE D 290 30.14 8.17 23.45
N ILE D 291 29.45 8.87 24.35
CA ILE D 291 29.91 8.96 25.72
C ILE D 291 29.87 7.59 26.40
N THR D 292 28.89 6.76 26.04
CA THR D 292 28.84 5.40 26.57
C THR D 292 30.05 4.59 26.15
N VAL D 293 30.45 4.70 24.89
CA VAL D 293 31.64 4.02 24.40
C VAL D 293 32.87 4.52 25.14
N VAL D 294 32.95 5.84 25.34
CA VAL D 294 34.09 6.40 26.07
C VAL D 294 34.13 5.86 27.50
N VAL D 295 32.97 5.78 28.15
CA VAL D 295 32.90 5.30 29.53
C VAL D 295 33.29 3.84 29.62
N ILE D 296 32.81 3.02 28.67
CA ILE D 296 33.19 1.60 28.68
C ILE D 296 34.68 1.43 28.47
N ASN D 297 35.25 2.20 27.53
CA ASN D 297 36.69 2.13 27.29
C ASN D 297 37.46 2.56 28.53
N THR D 298 37.01 3.61 29.20
CA THR D 298 37.66 4.06 30.43
C THR D 298 37.55 3.00 31.53
N HIS D 299 36.39 2.36 31.64
CA HIS D 299 36.19 1.34 32.66
C HIS D 299 37.12 0.15 32.45
N HIS D 300 37.30 -0.27 31.20
CA HIS D 300 38.16 -1.41 30.90
C HIS D 300 39.60 -1.00 30.60
N ARG D 301 40.03 0.18 31.05
CA ARG D 301 41.41 0.59 30.83
C ARG D 301 42.37 -0.33 31.54
N SER D 302 43.38 -0.79 30.82
CA SER D 302 44.41 -1.64 31.40
C SER D 302 45.25 -0.82 32.38
N PRO D 303 45.35 -1.23 33.64
CA PRO D 303 46.15 -0.45 34.60
C PRO D 303 47.62 -0.30 34.22
N SER D 304 48.19 -1.29 33.54
CA SER D 304 49.61 -1.27 33.22
C SER D 304 49.88 -0.42 31.99
N THR D 305 49.28 -0.79 30.85
CA THR D 305 49.59 -0.12 29.59
C THR D 305 49.16 1.34 29.60
N HIS D 306 48.00 1.63 30.17
CA HIS D 306 47.50 2.99 30.27
C HIS D 306 47.65 3.49 31.70
N THR D 307 48.23 4.67 31.85
CA THR D 307 48.38 5.32 33.14
C THR D 307 47.50 6.56 33.19
N MET D 308 46.90 6.82 34.33
CA MET D 308 45.95 7.92 34.46
C MET D 308 46.69 9.25 34.49
N PRO D 309 46.32 10.20 33.62
CA PRO D 309 46.90 11.55 33.72
C PRO D 309 46.51 12.22 35.02
N GLN D 310 47.34 13.17 35.45
CA GLN D 310 47.18 13.77 36.77
C GLN D 310 45.92 14.62 36.85
N TRP D 311 45.67 15.47 35.84
CA TRP D 311 44.58 16.43 35.92
C TRP D 311 43.23 15.74 36.00
N VAL D 312 43.00 14.72 35.17
CA VAL D 312 41.72 14.02 35.16
C VAL D 312 41.52 13.31 36.49
N ARG D 313 42.56 12.67 37.01
CA ARG D 313 42.48 12.06 38.33
C ARG D 313 42.05 13.09 39.37
N LYS D 314 42.76 14.21 39.43
CA LYS D 314 42.47 15.21 40.45
C LYS D 314 41.02 15.68 40.36
N ILE D 315 40.59 16.10 39.18
CA ILE D 315 39.24 16.67 39.07
C ILE D 315 38.19 15.61 39.38
N PHE D 316 38.24 14.47 38.67
CA PHE D 316 37.17 13.49 38.77
C PHE D 316 37.16 12.73 40.08
N ILE D 317 38.21 12.81 40.89
CA ILE D 317 38.24 12.13 42.17
C ILE D 317 38.14 13.09 43.36
N ASP D 318 38.37 14.39 43.16
CA ASP D 318 38.29 15.33 44.27
C ASP D 318 37.20 16.37 44.11
N THR D 319 37.10 17.02 42.94
CA THR D 319 36.18 18.15 42.82
C THR D 319 34.75 17.67 42.68
N ILE D 320 34.47 16.88 41.65
CA ILE D 320 33.09 16.40 41.43
C ILE D 320 32.58 15.55 42.58
N PRO D 321 33.33 14.59 43.12
CA PRO D 321 32.79 13.79 44.25
C PRO D 321 32.38 14.63 45.44
N ASN D 322 33.06 15.74 45.70
CA ASN D 322 32.70 16.64 46.78
C ASN D 322 31.64 17.66 46.39
N VAL D 323 31.20 17.65 45.13
CA VAL D 323 30.13 18.54 44.68
C VAL D 323 28.77 17.91 44.97
N GLY D 378 60.89 -18.54 46.13
CA GLY D 378 59.56 -19.13 46.12
C GLY D 378 58.54 -18.35 46.91
N VAL D 379 58.73 -18.30 48.23
CA VAL D 379 57.82 -17.54 49.09
C VAL D 379 57.94 -16.05 48.79
N LYS D 380 59.16 -15.57 48.52
CA LYS D 380 59.35 -14.17 48.17
C LYS D 380 58.69 -13.81 46.85
N TYR D 381 58.49 -14.79 45.96
CA TYR D 381 57.88 -14.51 44.67
C TYR D 381 56.38 -14.27 44.78
N ILE D 382 55.69 -15.07 45.59
CA ILE D 382 54.24 -14.96 45.67
C ILE D 382 53.82 -13.65 46.34
N ALA D 383 54.57 -13.24 47.37
CA ALA D 383 54.27 -11.97 48.03
C ALA D 383 54.46 -10.79 47.08
N GLU D 384 55.55 -10.82 46.30
CA GLU D 384 55.79 -9.76 45.31
C GLU D 384 54.69 -9.75 44.25
N HIS D 385 54.27 -10.94 43.81
CA HIS D 385 53.18 -11.03 42.84
C HIS D 385 51.89 -10.44 43.40
N MET D 386 51.57 -10.75 44.67
CA MET D 386 50.34 -10.23 45.25
C MET D 386 50.41 -8.72 45.44
N LYS D 387 51.60 -8.19 45.77
CA LYS D 387 51.74 -6.73 45.87
C LYS D 387 51.53 -6.07 44.50
N SER D 388 52.12 -6.64 43.46
CA SER D 388 51.93 -6.08 42.12
C SER D 388 50.47 -6.15 41.69
N ASP D 389 49.80 -7.27 42.02
CA ASP D 389 48.39 -7.40 41.70
C ASP D 389 47.55 -6.40 42.47
N GLU D 390 47.91 -6.12 43.72
CA GLU D 390 47.22 -5.09 44.49
C GLU D 390 47.36 -3.73 43.84
N GLU D 391 48.57 -3.39 43.39
CA GLU D 391 48.77 -2.11 42.70
C GLU D 391 47.95 -2.04 41.42
N SER D 392 47.95 -3.12 40.64
CA SER D 392 47.17 -3.14 39.41
C SER D 392 45.68 -3.00 39.70
N SER D 393 45.20 -3.67 40.75
CA SER D 393 43.79 -3.57 41.13
C SER D 393 43.45 -2.16 41.57
N ASN D 394 44.34 -1.49 42.29
CA ASN D 394 44.09 -0.12 42.71
C ASN D 394 43.99 0.80 41.50
N ALA D 395 44.89 0.65 40.53
CA ALA D 395 44.81 1.48 39.33
C ALA D 395 43.53 1.21 38.54
N ALA D 396 43.16 -0.07 38.41
CA ALA D 396 41.91 -0.42 37.73
C ALA D 396 40.71 0.18 38.44
N GLU D 397 40.70 0.14 39.77
CA GLU D 397 39.62 0.74 40.53
C GLU D 397 39.58 2.25 40.32
N GLU D 398 40.74 2.88 40.21
CA GLU D 398 40.76 4.31 39.92
C GLU D 398 40.11 4.61 38.57
N TRP D 399 40.44 3.83 37.55
CA TRP D 399 39.82 4.02 36.25
C TRP D 399 38.31 3.79 36.30
N LYS D 400 37.88 2.75 37.00
CA LYS D 400 36.45 2.46 37.09
C LYS D 400 35.70 3.56 37.83
N TYR D 401 36.31 4.10 38.88
CA TYR D 401 35.72 5.21 39.61
C TYR D 401 35.58 6.43 38.72
N VAL D 402 36.60 6.72 37.90
CA VAL D 402 36.50 7.84 36.96
C VAL D 402 35.35 7.61 36.00
N ALA D 403 35.21 6.38 35.49
CA ALA D 403 34.12 6.09 34.56
C ALA D 403 32.76 6.27 35.22
N MET D 404 32.63 5.83 36.48
CA MET D 404 31.37 6.00 37.21
C MET D 404 31.03 7.48 37.39
N VAL D 405 32.02 8.29 37.76
CA VAL D 405 31.78 9.72 37.91
C VAL D 405 31.38 10.35 36.59
N ILE D 406 31.88 10.01 35.38
CA ILE D 406 31.40 10.48 34.07
C ILE D 406 29.94 10.09 33.86
N ASP D 407 29.60 8.84 34.22
CA ASP D 407 28.22 8.39 34.06
C ASP D 407 27.26 9.23 34.90
N HIS D 408 27.63 9.51 36.15
CA HIS D 408 26.76 10.32 37.00
C HIS D 408 26.62 11.75 36.49
N ILE D 409 27.71 12.33 35.97
CA ILE D 409 27.63 13.67 35.41
C ILE D 409 26.69 13.70 34.21
N LEU D 410 26.81 12.69 33.33
CA LEU D 410 25.92 12.63 32.18
C LEU D 410 24.47 12.41 32.61
N LEU D 411 24.26 11.61 33.66
CA LEU D 411 22.91 11.42 34.17
C LEU D 411 22.33 12.72 34.71
N CYS D 412 23.14 13.50 35.42
CA CYS D 412 22.67 14.79 35.92
C CYS D 412 22.35 15.74 34.78
N VAL D 413 23.18 15.73 33.72
CA VAL D 413 22.90 16.55 32.56
C VAL D 413 21.57 16.16 31.93
N PHE D 414 21.28 14.87 31.77
CA PHE D 414 20.03 14.44 31.08
C PHE D 414 18.80 14.83 31.91
N MET D 415 18.88 14.74 33.23
CA MET D 415 17.70 15.02 34.09
C MET D 415 17.44 16.50 34.03
N LEU D 416 18.50 17.30 33.90
CA LEU D 416 18.27 18.76 33.72
C LEU D 416 17.47 18.95 32.45
N ILE D 417 17.93 18.34 31.35
CA ILE D 417 17.17 18.44 30.08
C ILE D 417 15.72 18.11 30.41
N CYS D 418 15.48 16.98 31.06
CA CYS D 418 14.07 16.55 31.32
C CYS D 418 13.26 17.59 32.10
N ILE D 419 13.77 18.06 33.23
CA ILE D 419 13.01 19.01 34.11
C ILE D 419 12.84 20.37 33.43
N ILE D 420 13.80 20.77 32.59
CA ILE D 420 13.66 22.08 31.86
C ILE D 420 12.56 21.90 30.82
N GLY D 421 12.48 20.73 30.18
CA GLY D 421 11.37 20.46 29.26
C GLY D 421 10.05 20.44 30.00
N THR D 422 10.08 20.01 31.27
CA THR D 422 8.85 20.02 32.09
C THR D 422 8.45 21.46 32.40
N VAL D 423 9.43 22.33 32.69
CA VAL D 423 9.12 23.77 32.94
C VAL D 423 8.59 24.34 31.63
N SER D 424 9.07 23.81 30.51
CA SER D 424 8.60 24.22 29.15
C SER D 424 7.11 23.91 29.03
N VAL D 425 6.71 22.71 29.45
CA VAL D 425 5.23 22.44 29.45
C VAL D 425 4.53 23.52 30.29
N ASN E 2 -48.69 -9.21 -30.07
CA ASN E 2 -48.56 -8.96 -28.64
C ASN E 2 -49.26 -7.66 -28.26
N GLU E 3 -50.34 -7.78 -27.47
CA GLU E 3 -51.13 -6.61 -27.09
C GLU E 3 -50.37 -5.67 -26.17
N GLU E 4 -49.34 -6.15 -25.48
CA GLU E 4 -48.54 -5.28 -24.63
C GLU E 4 -47.89 -4.18 -25.44
N GLY E 5 -47.55 -4.44 -26.70
CA GLY E 5 -47.01 -3.39 -27.54
C GLY E 5 -47.99 -2.25 -27.74
N ARG E 6 -49.23 -2.59 -28.08
CA ARG E 6 -50.25 -1.54 -28.25
C ARG E 6 -50.49 -0.80 -26.94
N LEU E 7 -50.55 -1.53 -25.82
CA LEU E 7 -50.82 -0.89 -24.54
C LEU E 7 -49.70 0.07 -24.16
N ILE E 8 -48.45 -0.36 -24.30
CA ILE E 8 -47.33 0.49 -23.89
C ILE E 8 -47.17 1.68 -24.84
N GLU E 9 -47.39 1.46 -26.14
CA GLU E 9 -47.34 2.58 -27.07
C GLU E 9 -48.44 3.59 -26.77
N LYS E 10 -49.62 3.12 -26.38
CA LYS E 10 -50.69 4.03 -25.99
C LYS E 10 -50.35 4.80 -24.73
N LEU E 11 -49.81 4.12 -23.72
CA LEU E 11 -49.55 4.78 -22.43
C LEU E 11 -48.49 5.86 -22.57
N LEU E 12 -47.40 5.59 -23.29
CA LEU E 12 -46.27 6.49 -23.37
C LEU E 12 -46.34 7.45 -24.55
N GLY E 13 -47.50 7.58 -25.18
CA GLY E 13 -47.63 8.50 -26.30
C GLY E 13 -47.53 9.94 -25.90
N ASP E 14 -48.54 10.44 -25.19
CA ASP E 14 -48.52 11.80 -24.66
C ASP E 14 -48.01 11.83 -23.22
N TYR E 15 -46.84 11.24 -23.01
CA TYR E 15 -46.26 11.10 -21.68
C TYR E 15 -44.82 11.60 -21.72
N ASP E 16 -44.49 12.47 -20.78
CA ASP E 16 -43.10 12.88 -20.59
C ASP E 16 -42.72 12.69 -19.13
N LYS E 17 -41.51 12.17 -18.93
CA LYS E 17 -41.04 11.75 -17.61
C LYS E 17 -40.62 12.91 -16.72
N ARG E 18 -40.65 14.14 -17.23
CA ARG E 18 -40.19 15.30 -16.48
C ARG E 18 -41.26 15.92 -15.60
N ILE E 19 -42.50 15.43 -15.66
CA ILE E 19 -43.62 16.03 -14.93
C ILE E 19 -44.02 15.10 -13.81
N ILE E 20 -44.03 15.63 -12.59
CA ILE E 20 -44.53 14.86 -11.44
C ILE E 20 -46.02 14.59 -11.64
N PRO E 21 -46.49 13.36 -11.44
CA PRO E 21 -47.89 13.03 -11.75
C PRO E 21 -48.87 13.48 -10.67
N ALA E 22 -48.86 14.78 -10.38
CA ALA E 22 -49.82 15.35 -9.45
C ALA E 22 -51.16 15.51 -10.17
N LYS E 23 -52.21 14.89 -9.61
CA LYS E 23 -53.51 14.95 -10.26
C LYS E 23 -54.02 16.39 -10.38
N THR E 24 -53.97 17.13 -9.27
CA THR E 24 -54.40 18.52 -9.25
C THR E 24 -53.37 19.32 -8.47
N LEU E 25 -53.65 20.61 -8.32
CA LEU E 25 -52.83 21.43 -7.45
C LEU E 25 -53.00 20.99 -6.01
N ASP E 26 -51.93 21.14 -5.23
CA ASP E 26 -51.91 20.72 -3.82
C ASP E 26 -52.20 19.23 -3.68
N HIS E 27 -51.68 18.44 -4.63
CA HIS E 27 -51.75 16.99 -4.58
C HIS E 27 -50.34 16.46 -4.32
N ILE E 28 -50.19 15.68 -3.25
CA ILE E 28 -48.89 15.19 -2.81
C ILE E 28 -48.78 13.72 -3.15
N ILE E 29 -47.70 13.34 -3.82
CA ILE E 29 -47.48 11.96 -4.24
C ILE E 29 -46.97 11.16 -3.04
N ASP E 30 -47.66 10.08 -2.71
CA ASP E 30 -47.22 9.19 -1.64
C ASP E 30 -46.20 8.21 -2.20
N VAL E 31 -44.98 8.24 -1.65
CA VAL E 31 -43.91 7.35 -2.06
C VAL E 31 -43.55 6.49 -0.85
N THR E 32 -43.65 5.17 -1.02
CA THR E 32 -43.36 4.23 0.06
C THR E 32 -42.05 3.52 -0.23
N LEU E 33 -41.20 3.43 0.80
CA LEU E 33 -39.86 2.87 0.70
C LEU E 33 -39.74 1.64 1.58
N LYS E 34 -39.07 0.62 1.05
CA LYS E 34 -38.75 -0.59 1.79
C LYS E 34 -37.34 -1.02 1.43
N LEU E 35 -36.58 -1.51 2.40
CA LEU E 35 -35.20 -1.91 2.18
C LEU E 35 -35.04 -3.38 2.48
N THR E 36 -34.45 -4.12 1.55
CA THR E 36 -34.10 -5.52 1.76
C THR E 36 -32.59 -5.65 1.72
N LEU E 37 -32.01 -6.18 2.78
CA LEU E 37 -30.56 -6.33 2.89
C LEU E 37 -30.19 -7.73 2.43
N THR E 38 -29.67 -7.85 1.20
CA THR E 38 -29.24 -9.14 0.71
C THR E 38 -27.93 -9.58 1.35
N ASN E 39 -26.99 -8.66 1.51
CA ASN E 39 -25.67 -8.99 2.04
C ASN E 39 -24.99 -7.73 2.54
N LEU E 40 -24.58 -7.73 3.80
CA LEU E 40 -23.77 -6.66 4.36
C LEU E 40 -22.33 -6.91 3.91
N ILE E 41 -21.92 -6.24 2.83
CA ILE E 41 -20.66 -6.59 2.18
C ILE E 41 -19.48 -6.32 3.10
N SER E 42 -19.40 -5.11 3.67
CA SER E 42 -18.25 -4.79 4.49
C SER E 42 -18.53 -3.54 5.31
N LEU E 43 -17.68 -3.32 6.31
CA LEU E 43 -17.63 -2.06 7.06
C LEU E 43 -16.16 -1.66 7.11
N ASN E 44 -15.77 -0.79 6.18
CA ASN E 44 -14.39 -0.31 6.11
C ASN E 44 -14.17 0.73 7.20
N GLU E 45 -13.35 0.38 8.19
CA GLU E 45 -13.08 1.31 9.29
C GLU E 45 -12.17 2.45 8.86
N LYS E 46 -11.26 2.19 7.91
CA LYS E 46 -10.30 3.21 7.51
C LYS E 46 -11.01 4.45 6.95
N GLU E 47 -12.00 4.24 6.09
CA GLU E 47 -12.77 5.34 5.53
C GLU E 47 -14.16 5.45 6.14
N GLU E 48 -14.47 4.64 7.15
CA GLU E 48 -15.74 4.71 7.87
C GLU E 48 -16.93 4.57 6.93
N ALA E 49 -16.89 3.54 6.10
CA ALA E 49 -17.91 3.35 5.06
C ALA E 49 -18.54 1.97 5.20
N LEU E 50 -19.87 1.92 5.21
CA LEU E 50 -20.59 0.66 5.23
C LEU E 50 -21.05 0.34 3.81
N THR E 51 -20.58 -0.79 3.28
CA THR E 51 -20.94 -1.23 1.94
C THR E 51 -21.93 -2.38 2.07
N THR E 52 -23.11 -2.20 1.50
CA THR E 52 -24.20 -3.16 1.59
C THR E 52 -24.80 -3.42 0.23
N ASN E 53 -25.30 -4.62 0.04
CA ASN E 53 -26.07 -5.01 -1.14
C ASN E 53 -27.53 -5.02 -0.75
N VAL E 54 -28.34 -4.19 -1.39
CA VAL E 54 -29.74 -4.03 -1.00
C VAL E 54 -30.63 -4.06 -2.24
N TRP E 55 -31.89 -4.38 -1.99
CA TRP E 55 -32.98 -4.15 -2.94
C TRP E 55 -33.84 -3.05 -2.36
N ILE E 56 -34.04 -1.99 -3.13
CA ILE E 56 -34.80 -0.84 -2.64
C ILE E 56 -36.16 -0.86 -3.34
N GLU E 57 -37.22 -1.08 -2.58
CA GLU E 57 -38.58 -1.16 -3.10
C GLU E 57 -39.23 0.21 -2.94
N ILE E 58 -39.53 0.84 -4.08
CA ILE E 58 -40.17 2.14 -4.13
C ILE E 58 -41.52 1.97 -4.80
N GLN E 59 -42.57 2.38 -4.11
CA GLN E 59 -43.93 2.26 -4.64
C GLN E 59 -44.59 3.62 -4.67
N TRP E 60 -45.27 3.93 -5.77
CA TRP E 60 -46.05 5.16 -5.85
C TRP E 60 -47.19 4.95 -6.84
N ASN E 61 -47.87 6.03 -7.20
CA ASN E 61 -49.00 5.96 -8.12
C ASN E 61 -48.85 7.04 -9.18
N ASP E 62 -48.98 6.64 -10.44
CA ASP E 62 -48.93 7.56 -11.59
C ASP E 62 -50.23 7.37 -12.35
N TYR E 63 -51.15 8.34 -12.21
CA TYR E 63 -52.46 8.22 -12.83
C TYR E 63 -52.38 8.18 -14.34
N ARG E 64 -51.32 8.72 -14.93
CA ARG E 64 -51.18 8.70 -16.39
C ARG E 64 -51.03 7.29 -16.92
N LEU E 65 -50.40 6.40 -16.16
CA LEU E 65 -50.14 5.03 -16.59
C LEU E 65 -51.22 4.09 -16.06
N SER E 66 -52.47 4.39 -16.43
CA SER E 66 -53.62 3.58 -16.04
C SER E 66 -54.43 3.25 -17.28
N TRP E 67 -54.95 2.03 -17.34
CA TRP E 67 -55.69 1.57 -18.51
C TRP E 67 -56.83 0.66 -18.08
N ASN E 68 -57.58 0.18 -19.06
CA ASN E 68 -58.72 -0.71 -18.85
C ASN E 68 -58.31 -2.11 -19.30
N THR E 69 -58.39 -3.07 -18.38
CA THR E 69 -57.93 -4.43 -18.69
C THR E 69 -58.78 -5.06 -19.78
N SER E 70 -60.10 -4.82 -19.76
CA SER E 70 -60.98 -5.42 -20.76
C SER E 70 -60.65 -4.93 -22.15
N GLU E 71 -60.10 -3.73 -22.28
CA GLU E 71 -59.77 -3.17 -23.58
C GLU E 71 -58.42 -3.66 -24.11
N TYR E 72 -57.68 -4.43 -23.33
CA TYR E 72 -56.37 -4.91 -23.72
C TYR E 72 -56.21 -6.38 -23.38
N GLU E 73 -57.28 -7.16 -23.59
CA GLU E 73 -57.26 -8.61 -23.42
C GLU E 73 -56.85 -9.02 -22.00
N GLY E 74 -57.33 -8.28 -21.01
CA GLY E 74 -57.10 -8.65 -19.64
C GLY E 74 -55.72 -8.39 -19.08
N ILE E 75 -54.87 -7.65 -19.81
CA ILE E 75 -53.54 -7.33 -19.30
C ILE E 75 -53.69 -6.35 -18.14
N ASP E 76 -53.11 -6.70 -17.01
CA ASP E 76 -53.16 -5.85 -15.82
C ASP E 76 -51.78 -5.48 -15.29
N LEU E 77 -50.71 -5.93 -15.95
CA LEU E 77 -49.35 -5.69 -15.47
C LEU E 77 -48.44 -5.56 -16.67
N VAL E 78 -47.60 -4.53 -16.66
CA VAL E 78 -46.58 -4.37 -17.69
C VAL E 78 -45.25 -4.02 -17.03
N ARG E 79 -44.18 -4.30 -17.75
CA ARG E 79 -42.83 -3.89 -17.34
C ARG E 79 -42.36 -2.81 -18.29
N ILE E 80 -42.02 -1.64 -17.74
CA ILE E 80 -41.58 -0.49 -18.52
C ILE E 80 -40.21 -0.08 -18.01
N PRO E 81 -39.23 0.16 -18.87
CA PRO E 81 -37.92 0.61 -18.40
C PRO E 81 -38.04 1.91 -17.60
N SER E 82 -37.28 1.99 -16.51
CA SER E 82 -37.36 3.13 -15.62
C SER E 82 -36.83 4.42 -16.25
N GLU E 83 -36.06 4.33 -17.33
CA GLU E 83 -35.59 5.52 -18.01
C GLU E 83 -36.68 6.22 -18.80
N LEU E 84 -37.81 5.55 -19.04
CA LEU E 84 -38.92 6.12 -19.79
C LEU E 84 -40.01 6.69 -18.90
N LEU E 85 -39.82 6.68 -17.58
CA LEU E 85 -40.88 7.01 -16.64
C LEU E 85 -40.41 8.09 -15.68
N TRP E 86 -41.38 8.81 -15.11
CA TRP E 86 -41.08 9.72 -14.01
C TRP E 86 -40.72 8.91 -12.78
N LEU E 87 -39.66 9.34 -12.08
CA LEU E 87 -39.24 8.68 -10.87
C LEU E 87 -39.20 9.68 -9.72
N PRO E 88 -39.50 9.23 -8.48
CA PRO E 88 -39.48 10.15 -7.35
C PRO E 88 -38.09 10.64 -6.97
N ASP E 89 -37.03 10.11 -7.59
CA ASP E 89 -35.66 10.54 -7.34
C ASP E 89 -35.26 10.32 -5.89
N VAL E 90 -35.44 9.09 -5.42
CA VAL E 90 -35.04 8.70 -4.07
C VAL E 90 -33.57 8.33 -4.10
N VAL E 91 -32.77 9.00 -3.28
CA VAL E 91 -31.33 8.83 -3.27
C VAL E 91 -30.86 8.59 -1.84
N LEU E 92 -29.72 7.92 -1.73
CA LEU E 92 -29.03 7.77 -0.46
C LEU E 92 -28.25 9.05 -0.19
N GLU E 93 -28.64 9.78 0.85
CA GLU E 93 -28.04 11.09 1.10
C GLU E 93 -26.64 10.97 1.65
N ASN E 94 -26.40 10.05 2.58
CA ASN E 94 -25.12 9.94 3.27
C ASN E 94 -24.22 8.90 2.61
N ASN E 95 -23.92 9.10 1.33
CA ASN E 95 -23.00 8.25 0.60
C ASN E 95 -21.58 8.79 0.73
N VAL E 96 -20.61 7.88 0.90
CA VAL E 96 -19.21 8.29 0.96
C VAL E 96 -18.72 8.75 -0.41
N ASP E 97 -19.10 8.05 -1.46
CA ASP E 97 -18.73 8.39 -2.82
C ASP E 97 -19.80 9.29 -3.42
N GLY E 98 -19.75 9.48 -4.74
CA GLY E 98 -20.77 10.27 -5.41
C GLY E 98 -21.98 9.50 -5.85
N GLN E 99 -22.12 8.23 -5.45
CA GLN E 99 -23.21 7.38 -5.90
C GLN E 99 -24.45 7.68 -5.07
N PHE E 100 -25.38 8.45 -5.64
CA PHE E 100 -26.64 8.77 -4.99
C PHE E 100 -27.73 7.77 -5.32
N GLU E 101 -27.84 7.37 -6.58
CA GLU E 101 -28.96 6.58 -7.06
C GLU E 101 -28.59 5.11 -7.15
N VAL E 102 -29.55 4.31 -7.63
CA VAL E 102 -29.42 2.85 -7.66
C VAL E 102 -28.42 2.43 -8.72
N ALA E 103 -28.01 1.17 -8.67
CA ALA E 103 -26.95 0.68 -9.54
C ALA E 103 -27.44 0.18 -10.89
N TYR E 104 -28.68 -0.29 -10.99
CA TYR E 104 -29.13 -0.99 -12.18
C TYR E 104 -30.19 -0.28 -12.99
N TYR E 105 -31.18 0.33 -12.35
CA TYR E 105 -32.35 0.92 -13.04
C TYR E 105 -33.14 -0.16 -13.78
N ALA E 106 -33.68 -1.10 -13.01
CA ALA E 106 -34.49 -2.17 -13.54
C ALA E 106 -35.81 -1.64 -14.10
N ASN E 107 -36.60 -2.53 -14.68
CA ASN E 107 -37.93 -2.16 -15.14
C ASN E 107 -38.85 -1.90 -13.95
N VAL E 108 -39.77 -0.98 -14.16
CA VAL E 108 -40.84 -0.71 -13.20
C VAL E 108 -42.06 -1.54 -13.61
N LEU E 109 -42.69 -2.16 -12.62
CA LEU E 109 -43.94 -2.87 -12.83
C LEU E 109 -45.09 -1.87 -12.69
N VAL E 110 -45.88 -1.74 -13.76
CA VAL E 110 -46.99 -0.80 -13.82
C VAL E 110 -48.28 -1.61 -13.85
N TYR E 111 -49.20 -1.30 -12.95
CA TYR E 111 -50.49 -1.95 -12.89
C TYR E 111 -51.56 -1.07 -13.52
N ASN E 112 -52.69 -1.70 -13.87
CA ASN E 112 -53.71 -1.00 -14.64
C ASN E 112 -54.33 0.18 -13.89
N ASP E 113 -54.17 0.23 -12.57
CA ASP E 113 -54.70 1.33 -11.77
C ASP E 113 -53.69 2.45 -11.58
N GLY E 114 -52.54 2.37 -12.25
CA GLY E 114 -51.50 3.35 -12.10
C GLY E 114 -50.47 3.07 -11.03
N SER E 115 -50.60 1.95 -10.32
CA SER E 115 -49.65 1.60 -9.28
C SER E 115 -48.29 1.29 -9.91
N MET E 116 -47.25 1.92 -9.37
CA MET E 116 -45.88 1.77 -9.85
C MET E 116 -45.05 1.10 -8.77
N TYR E 117 -44.42 -0.02 -9.11
CA TYR E 117 -43.63 -0.83 -8.20
C TYR E 117 -42.24 -0.98 -8.80
N TRP E 118 -41.23 -0.40 -8.15
CA TRP E 118 -39.86 -0.45 -8.62
C TRP E 118 -39.01 -1.13 -7.56
N LEU E 119 -38.23 -2.12 -7.96
CA LEU E 119 -37.38 -2.86 -7.04
C LEU E 119 -35.98 -3.00 -7.62
N PRO E 120 -35.22 -1.91 -7.70
CA PRO E 120 -33.86 -2.00 -8.22
C PRO E 120 -32.89 -2.47 -7.16
N PRO E 121 -31.84 -3.18 -7.57
CA PRO E 121 -30.75 -3.48 -6.66
C PRO E 121 -29.79 -2.30 -6.55
N ALA E 122 -28.99 -2.33 -5.50
CA ALA E 122 -28.03 -1.26 -5.29
C ALA E 122 -26.90 -1.77 -4.42
N ILE E 123 -25.69 -1.29 -4.69
CA ILE E 123 -24.56 -1.42 -3.80
C ILE E 123 -24.32 -0.04 -3.20
N TYR E 124 -24.61 0.09 -1.91
CA TYR E 124 -24.59 1.38 -1.24
C TYR E 124 -23.41 1.45 -0.29
N ARG E 125 -22.63 2.52 -0.40
CA ARG E 125 -21.51 2.80 0.48
C ARG E 125 -21.86 4.05 1.27
N SER E 126 -22.36 3.86 2.48
CA SER E 126 -22.87 4.95 3.30
C SER E 126 -21.89 5.32 4.40
N THR E 127 -22.04 6.54 4.90
CA THR E 127 -21.18 7.04 5.97
C THR E 127 -21.73 6.66 7.33
N CYS E 128 -20.86 6.16 8.20
CA CYS E 128 -21.18 6.10 9.62
C CYS E 128 -19.90 6.21 10.44
N PRO E 129 -19.81 7.18 11.33
CA PRO E 129 -18.63 7.29 12.20
C PRO E 129 -18.48 6.06 13.07
N ILE E 130 -17.24 5.65 13.27
CA ILE E 130 -16.92 4.44 14.03
C ILE E 130 -16.64 4.83 15.47
N ALA E 131 -17.35 4.19 16.39
CA ALA E 131 -17.09 4.35 17.81
C ALA E 131 -15.99 3.36 18.20
N VAL E 132 -14.78 3.88 18.43
CA VAL E 132 -13.60 3.05 18.61
C VAL E 132 -13.29 2.78 20.07
N THR E 133 -14.15 3.23 20.99
CA THR E 133 -13.80 3.17 22.41
C THR E 133 -13.55 1.75 22.88
N TYR E 134 -14.39 0.81 22.45
CA TYR E 134 -14.33 -0.56 22.96
C TYR E 134 -13.84 -1.57 21.94
N PHE E 135 -13.11 -1.13 20.92
CA PHE E 135 -12.58 -2.04 19.93
C PHE E 135 -11.64 -3.05 20.60
N PRO E 136 -11.71 -4.34 20.24
CA PRO E 136 -12.58 -4.94 19.23
C PRO E 136 -13.92 -5.45 19.77
N PHE E 137 -14.24 -5.16 21.02
CA PHE E 137 -15.53 -5.54 21.59
C PHE E 137 -16.55 -4.43 21.41
N ASP E 138 -16.70 -3.95 20.18
CA ASP E 138 -17.53 -2.78 19.90
C ASP E 138 -18.75 -3.17 19.09
N TRP E 139 -19.78 -2.33 19.20
CA TRP E 139 -20.96 -2.41 18.35
C TRP E 139 -21.13 -1.07 17.65
N GLN E 140 -21.36 -1.12 16.35
CA GLN E 140 -21.53 0.08 15.54
C GLN E 140 -23.00 0.29 15.20
N ASN E 141 -23.35 1.56 14.99
CA ASN E 141 -24.73 2.01 14.76
C ASN E 141 -24.71 2.82 13.47
N CYS E 142 -24.82 2.13 12.34
CA CYS E 142 -24.75 2.77 11.03
C CYS E 142 -26.17 3.04 10.51
N SER E 143 -26.28 4.02 9.63
CA SER E 143 -27.59 4.39 9.10
C SER E 143 -27.50 4.65 7.61
N LEU E 144 -28.61 4.39 6.93
CA LEU E 144 -28.80 4.71 5.53
C LEU E 144 -29.96 5.69 5.44
N VAL E 145 -29.66 6.92 5.00
CA VAL E 145 -30.64 7.99 4.94
C VAL E 145 -31.07 8.15 3.49
N PHE E 146 -32.36 8.05 3.22
CA PHE E 146 -32.92 8.18 1.89
C PHE E 146 -33.80 9.40 1.83
N ARG E 147 -33.57 10.24 0.83
CA ARG E 147 -34.33 11.47 0.63
C ARG E 147 -34.77 11.55 -0.82
N SER E 148 -35.58 12.55 -1.12
CA SER E 148 -35.90 12.91 -2.49
C SER E 148 -34.99 14.07 -2.88
N GLN E 149 -34.11 13.83 -3.85
CA GLN E 149 -33.11 14.82 -4.22
C GLN E 149 -33.72 16.05 -4.87
N THR E 150 -34.93 15.94 -5.41
CA THR E 150 -35.51 17.02 -6.21
C THR E 150 -36.83 17.56 -5.67
N TYR E 151 -37.60 16.76 -4.94
CA TYR E 151 -38.93 17.17 -4.48
C TYR E 151 -38.96 17.32 -2.98
N ASN E 152 -39.75 18.28 -2.50
CA ASN E 152 -39.90 18.55 -1.09
C ASN E 152 -41.21 17.96 -0.57
N ALA E 153 -41.54 18.25 0.69
CA ALA E 153 -42.69 17.65 1.34
C ALA E 153 -44.03 18.17 0.82
N HIS E 154 -44.04 19.25 0.06
CA HIS E 154 -45.26 19.72 -0.58
C HIS E 154 -45.52 19.03 -1.91
N GLU E 155 -44.60 18.21 -2.38
CA GLU E 155 -44.73 17.51 -3.66
C GLU E 155 -44.74 16.01 -3.52
N VAL E 156 -43.90 15.45 -2.66
CA VAL E 156 -43.89 14.02 -2.39
C VAL E 156 -43.98 13.81 -0.88
N ASN E 157 -44.43 12.61 -0.50
CA ASN E 157 -44.60 12.23 0.90
C ASN E 157 -43.91 10.89 1.10
N LEU E 158 -42.66 10.92 1.54
CA LEU E 158 -41.92 9.69 1.82
C LEU E 158 -42.53 8.99 3.03
N GLN E 159 -42.75 7.68 2.90
CA GLN E 159 -43.33 6.89 3.97
C GLN E 159 -42.73 5.50 3.94
N LEU E 160 -42.85 4.80 5.07
CA LEU E 160 -42.48 3.40 5.13
C LEU E 160 -43.63 2.54 4.60
N SER E 161 -43.29 1.49 3.88
CA SER E 161 -44.30 0.62 3.30
C SER E 161 -45.03 -0.16 4.37
N ALA E 162 -46.27 -0.53 4.07
CA ALA E 162 -47.10 -1.34 4.96
C ALA E 162 -47.61 -2.55 4.21
N GLU E 163 -47.76 -3.67 4.93
CA GLU E 163 -48.15 -4.93 4.32
C GLU E 163 -49.64 -5.23 4.48
N GLU E 164 -50.12 -5.29 5.72
CA GLU E 164 -51.52 -5.62 6.01
C GLU E 164 -52.10 -4.59 6.96
N GLY E 165 -51.84 -3.32 6.68
CA GLY E 165 -52.15 -2.25 7.60
C GLY E 165 -51.07 -2.01 8.63
N GLU E 166 -50.11 -2.92 8.75
CA GLU E 166 -49.00 -2.80 9.67
C GLU E 166 -47.80 -2.22 8.93
N ALA E 167 -47.25 -1.13 9.45
CA ALA E 167 -46.10 -0.51 8.81
C ALA E 167 -44.86 -1.37 9.01
N VAL E 168 -44.01 -1.43 7.97
CA VAL E 168 -42.76 -2.16 8.03
C VAL E 168 -41.70 -1.17 8.52
N GLU E 169 -41.41 -1.21 9.81
CA GLU E 169 -40.49 -0.27 10.45
C GLU E 169 -39.14 -0.93 10.72
N TRP E 170 -38.68 -1.76 9.80
CA TRP E 170 -37.41 -2.46 9.95
C TRP E 170 -36.85 -2.75 8.57
N ILE E 171 -35.56 -3.08 8.54
CA ILE E 171 -34.93 -3.54 7.31
C ILE E 171 -35.34 -4.97 7.06
N HIS E 172 -35.91 -5.24 5.89
CA HIS E 172 -36.36 -6.58 5.57
C HIS E 172 -35.18 -7.48 5.25
N ILE E 173 -35.27 -8.73 5.68
CA ILE E 173 -34.26 -9.74 5.38
C ILE E 173 -35.00 -10.94 4.78
N ASP E 174 -34.73 -11.22 3.52
CA ASP E 174 -35.36 -12.34 2.83
C ASP E 174 -34.54 -13.60 3.09
N PRO E 175 -35.13 -14.65 3.67
CA PRO E 175 -34.34 -15.86 3.96
C PRO E 175 -33.76 -16.51 2.73
N GLU E 176 -34.38 -16.33 1.55
CA GLU E 176 -33.87 -16.96 0.34
C GLU E 176 -32.54 -16.38 -0.10
N ASP E 177 -32.33 -15.08 0.09
CA ASP E 177 -31.16 -14.40 -0.47
C ASP E 177 -30.50 -13.52 0.57
N PHE E 178 -30.22 -14.07 1.75
CA PHE E 178 -29.43 -13.37 2.75
C PHE E 178 -28.18 -14.17 3.09
N THR E 179 -27.07 -13.47 3.29
CA THR E 179 -25.78 -14.08 3.61
C THR E 179 -25.25 -13.45 4.89
N GLU E 180 -24.87 -14.29 5.84
CA GLU E 180 -24.26 -13.79 7.07
C GLU E 180 -22.89 -13.20 6.79
N ASN E 181 -22.58 -12.09 7.47
CA ASN E 181 -21.33 -11.39 7.21
C ASN E 181 -20.13 -12.20 7.69
N GLY E 182 -20.23 -12.83 8.86
CA GLY E 182 -19.14 -13.58 9.43
C GLY E 182 -18.28 -12.80 10.39
N GLU E 183 -18.32 -11.47 10.34
CA GLU E 183 -17.63 -10.62 11.30
C GLU E 183 -18.57 -9.70 12.06
N TRP E 184 -19.70 -9.31 11.48
CA TRP E 184 -20.68 -8.45 12.12
C TRP E 184 -21.99 -9.20 12.22
N THR E 185 -22.60 -9.18 13.41
CA THR E 185 -23.90 -9.75 13.65
C THR E 185 -24.92 -8.63 13.79
N ILE E 186 -25.99 -8.69 13.01
CA ILE E 186 -27.03 -7.67 13.06
C ILE E 186 -27.90 -7.92 14.29
N ARG E 187 -27.89 -6.98 15.22
CA ARG E 187 -28.72 -7.08 16.42
C ARG E 187 -30.07 -6.40 16.21
N HIS E 188 -30.05 -5.13 15.82
CA HIS E 188 -31.26 -4.37 15.56
C HIS E 188 -31.19 -3.78 14.16
N ARG E 189 -32.34 -3.75 13.49
CA ARG E 189 -32.43 -3.17 12.15
C ARG E 189 -33.70 -2.33 12.04
N PRO E 190 -33.80 -1.26 12.81
CA PRO E 190 -35.01 -0.43 12.78
C PRO E 190 -35.02 0.55 11.61
N ALA E 191 -36.21 1.04 11.30
CA ALA E 191 -36.41 2.07 10.30
C ALA E 191 -37.40 3.09 10.81
N LYS E 192 -37.22 4.35 10.40
CA LYS E 192 -38.13 5.40 10.84
C LYS E 192 -38.07 6.57 9.88
N LYS E 193 -39.16 7.33 9.83
CA LYS E 193 -39.18 8.59 9.11
C LYS E 193 -38.74 9.71 10.05
N ASN E 194 -37.81 10.54 9.58
CA ASN E 194 -37.23 11.59 10.39
C ASN E 194 -37.48 12.95 9.73
N TYR E 195 -37.62 13.97 10.56
CA TYR E 195 -37.75 15.35 10.12
C TYR E 195 -36.59 16.16 10.69
N ASN E 196 -36.45 17.39 10.19
CA ASN E 196 -35.39 18.29 10.63
C ASN E 196 -35.89 19.33 11.64
N TRP E 197 -37.01 19.98 11.35
CA TRP E 197 -37.62 21.01 12.17
C TRP E 197 -36.78 22.27 12.21
N GLN E 198 -35.59 22.23 11.62
CA GLN E 198 -34.81 23.43 11.31
C GLN E 198 -35.03 23.89 9.88
N LEU E 199 -35.77 23.13 9.09
CA LEU E 199 -36.15 23.48 7.73
C LEU E 199 -37.66 23.40 7.61
N THR E 200 -38.23 24.25 6.76
CA THR E 200 -39.64 24.15 6.46
C THR E 200 -39.88 23.03 5.45
N LYS E 201 -41.15 22.72 5.23
CA LYS E 201 -41.47 21.62 4.33
C LYS E 201 -41.52 22.08 2.88
N ASP E 202 -40.49 22.82 2.46
CA ASP E 202 -40.27 23.13 1.05
C ASP E 202 -38.78 23.11 0.71
N ASP E 203 -37.99 22.33 1.45
CA ASP E 203 -36.54 22.38 1.34
C ASP E 203 -35.90 21.10 0.83
N THR E 204 -36.68 20.05 0.56
CA THR E 204 -36.25 18.76 0.03
C THR E 204 -35.36 17.99 1.01
N ASP E 205 -35.02 18.57 2.16
CA ASP E 205 -34.31 17.86 3.22
C ASP E 205 -35.13 17.82 4.50
N PHE E 206 -36.36 18.35 4.46
CA PHE E 206 -37.21 18.34 5.64
C PHE E 206 -37.57 16.94 6.07
N GLN E 207 -37.86 16.06 5.11
CA GLN E 207 -38.27 14.69 5.40
C GLN E 207 -37.22 13.72 4.89
N GLU E 208 -37.00 12.64 5.64
CA GLU E 208 -36.10 11.58 5.21
C GLU E 208 -36.56 10.27 5.82
N ILE E 209 -36.07 9.17 5.25
CA ILE E 209 -36.33 7.85 5.80
C ILE E 209 -34.99 7.20 6.14
N ILE E 210 -34.81 6.82 7.40
CA ILE E 210 -33.55 6.29 7.88
C ILE E 210 -33.74 4.82 8.22
N PHE E 211 -32.85 3.98 7.67
CA PHE E 211 -32.76 2.57 8.03
C PHE E 211 -31.51 2.37 8.86
N PHE E 212 -31.67 1.83 10.06
CA PHE E 212 -30.56 1.67 10.99
C PHE E 212 -30.09 0.23 11.01
N LEU E 213 -28.77 0.05 10.91
CA LEU E 213 -28.12 -1.24 11.10
C LEU E 213 -27.26 -1.14 12.35
N ILE E 214 -27.67 -1.83 13.41
CA ILE E 214 -26.88 -1.93 14.63
C ILE E 214 -26.21 -3.29 14.62
N ILE E 215 -24.89 -3.30 14.58
CA ILE E 215 -24.12 -4.52 14.34
C ILE E 215 -23.08 -4.68 15.43
N GLN E 216 -22.91 -5.90 15.90
CA GLN E 216 -21.93 -6.23 16.92
C GLN E 216 -20.80 -7.01 16.28
N ARG E 217 -19.56 -6.58 16.53
CA ARG E 217 -18.41 -7.27 15.98
C ARG E 217 -18.20 -8.60 16.71
N LYS E 218 -17.81 -9.62 15.96
CA LYS E 218 -17.45 -10.90 16.55
C LYS E 218 -15.96 -10.85 16.87
N PRO E 219 -15.57 -10.85 18.15
CA PRO E 219 -14.16 -10.59 18.50
C PRO E 219 -13.27 -11.82 18.59
N LEU E 220 -13.76 -13.00 18.22
CA LEU E 220 -12.96 -14.21 18.36
C LEU E 220 -11.69 -14.14 17.52
N PHE E 221 -11.81 -13.63 16.29
CA PHE E 221 -10.63 -13.49 15.44
C PHE E 221 -9.59 -12.59 16.08
N TYR E 222 -10.02 -11.43 16.58
CA TYR E 222 -9.08 -10.50 17.19
C TYR E 222 -8.51 -11.07 18.48
N ILE E 223 -9.34 -11.70 19.30
CA ILE E 223 -8.85 -12.30 20.54
C ILE E 223 -7.77 -13.33 20.24
N ILE E 224 -7.99 -14.17 19.23
CA ILE E 224 -7.01 -15.20 18.91
C ILE E 224 -5.74 -14.61 18.33
N ASN E 225 -5.86 -13.63 17.43
CA ASN E 225 -4.73 -13.24 16.60
C ASN E 225 -3.96 -12.02 17.11
N ILE E 226 -4.54 -11.18 17.97
CA ILE E 226 -3.87 -9.96 18.40
C ILE E 226 -3.80 -9.90 19.92
N ILE E 227 -4.95 -10.07 20.58
CA ILE E 227 -5.01 -9.85 22.01
C ILE E 227 -4.20 -10.90 22.76
N ALA E 228 -4.39 -12.17 22.43
CA ALA E 228 -3.71 -13.23 23.17
C ALA E 228 -2.19 -13.17 23.05
N PRO E 229 -1.60 -13.04 21.85
CA PRO E 229 -0.13 -12.89 21.80
C PRO E 229 0.37 -11.66 22.53
N CYS E 230 -0.35 -10.54 22.43
CA CYS E 230 0.08 -9.33 23.12
C CYS E 230 0.06 -9.53 24.63
N VAL E 231 -0.99 -10.19 25.14
CA VAL E 231 -1.06 -10.49 26.56
C VAL E 231 0.08 -11.41 26.97
N LEU E 232 0.41 -12.39 26.14
CA LEU E 232 1.50 -13.30 26.47
C LEU E 232 2.84 -12.58 26.54
N ILE E 233 3.11 -11.68 25.60
CA ILE E 233 4.37 -10.93 25.65
C ILE E 233 4.39 -9.98 26.85
N SER E 234 3.28 -9.29 27.10
CA SER E 234 3.23 -8.40 28.25
C SER E 234 3.31 -9.15 29.58
N SER E 235 2.96 -10.43 29.60
CA SER E 235 3.22 -11.25 30.77
C SER E 235 4.69 -11.66 30.83
N LEU E 236 5.29 -11.91 29.66
CA LEU E 236 6.71 -12.22 29.59
C LEU E 236 7.56 -11.09 30.15
N VAL E 237 7.04 -9.87 30.12
CA VAL E 237 7.72 -8.73 30.74
C VAL E 237 8.23 -9.09 32.13
N VAL E 238 7.37 -9.72 32.94
CA VAL E 238 7.63 -9.88 34.37
C VAL E 238 8.71 -10.90 34.67
N LEU E 239 9.19 -11.65 33.68
CA LEU E 239 10.20 -12.67 33.92
C LEU E 239 11.57 -12.10 34.23
N VAL E 240 11.78 -10.79 34.06
CA VAL E 240 13.08 -10.20 34.28
C VAL E 240 13.50 -10.26 35.75
N TYR E 241 12.54 -10.40 36.67
CA TYR E 241 12.85 -10.37 38.09
C TYR E 241 13.47 -11.65 38.61
N PHE E 242 13.53 -12.71 37.79
CA PHE E 242 14.16 -13.94 38.18
C PHE E 242 15.50 -14.17 37.48
N LEU E 243 15.90 -13.26 36.64
CA LEU E 243 17.19 -13.30 35.95
C LEU E 243 18.26 -12.65 36.79
N PRO E 244 19.50 -13.14 36.71
CA PRO E 244 20.58 -12.57 37.53
C PRO E 244 20.97 -11.19 37.04
N ALA E 245 21.72 -10.50 37.89
CA ALA E 245 22.16 -9.14 37.62
C ALA E 245 23.68 -9.05 37.61
N GLN E 246 24.33 -9.99 36.93
CA GLN E 246 25.79 -10.15 36.95
C GLN E 246 26.33 -10.34 35.54
N ALA E 247 25.94 -9.44 34.63
CA ALA E 247 26.35 -9.49 33.23
C ALA E 247 25.89 -10.79 32.57
N GLY E 248 24.76 -11.31 33.04
CA GLY E 248 24.15 -12.50 32.49
C GLY E 248 22.67 -12.49 32.84
N GLY E 249 21.94 -13.39 32.22
CA GLY E 249 20.50 -13.40 32.40
C GLY E 249 19.81 -12.42 31.47
N GLN E 250 20.46 -11.28 31.23
CA GLN E 250 20.02 -10.29 30.24
C GLN E 250 18.61 -9.79 30.54
N LYS E 251 18.50 -9.13 31.70
CA LYS E 251 17.23 -8.49 32.05
C LYS E 251 16.89 -7.39 31.07
N CYS E 252 17.85 -6.52 30.79
CA CYS E 252 17.59 -5.35 29.94
C CYS E 252 17.23 -5.76 28.52
N THR E 253 17.93 -6.75 27.97
CA THR E 253 17.62 -7.18 26.61
C THR E 253 16.21 -7.75 26.52
N LEU E 254 15.84 -8.59 27.49
CA LEU E 254 14.50 -9.18 27.49
C LEU E 254 13.43 -8.10 27.60
N SER E 255 13.59 -7.16 28.54
CA SER E 255 12.58 -6.13 28.72
C SER E 255 12.48 -5.23 27.50
N ILE E 256 13.61 -4.81 26.93
CA ILE E 256 13.60 -3.94 25.76
C ILE E 256 12.99 -4.65 24.57
N SER E 257 13.31 -5.94 24.40
CA SER E 257 12.74 -6.69 23.28
C SER E 257 11.24 -6.87 23.43
N VAL E 258 10.76 -7.06 24.65
CA VAL E 258 9.32 -7.13 24.86
C VAL E 258 8.67 -5.79 24.52
N LEU E 259 9.32 -4.69 24.89
CA LEU E 259 8.79 -3.37 24.52
C LEU E 259 8.73 -3.21 23.00
N LEU E 260 9.76 -3.71 22.31
CA LEU E 260 9.76 -3.66 20.85
C LEU E 260 8.62 -4.48 20.25
N ALA E 261 8.36 -5.67 20.82
CA ALA E 261 7.25 -6.48 20.35
C ALA E 261 5.93 -5.76 20.57
N GLN E 262 5.78 -5.08 21.71
CA GLN E 262 4.59 -4.29 21.97
C GLN E 262 4.45 -3.16 20.95
N THR E 263 5.58 -2.56 20.56
CA THR E 263 5.55 -1.53 19.51
C THR E 263 5.07 -2.11 18.19
N ILE E 264 5.53 -3.33 17.86
CA ILE E 264 5.07 -3.99 16.63
C ILE E 264 3.57 -4.22 16.69
N PHE E 265 3.06 -4.66 17.84
CA PHE E 265 1.62 -4.83 18.00
C PHE E 265 0.89 -3.51 17.86
N LEU E 266 1.50 -2.42 18.36
CA LEU E 266 0.90 -1.11 18.20
C LEU E 266 0.77 -0.73 16.73
N PHE E 267 1.80 -1.00 15.94
CA PHE E 267 1.73 -0.74 14.51
C PHE E 267 0.66 -1.58 13.84
N LEU E 268 0.56 -2.86 14.20
CA LEU E 268 -0.46 -3.72 13.63
C LEU E 268 -1.86 -3.20 13.94
N ILE E 269 -2.10 -2.84 15.20
CA ILE E 269 -3.43 -2.36 15.59
C ILE E 269 -3.75 -1.04 14.90
N ALA E 270 -2.77 -0.13 14.84
CA ALA E 270 -2.99 1.12 14.11
C ALA E 270 -3.33 0.84 12.65
N GLN E 271 -2.73 -0.20 12.07
CA GLN E 271 -3.12 -0.62 10.73
C GLN E 271 -4.55 -1.12 10.69
N LYS E 272 -5.03 -1.73 11.78
CA LYS E 272 -6.35 -2.34 11.78
C LYS E 272 -7.43 -1.51 12.47
N VAL E 273 -7.16 -0.25 12.80
CA VAL E 273 -8.18 0.59 13.43
C VAL E 273 -8.30 1.89 12.66
N PRO E 274 -9.46 2.55 12.74
CA PRO E 274 -9.62 3.86 12.09
C PRO E 274 -8.83 4.93 12.81
N GLU E 275 -8.66 6.05 12.10
CA GLU E 275 -7.90 7.20 12.58
C GLU E 275 -8.80 8.34 13.02
N THR E 276 -9.91 8.00 13.69
CA THR E 276 -10.94 9.00 13.99
C THR E 276 -10.40 10.09 14.91
N SER E 277 -9.61 9.72 15.92
CA SER E 277 -9.01 10.64 16.89
C SER E 277 -10.04 11.27 17.82
N LEU E 278 -11.20 10.64 18.01
CA LEU E 278 -12.15 11.08 19.02
C LEU E 278 -12.06 10.26 20.30
N ASN E 279 -11.54 9.03 20.23
CA ASN E 279 -11.33 8.20 21.39
C ASN E 279 -10.15 7.28 21.12
N VAL E 280 -9.56 6.78 22.19
CA VAL E 280 -8.48 5.80 22.08
C VAL E 280 -9.10 4.41 22.11
N PRO E 281 -8.75 3.53 21.17
CA PRO E 281 -9.33 2.17 21.19
C PRO E 281 -8.96 1.42 22.47
N LEU E 282 -9.87 0.53 22.87
CA LEU E 282 -9.67 -0.23 24.11
C LEU E 282 -8.38 -1.03 24.06
N ILE E 283 -8.14 -1.73 22.95
CA ILE E 283 -6.89 -2.45 22.81
C ILE E 283 -5.72 -1.47 22.67
N GLY E 284 -5.98 -0.28 22.12
CA GLY E 284 -4.95 0.75 22.12
C GLY E 284 -4.62 1.24 23.51
N LYS E 285 -5.64 1.42 24.35
CA LYS E 285 -5.40 1.79 25.74
C LYS E 285 -4.61 0.69 26.46
N TYR E 286 -4.96 -0.57 26.21
CA TYR E 286 -4.20 -1.67 26.83
C TYR E 286 -2.75 -1.67 26.36
N LEU E 287 -2.52 -1.41 25.07
CA LEU E 287 -1.15 -1.38 24.57
C LEU E 287 -0.36 -0.22 25.17
N ILE E 288 -0.98 0.95 25.30
CA ILE E 288 -0.30 2.06 25.94
C ILE E 288 0.04 1.71 27.39
N PHE E 289 -0.90 1.07 28.09
CA PHE E 289 -0.67 0.69 29.48
C PHE E 289 0.48 -0.30 29.59
N VAL E 290 0.50 -1.32 28.74
CA VAL E 290 1.54 -2.34 28.87
C VAL E 290 2.88 -1.80 28.41
N MET E 291 2.93 -0.85 27.50
CA MET E 291 4.21 -0.23 27.11
C MET E 291 4.79 0.61 28.25
N PHE E 292 3.97 1.38 28.93
CA PHE E 292 4.42 2.19 30.10
C PHE E 292 4.90 1.26 31.21
N VAL E 293 4.21 0.15 31.45
CA VAL E 293 4.66 -0.86 32.45
C VAL E 293 6.00 -1.44 32.03
N SER E 294 6.15 -1.75 30.75
CA SER E 294 7.44 -2.29 30.25
C SER E 294 8.54 -1.26 30.43
N MET E 295 8.19 0.05 30.14
CA MET E 295 9.19 1.10 30.34
C MET E 295 9.56 1.23 31.82
N LEU E 296 8.70 1.13 32.74
CA LEU E 296 9.04 1.16 34.18
C LEU E 296 9.87 -0.08 34.55
N ILE E 297 9.57 -1.25 34.01
CA ILE E 297 10.34 -2.49 34.29
C ILE E 297 11.76 -2.39 33.73
N VAL E 298 11.95 -1.76 32.58
CA VAL E 298 13.31 -1.53 32.03
C VAL E 298 14.04 -0.62 33.02
N MET E 299 13.34 0.38 33.54
CA MET E 299 13.96 1.33 34.49
C MET E 299 14.22 0.60 35.80
N ASN E 300 13.29 -0.25 36.22
CA ASN E 300 13.54 -0.99 37.46
C ASN E 300 14.67 -2.00 37.28
N CYS E 301 14.79 -2.62 36.11
CA CYS E 301 15.92 -3.49 35.84
C CYS E 301 17.22 -2.71 35.88
N VAL E 302 17.23 -1.50 35.31
CA VAL E 302 18.42 -0.67 35.37
C VAL E 302 18.78 -0.35 36.82
N ILE E 303 17.77 -0.02 37.63
CA ILE E 303 18.01 0.29 39.03
C ILE E 303 18.56 -0.92 39.79
N VAL E 304 18.00 -2.10 39.53
CA VAL E 304 18.45 -3.31 40.20
C VAL E 304 19.89 -3.65 39.80
N LEU E 305 20.20 -3.51 38.52
CA LEU E 305 21.57 -3.72 38.07
C LEU E 305 22.52 -2.71 38.71
N ASN E 306 22.10 -1.45 38.82
CA ASN E 306 22.94 -0.44 39.44
C ASN E 306 23.20 -0.75 40.90
N VAL E 307 22.16 -1.17 41.63
CA VAL E 307 22.31 -1.38 43.08
C VAL E 307 23.00 -2.70 43.39
N SER E 308 22.88 -3.70 42.52
CA SER E 308 23.46 -5.01 42.79
C SER E 308 24.88 -5.14 42.29
N LEU E 309 25.40 -4.17 41.55
CA LEU E 309 26.75 -4.22 41.01
C LEU E 309 27.70 -3.23 41.66
N ARG E 310 27.21 -2.38 42.56
CA ARG E 310 28.09 -1.44 43.23
C ARG E 310 28.94 -2.16 44.27
N THR E 311 30.11 -1.61 44.53
CA THR E 311 31.13 -2.20 45.38
C THR E 311 31.56 -1.18 46.42
N PRO E 312 32.14 -1.64 47.54
CA PRO E 312 32.65 -0.67 48.53
C PRO E 312 33.70 0.26 47.96
N ASN E 313 34.41 -0.16 46.91
CA ASN E 313 35.39 0.71 46.28
C ASN E 313 34.72 1.94 45.66
N THR E 314 33.55 1.77 45.06
CA THR E 314 32.86 2.87 44.39
C THR E 314 31.61 3.36 45.11
N HIS E 315 31.06 2.58 46.03
CA HIS E 315 29.84 2.96 46.74
C HIS E 315 29.98 2.66 48.22
N SER E 316 29.24 3.39 49.03
CA SER E 316 29.23 3.20 50.48
C SER E 316 27.87 2.64 50.89
N LEU E 317 27.88 1.50 51.58
CA LEU E 317 26.65 0.85 52.03
C LEU E 317 26.32 1.36 53.42
N SER E 318 25.38 2.29 53.50
CA SER E 318 24.96 2.81 54.79
C SER E 318 24.26 1.73 55.60
N GLU E 319 24.53 1.72 56.91
CA GLU E 319 23.92 0.71 57.78
C GLU E 319 22.40 0.88 57.85
N LYS E 320 21.91 2.11 57.69
CA LYS E 320 20.47 2.34 57.71
C LYS E 320 19.78 1.58 56.59
N ILE E 321 20.24 1.75 55.35
CA ILE E 321 19.60 1.11 54.21
C ILE E 321 19.75 -0.40 54.29
N LYS E 322 20.95 -0.88 54.60
CA LYS E 322 21.19 -2.32 54.68
C LYS E 322 20.32 -2.97 55.75
N HIS E 323 20.29 -2.37 56.94
CA HIS E 323 19.47 -2.90 58.02
C HIS E 323 18.00 -2.88 57.64
N LEU E 324 17.51 -1.74 57.15
CA LEU E 324 16.10 -1.62 56.79
C LEU E 324 15.71 -2.68 55.78
N PHE E 325 16.43 -2.78 54.68
CA PHE E 325 16.10 -3.76 53.65
C PHE E 325 16.18 -5.17 54.23
N LEU E 326 17.39 -5.60 54.59
CA LEU E 326 17.62 -7.01 54.93
C LEU E 326 16.86 -7.46 56.17
N GLY E 327 16.35 -6.54 57.00
CA GLY E 327 15.53 -6.94 58.10
C GLY E 327 14.04 -6.88 57.80
N PHE E 328 13.56 -5.72 57.35
CA PHE E 328 12.13 -5.54 57.18
C PHE E 328 11.59 -6.36 56.02
N LEU E 329 12.25 -6.30 54.85
CA LEU E 329 11.63 -6.87 53.64
C LEU E 329 11.61 -8.39 53.65
N PRO E 330 12.73 -9.10 53.82
CA PRO E 330 12.67 -10.57 53.75
C PRO E 330 11.79 -11.20 54.81
N LYS E 331 11.52 -10.52 55.91
CA LYS E 331 10.56 -11.04 56.88
C LYS E 331 9.14 -10.90 56.37
N TYR E 332 8.82 -9.76 55.75
CA TYR E 332 7.45 -9.53 55.28
C TYR E 332 7.09 -10.48 54.14
N LEU E 333 7.94 -10.57 53.12
CA LEU E 333 7.72 -11.49 52.03
C LEU E 333 8.43 -12.81 52.32
N GLY E 334 8.49 -13.69 51.33
CA GLY E 334 9.09 -15.00 51.51
C GLY E 334 10.58 -15.03 51.26
N MET E 335 11.36 -14.50 52.19
CA MET E 335 12.82 -14.44 52.07
C MET E 335 13.25 -13.73 50.79
N GLU E 418 60.18 -15.64 55.53
CA GLU E 418 60.25 -14.82 56.72
C GLU E 418 58.91 -14.77 57.44
N ALA E 419 58.12 -13.75 57.14
CA ALA E 419 56.81 -13.56 57.73
C ALA E 419 55.73 -13.68 56.67
N CYS E 420 54.71 -14.50 56.95
CA CYS E 420 53.60 -14.70 56.03
C CYS E 420 52.38 -13.86 56.40
N ASN E 421 52.53 -12.92 57.33
CA ASN E 421 51.41 -12.06 57.70
C ASN E 421 50.99 -11.14 56.57
N PHE E 422 51.94 -10.71 55.73
CA PHE E 422 51.60 -9.86 54.59
C PHE E 422 50.67 -10.59 53.63
N ILE E 423 50.96 -11.86 53.34
CA ILE E 423 50.08 -12.64 52.48
C ILE E 423 48.73 -12.88 53.15
N ALA E 424 48.74 -13.19 54.45
CA ALA E 424 47.50 -13.43 55.17
C ALA E 424 46.65 -12.17 55.26
N LYS E 425 47.27 -11.02 55.55
CA LYS E 425 46.49 -9.79 55.67
C LYS E 425 45.93 -9.34 54.33
N SER E 426 46.63 -9.64 53.23
CA SER E 426 46.10 -9.34 51.91
C SER E 426 45.02 -10.34 51.48
N THR E 427 45.14 -11.60 51.92
CA THR E 427 44.08 -12.56 51.67
C THR E 427 42.79 -12.17 52.37
N LYS E 428 42.90 -11.68 53.61
CA LYS E 428 41.72 -11.23 54.34
C LYS E 428 41.07 -10.01 53.68
N GLU E 429 41.86 -9.22 52.94
CA GLU E 429 41.31 -8.03 52.29
C GLU E 429 40.24 -8.39 51.28
N GLN E 430 40.47 -9.44 50.48
CA GLN E 430 39.48 -9.85 49.50
C GLN E 430 38.19 -10.31 50.17
N ASN E 431 38.30 -11.01 51.29
CA ASN E 431 37.12 -11.42 52.03
C ASN E 431 36.34 -10.23 52.54
N ASP E 432 37.03 -9.21 53.05
CA ASP E 432 36.35 -8.01 53.54
C ASP E 432 35.64 -7.28 52.40
N SER E 433 36.31 -7.15 51.25
CA SER E 433 35.68 -6.49 50.11
C SER E 433 34.58 -7.35 49.51
N GLY E 434 34.81 -8.67 49.42
CA GLY E 434 33.81 -9.55 48.83
C GLY E 434 32.52 -9.60 49.62
N SER E 435 32.61 -9.49 50.95
CA SER E 435 31.40 -9.53 51.78
C SER E 435 30.49 -8.34 51.48
N GLU E 436 31.08 -7.16 51.26
CA GLU E 436 30.27 -5.99 50.95
C GLU E 436 29.54 -6.16 49.62
N ASN E 437 30.18 -6.81 48.65
CA ASN E 437 29.51 -7.07 47.37
C ASN E 437 28.30 -7.97 47.56
N GLU E 438 28.43 -8.99 48.42
CA GLU E 438 27.32 -9.91 48.64
C GLU E 438 26.12 -9.20 49.23
N ASN E 439 26.35 -8.25 50.14
CA ASN E 439 25.25 -7.49 50.72
C ASN E 439 24.50 -6.70 49.66
N TRP E 440 25.23 -6.04 48.75
CA TRP E 440 24.58 -5.32 47.67
C TRP E 440 23.81 -6.27 46.76
N VAL E 441 24.36 -7.46 46.53
CA VAL E 441 23.68 -8.45 45.71
C VAL E 441 22.37 -8.89 46.38
N LEU E 442 22.41 -9.11 47.70
CA LEU E 442 21.20 -9.51 48.41
C LEU E 442 20.16 -8.41 48.42
N ILE E 443 20.59 -7.15 48.51
CA ILE E 443 19.65 -6.04 48.47
C ILE E 443 18.94 -5.99 47.12
N GLY E 444 19.69 -6.21 46.04
CA GLY E 444 19.07 -6.20 44.72
C GLY E 444 18.05 -7.31 44.55
N LYS E 445 18.34 -8.50 45.11
CA LYS E 445 17.37 -9.58 45.07
C LYS E 445 16.12 -9.24 45.88
N VAL E 446 16.31 -8.55 47.01
CA VAL E 446 15.17 -8.12 47.81
C VAL E 446 14.31 -7.14 47.02
N ILE E 447 14.93 -6.19 46.33
CA ILE E 447 14.19 -5.27 45.47
C ILE E 447 13.52 -6.04 44.34
N ASP E 448 14.21 -7.04 43.79
CA ASP E 448 13.63 -7.82 42.69
C ASP E 448 12.36 -8.55 43.14
N LYS E 449 12.39 -9.17 44.30
CA LYS E 449 11.22 -9.90 44.78
C LYS E 449 10.08 -8.94 45.13
N ALA E 450 10.40 -7.80 45.76
CA ALA E 450 9.35 -6.85 46.12
C ALA E 450 8.71 -6.25 44.88
N CYS E 451 9.52 -5.87 43.89
CA CYS E 451 9.00 -5.25 42.68
C CYS E 451 8.32 -6.26 41.75
N PHE E 452 8.65 -7.54 41.88
CA PHE E 452 8.00 -8.55 41.06
C PHE E 452 6.50 -8.63 41.35
N TRP E 453 6.14 -8.60 42.63
CA TRP E 453 4.73 -8.69 43.00
C TRP E 453 3.97 -7.44 42.59
N ILE E 454 4.60 -6.27 42.70
CA ILE E 454 3.98 -5.04 42.24
C ILE E 454 3.76 -5.09 40.74
N ALA E 455 4.78 -5.55 40.00
CA ALA E 455 4.65 -5.67 38.55
C ALA E 455 3.59 -6.72 38.19
N LEU E 456 3.58 -7.85 38.90
CA LEU E 456 2.58 -8.87 38.65
C LEU E 456 1.17 -8.35 38.97
N LEU E 457 1.03 -7.65 40.10
CA LEU E 457 -0.27 -7.09 40.46
C LEU E 457 -0.72 -6.03 39.46
N LEU E 458 0.20 -5.16 39.04
CA LEU E 458 -0.16 -4.09 38.12
C LEU E 458 -0.54 -4.63 36.75
N PHE E 459 0.25 -5.57 36.23
CA PHE E 459 -0.04 -6.14 34.92
C PHE E 459 -1.34 -6.94 34.92
N SER E 460 -1.56 -7.74 35.97
CA SER E 460 -2.74 -8.61 35.99
C SER E 460 -4.02 -7.81 36.14
N ILE E 461 -4.03 -6.82 37.02
CA ILE E 461 -5.22 -5.98 37.18
C ILE E 461 -5.49 -5.20 35.90
N GLY E 462 -4.44 -4.61 35.32
CA GLY E 462 -4.62 -3.85 34.09
C GLY E 462 -5.10 -4.72 32.95
N THR E 463 -4.56 -5.93 32.82
CA THR E 463 -5.03 -6.85 31.79
C THR E 463 -6.48 -7.26 32.05
N LEU E 464 -6.81 -7.57 33.30
CA LEU E 464 -8.16 -8.01 33.61
C LEU E 464 -9.17 -6.88 33.49
N ALA E 465 -8.83 -5.70 34.02
CA ALA E 465 -9.77 -4.58 34.00
C ALA E 465 -10.07 -4.11 32.59
N ILE E 466 -9.05 -4.02 31.74
CA ILE E 466 -9.25 -3.53 30.39
C ILE E 466 -10.16 -4.45 29.60
N PHE E 467 -9.92 -5.76 29.69
CA PHE E 467 -10.67 -6.72 28.89
C PHE E 467 -11.95 -7.20 29.56
N LEU E 468 -12.18 -6.84 30.82
CA LEU E 468 -13.51 -6.98 31.38
C LEU E 468 -14.43 -5.86 30.90
N THR E 469 -13.87 -4.67 30.65
CA THR E 469 -14.65 -3.58 30.10
C THR E 469 -15.21 -3.93 28.74
N GLY E 470 -14.39 -4.51 27.87
CA GLY E 470 -14.88 -4.95 26.58
C GLY E 470 -15.87 -6.09 26.67
N HIS E 471 -15.62 -7.03 27.59
CA HIS E 471 -16.54 -8.14 27.79
C HIS E 471 -17.89 -7.67 28.30
N PHE E 472 -17.92 -6.56 29.03
CA PHE E 472 -19.16 -6.00 29.55
C PHE E 472 -19.77 -4.95 28.64
N ASN E 473 -19.17 -4.69 27.48
CA ASN E 473 -19.75 -3.78 26.50
C ASN E 473 -20.86 -4.52 25.77
N GLN E 474 -22.11 -4.20 26.10
CA GLN E 474 -23.27 -4.92 25.58
C GLN E 474 -24.09 -4.02 24.67
N VAL E 475 -24.61 -4.61 23.60
CA VAL E 475 -25.51 -3.85 22.71
C VAL E 475 -26.77 -3.50 23.47
N PRO E 476 -27.31 -2.28 23.32
CA PRO E 476 -28.54 -1.93 24.04
C PRO E 476 -29.68 -2.87 23.70
N GLU E 477 -30.52 -3.13 24.70
CA GLU E 477 -31.63 -4.07 24.54
C GLU E 477 -32.65 -3.58 23.52
N PHE E 478 -32.74 -2.27 23.30
CA PHE E 478 -33.74 -1.71 22.41
C PHE E 478 -33.07 -0.93 21.28
N PRO E 479 -33.67 -0.91 20.09
CA PRO E 479 -33.08 -0.14 18.99
C PRO E 479 -32.92 1.33 19.30
N PHE E 480 -33.88 1.92 20.03
CA PHE E 480 -33.78 3.28 20.51
C PHE E 480 -33.90 3.25 22.02
N PRO E 481 -32.89 3.72 22.76
CA PRO E 481 -32.85 3.46 24.21
C PRO E 481 -34.07 3.97 24.98
N GLY E 482 -34.77 4.99 24.49
CA GLY E 482 -35.98 5.36 25.26
C GLY E 482 -37.24 4.64 24.81
N ASP E 483 -37.37 4.28 23.53
CA ASP E 483 -38.60 3.68 22.97
C ASP E 483 -38.85 2.29 23.57
N PRO E 484 -40.09 1.95 23.95
CA PRO E 484 -40.40 0.60 24.38
C PRO E 484 -40.48 -0.44 23.26
N ARG E 485 -40.49 -0.01 22.00
CA ARG E 485 -40.71 -0.94 20.87
C ARG E 485 -39.45 -1.68 20.45
N LYS E 486 -39.62 -2.86 19.84
CA LYS E 486 -38.52 -3.72 19.44
C LYS E 486 -38.18 -3.62 17.96
N TYR E 487 -39.13 -3.21 17.11
CA TYR E 487 -38.91 -3.04 15.68
C TYR E 487 -38.44 -4.33 15.02
N VAL E 488 -39.25 -5.37 15.18
CA VAL E 488 -38.99 -6.67 14.57
C VAL E 488 -40.27 -7.16 13.91
N PRO E 489 -40.18 -8.00 12.87
CA PRO E 489 -41.37 -8.57 12.22
C PRO E 489 -42.20 -9.42 13.18
C1 NAG F . -21.08 -25.46 -3.69
C2 NAG F . -21.63 -26.83 -3.37
C3 NAG F . -22.83 -27.13 -4.26
C4 NAG F . -23.86 -26.02 -4.17
C5 NAG F . -23.21 -24.65 -4.35
C6 NAG F . -24.15 -23.50 -4.05
C7 NAG F . -19.79 -28.22 -2.54
C8 NAG F . -18.81 -29.30 -2.86
N2 NAG F . -20.61 -27.86 -3.52
O3 NAG F . -23.39 -28.37 -3.86
O4 NAG F . -24.83 -26.16 -5.19
O5 NAG F . -22.09 -24.48 -3.48
O6 NAG F . -24.28 -23.28 -2.65
O7 NAG F . -19.83 -27.70 -1.43
C1 NAG F . -25.96 -26.97 -4.82
C2 NAG F . -27.22 -26.35 -5.43
C3 NAG F . -28.42 -27.26 -5.17
C4 NAG F . -28.14 -28.67 -5.65
C5 NAG F . -26.86 -29.18 -5.00
C6 NAG F . -26.45 -30.55 -5.49
C7 NAG F . -27.29 -23.90 -5.61
C8 NAG F . -27.59 -22.62 -4.90
N2 NAG F . -27.46 -25.02 -4.90
O3 NAG F . -29.55 -26.74 -5.85
O4 NAG F . -29.22 -29.53 -5.30
O5 NAG F . -25.77 -28.30 -5.31
O6 NAG F . -25.04 -30.63 -5.68
O7 NAG F . -26.91 -23.93 -6.78
C1 BMA F . -29.90 -29.93 -6.52
C2 BMA F . -30.57 -31.29 -6.23
C3 BMA F . -31.42 -31.69 -7.44
C4 BMA F . -32.37 -30.56 -7.86
C5 BMA F . -31.57 -29.27 -8.09
C6 BMA F . -32.43 -28.10 -8.46
O2 BMA F . -31.44 -31.19 -5.13
O3 BMA F . -32.18 -32.86 -7.18
O4 BMA F . -33.04 -30.92 -9.05
O5 BMA F . -30.87 -28.96 -6.88
O6 BMA F . -33.34 -27.85 -7.39
C1 MAN F . -34.30 -26.87 -7.81
C2 MAN F . -34.87 -26.21 -6.55
C3 MAN F . -35.74 -27.20 -5.77
C4 MAN F . -36.74 -27.91 -6.68
C5 MAN F . -36.04 -28.52 -7.90
C6 MAN F . -37.02 -29.08 -8.90
O2 MAN F . -35.75 -25.13 -6.88
O3 MAN F . -36.43 -26.54 -4.72
O4 MAN F . -37.38 -28.95 -5.96
O5 MAN F . -35.31 -27.48 -8.57
O6 MAN F . -37.94 -28.05 -9.24
C1 MAN F . -36.14 -27.20 -3.47
C2 MAN F . -37.29 -26.85 -2.50
C3 MAN F . -37.20 -25.37 -2.12
C4 MAN F . -35.81 -25.05 -1.58
C5 MAN F . -34.76 -25.39 -2.65
C6 MAN F . -33.34 -25.15 -2.17
O2 MAN F . -37.18 -27.58 -1.29
O3 MAN F . -38.20 -25.02 -1.16
O4 MAN F . -35.72 -23.66 -1.28
O5 MAN F . -34.87 -26.80 -2.97
O6 MAN F . -32.47 -25.25 -3.29
C1 MAN F . -39.01 -28.60 -10.02
C2 MAN F . -39.62 -27.46 -10.87
C3 MAN F . -40.95 -26.96 -10.28
C4 MAN F . -41.00 -26.98 -8.72
C5 MAN F . -40.44 -28.30 -8.14
C6 MAN F . -41.45 -29.06 -7.30
O2 MAN F . -39.95 -27.91 -12.19
O3 MAN F . -42.05 -27.65 -10.83
O4 MAN F . -40.28 -25.87 -8.18
O5 MAN F . -40.00 -29.16 -9.19
O6 MAN F . -40.93 -30.37 -7.08
C1 MAN F . -31.29 -33.99 -7.03
C2 MAN F . -31.71 -35.06 -8.05
C3 MAN F . -33.07 -35.66 -7.67
C4 MAN F . -33.08 -36.10 -6.20
C5 MAN F . -32.67 -34.92 -5.30
C6 MAN F . -32.61 -35.27 -3.83
O2 MAN F . -30.80 -36.16 -8.06
O3 MAN F . -33.42 -36.74 -8.52
O4 MAN F . -34.38 -36.53 -5.84
O5 MAN F . -31.37 -34.48 -5.70
O6 MAN F . -31.30 -35.75 -3.56
C1 NAG G . 5.43 -17.07 -26.92
C2 NAG G . 6.27 -18.18 -27.54
C3 NAG G . 5.59 -18.71 -28.79
C4 NAG G . 4.16 -19.14 -28.48
C5 NAG G . 3.41 -18.01 -27.80
C6 NAG G . 2.03 -18.42 -27.32
C7 NAG G . 8.71 -18.18 -27.26
C8 NAG G . 10.01 -17.58 -27.70
N2 NAG G . 7.61 -17.70 -27.85
O3 NAG G . 6.34 -19.80 -29.30
O4 NAG G . 3.47 -19.45 -29.69
O5 NAG G . 4.13 -17.58 -26.63
O6 NAG G . 1.08 -17.38 -27.54
O7 NAG G . 8.65 -19.06 -26.40
C1 NAG G . 3.47 -20.87 -29.94
C2 NAG G . 2.32 -21.15 -30.91
C3 NAG G . 2.32 -22.62 -31.32
C4 NAG G . 3.69 -23.03 -31.85
C5 NAG G . 4.76 -22.69 -30.81
C6 NAG G . 6.17 -22.96 -31.28
C7 NAG G . 0.44 -19.62 -30.58
C8 NAG G . -0.88 -19.41 -29.90
N2 NAG G . 1.05 -20.79 -30.33
O3 NAG G . 1.35 -22.82 -32.33
O4 NAG G . 3.72 -24.42 -32.14
O5 NAG G . 4.70 -21.29 -30.51
O6 NAG G . 6.37 -22.47 -32.60
O7 NAG G . 0.92 -18.78 -31.33
C1 BMA G . 4.09 -24.60 -33.53
C2 BMA G . 4.06 -26.11 -33.85
C3 BMA G . 4.41 -26.33 -35.32
C4 BMA G . 3.54 -25.44 -36.23
C5 BMA G . 3.63 -23.97 -35.79
C6 BMA G . 2.75 -23.04 -36.61
O2 BMA G . 2.75 -26.64 -33.65
O3 BMA G . 4.30 -27.68 -35.70
O4 BMA G . 3.97 -25.56 -37.57
O5 BMA G . 3.23 -23.88 -34.41
O6 BMA G . 1.84 -23.84 -37.35
C1 MAN G . 5.46 -28.37 -35.19
C2 MAN G . 6.37 -28.70 -36.40
C3 MAN G . 7.04 -30.07 -36.22
C4 MAN G . 6.00 -31.19 -35.99
C5 MAN G . 4.72 -30.66 -35.31
C6 MAN G . 4.06 -31.69 -34.42
O2 MAN G . 7.45 -27.77 -36.51
O3 MAN G . 8.00 -30.04 -35.17
O4 MAN G . 5.65 -31.80 -37.23
O5 MAN G . 5.07 -29.53 -34.48
O6 MAN G . 4.90 -31.88 -33.28
C1 MAN G . 0.50 -23.33 -37.16
C2 MAN G . -0.11 -24.03 -35.92
C3 MAN G . -0.41 -25.50 -36.23
C4 MAN G . -1.19 -25.65 -37.54
C5 MAN G . -0.44 -24.94 -38.67
C6 MAN G . -1.17 -25.00 -39.99
O2 MAN G . -1.36 -23.45 -35.55
O3 MAN G . -1.10 -26.13 -35.16
O4 MAN G . -1.36 -27.01 -37.85
O5 MAN G . -0.27 -23.55 -38.33
O6 MAN G . -0.30 -24.48 -41.00
C1 NAG H . 15.01 17.44 -22.25
C2 NAG H . 16.43 17.80 -22.67
C3 NAG H . 16.46 18.22 -24.14
C4 NAG H . 15.81 17.15 -25.02
C5 NAG H . 14.43 16.81 -24.49
C6 NAG H . 13.78 15.66 -25.22
C7 NAG H . 17.80 18.63 -20.82
C8 NAG H . 18.25 19.85 -20.07
N2 NAG H . 16.97 18.87 -21.84
O3 NAG H . 17.81 18.41 -24.55
O4 NAG H . 15.70 17.65 -26.35
O5 NAG H . 14.50 16.43 -23.11
O6 NAG H . 12.46 15.42 -24.74
O7 NAG H . 18.17 17.52 -20.52
C1 NAG H . 16.34 16.75 -27.28
C2 NAG H . 16.47 17.46 -28.63
C3 NAG H . 17.13 16.55 -29.65
C4 NAG H . 18.46 16.05 -29.12
C5 NAG H . 18.28 15.42 -27.73
C6 NAG H . 19.60 15.03 -27.10
C7 NAG H . 14.11 17.18 -29.33
C8 NAG H . 12.89 17.89 -29.82
N2 NAG H . 15.18 17.96 -29.10
O3 NAG H . 17.34 17.27 -30.86
O4 NAG H . 18.98 15.07 -30.01
O5 NAG H . 17.64 16.34 -26.84
O6 NAG H . 20.56 16.08 -27.20
O7 NAG H . 14.13 15.97 -29.16
C1 BMA H . 20.12 15.60 -30.71
C2 BMA H . 21.12 14.44 -30.91
C3 BMA H . 22.26 14.86 -31.84
C4 BMA H . 21.74 15.55 -33.11
C5 BMA H . 20.81 16.70 -32.73
C6 BMA H . 20.22 17.40 -33.94
O2 BMA H . 20.49 13.32 -31.50
O3 BMA H . 23.06 13.75 -32.21
O4 BMA H . 22.83 16.06 -33.86
O5 BMA H . 19.72 16.16 -31.96
O6 BMA H . 19.45 16.46 -34.66
C1 MAN H . 24.18 13.64 -31.32
C2 MAN H . 25.40 13.21 -32.17
C3 MAN H . 25.20 11.77 -32.67
C4 MAN H . 24.84 10.84 -31.50
C5 MAN H . 23.62 11.38 -30.75
C6 MAN H . 23.25 10.56 -29.53
O2 MAN H . 26.59 13.20 -31.39
O3 MAN H . 26.34 11.29 -33.35
O4 MAN H . 24.55 9.54 -31.99
O5 MAN H . 23.91 12.72 -30.30
O6 MAN H . 23.14 9.20 -29.93
C1 MAN H . 19.58 16.73 -36.08
C2 MAN H . 18.25 17.34 -36.58
C3 MAN H . 17.14 16.27 -36.60
C4 MAN H . 17.62 15.02 -37.36
C5 MAN H . 18.91 14.49 -36.73
C6 MAN H . 19.47 13.28 -37.46
O2 MAN H . 18.35 17.81 -37.93
O3 MAN H . 15.94 16.77 -37.16
O4 MAN H . 16.62 14.02 -37.30
O5 MAN H . 19.91 15.53 -36.77
O6 MAN H . 18.44 12.31 -37.56
C1 NAG I . -21.78 46.38 -42.35
C2 NAG I . -21.24 46.77 -43.71
C3 NAG I . -21.14 48.29 -43.82
C4 NAG I . -22.44 48.98 -43.44
C5 NAG I . -22.95 48.44 -42.09
C6 NAG I . -24.33 48.92 -41.72
C7 NAG I . -19.77 45.17 -44.87
C8 NAG I . -18.37 44.65 -44.99
N2 NAG I . -19.96 46.15 -43.97
O3 NAG I . -20.76 48.65 -45.14
O4 NAG I . -22.19 50.37 -43.32
O5 NAG I . -23.02 47.00 -42.13
O6 NAG I . -25.22 47.83 -41.50
O7 NAG I . -20.69 44.74 -45.55
C1 NAG I . -23.06 51.28 -44.04
C2 NAG I . -23.26 50.84 -45.51
C3 NAG I . -24.25 51.79 -46.20
C4 NAG I . -25.54 51.91 -45.41
C5 NAG I . -25.24 52.32 -43.96
C6 NAG I . -26.47 52.33 -43.10
C7 NAG I . -21.82 50.22 -47.40
C8 NAG I . -20.44 50.28 -47.98
N2 NAG I . -21.99 50.81 -46.21
O3 NAG I . -24.53 51.29 -47.51
O4 NAG I . -26.42 52.86 -46.00
O5 NAG I . -24.34 51.37 -43.38
O6 NAG I . -26.14 52.29 -41.72
O7 NAG I . -22.74 49.64 -47.97
C1 BMA I . -25.76 54.11 -46.33
C2 BMA I . -26.25 54.52 -47.73
C3 BMA I . -25.77 55.92 -48.10
C4 BMA I . -26.02 56.92 -46.96
C5 BMA I . -25.39 56.40 -45.67
C6 BMA I . -25.55 57.35 -44.49
O2 BMA I . -27.68 54.55 -47.78
O3 BMA I . -26.37 56.38 -49.31
O4 BMA I . -25.46 58.18 -47.28
O5 BMA I . -26.01 55.13 -45.36
O6 BMA I . -26.58 56.86 -43.62
C1 MAN I . -25.33 56.76 -50.25
C2 MAN I . -26.04 57.32 -51.53
C3 MAN I . -26.57 56.19 -52.41
C4 MAN I . -25.49 55.13 -52.66
C5 MAN I . -25.00 54.59 -51.31
C6 MAN I . -23.91 53.54 -51.46
O2 MAN I . -25.12 58.04 -52.36
O3 MAN I . -27.08 56.67 -53.64
O4 MAN I . -26.02 54.06 -53.43
O5 MAN I . -24.45 55.68 -50.53
O6 MAN I . -22.80 54.15 -52.09
C1 MAN I . -26.02 56.75 -42.30
C2 MAN I . -26.74 55.57 -41.58
C3 MAN I . -28.14 55.98 -41.15
C4 MAN I . -28.10 57.28 -40.35
C5 MAN I . -27.48 58.38 -41.23
C6 MAN I . -27.38 59.72 -40.51
O2 MAN I . -26.06 55.21 -40.38
O3 MAN I . -28.77 54.95 -40.38
O4 MAN I . -29.41 57.67 -39.98
O5 MAN I . -26.14 57.98 -41.59
O6 MAN I . -28.63 59.98 -39.89
C1 NAG J . 0.94 10.17 -48.83
C2 NAG J . 0.12 9.48 -49.92
C3 NAG J . 1.00 8.99 -51.09
C4 NAG J . 2.45 8.68 -50.71
C5 NAG J . 3.01 9.59 -49.62
C6 NAG J . 4.32 10.24 -50.00
C7 NAG J . -0.25 7.38 -48.67
C8 NAG J . -1.29 6.39 -48.23
N2 NAG J . -0.71 8.41 -49.40
O3 NAG J . 0.97 9.95 -52.15
O4 NAG J . 2.58 7.32 -50.33
O5 NAG J . 2.09 10.66 -49.36
O6 NAG J . 4.32 10.65 -51.37
O7 NAG J . 0.93 7.25 -48.38
C1 NAG J . 3.71 6.69 -51.02
C2 NAG J . 3.19 5.70 -52.06
C3 NAG J . 4.37 5.06 -52.81
C4 NAG J . 5.28 6.15 -53.38
C5 NAG J . 5.72 7.11 -52.28
C6 NAG J . 6.55 8.26 -52.79
C7 NAG J . 1.49 3.93 -52.15
C8 NAG J . 0.72 2.92 -51.35
N2 NAG J . 2.37 4.67 -51.45
O3 NAG J . 3.88 4.25 -53.86
O4 NAG J . 6.43 5.55 -53.96
O5 NAG J . 4.56 7.67 -51.65
O6 NAG J . 7.78 8.36 -52.09
O7 NAG J . 1.35 4.06 -53.35
C1 NAG K . -6.74 31.44 4.33
C2 NAG K . -6.53 32.78 5.01
C3 NAG K . -7.41 33.84 4.35
C4 NAG K . -7.22 33.86 2.85
C5 NAG K . -7.32 32.45 2.27
C6 NAG K . -6.94 32.38 0.80
C7 NAG K . -5.83 32.44 7.34
C8 NAG K . -6.27 32.43 8.77
N2 NAG K . -6.78 32.71 6.44
O3 NAG K . -7.08 35.10 4.92
O4 NAG K . -8.26 34.62 2.24
O5 NAG K . -6.45 31.54 2.97
O6 NAG K . -5.53 32.49 0.65
O7 NAG K . -4.66 32.25 7.01
C1 NAG K . -7.98 36.01 2.13
C2 NAG K . -8.55 36.52 0.81
C3 NAG K . -8.41 38.04 0.71
C4 NAG K . -9.00 38.71 1.94
C5 NAG K . -8.37 38.13 3.19
C6 NAG K . -8.96 38.69 4.47
C7 NAG K . -8.49 34.92 -1.06
C8 NAG K . -7.68 34.36 -2.18
N2 NAG K . -7.90 35.87 -0.32
O3 NAG K . -9.06 38.48 -0.47
O4 NAG K . -8.76 40.11 1.89
O5 NAG K . -8.57 36.71 3.22
O6 NAG K . -8.95 37.71 5.49
O7 NAG K . -9.63 34.53 -0.82
C1 BMA K . -9.99 40.79 1.54
C2 BMA K . -9.90 42.23 2.09
C3 BMA K . -11.11 43.03 1.61
C4 BMA K . -11.29 42.91 0.09
C5 BMA K . -11.39 41.42 -0.29
C6 BMA K . -11.53 41.21 -1.78
O2 BMA K . -8.75 42.88 1.59
O3 BMA K . -11.02 44.42 1.96
O4 BMA K . -12.45 43.59 -0.32
O5 BMA K . -10.17 40.78 0.14
O6 BMA K . -10.93 42.31 -2.45
C1 MAN K . -10.90 42.05 -3.86
C2 MAN K . -9.48 41.61 -4.23
C3 MAN K . -8.52 42.76 -3.94
C4 MAN K . -8.98 44.04 -4.65
C5 MAN K . -10.45 44.37 -4.31
C6 MAN K . -10.97 45.49 -5.17
O2 MAN K . -9.36 41.35 -5.62
O3 MAN K . -7.19 42.44 -4.32
O4 MAN K . -8.16 45.12 -4.24
O5 MAN K . -11.27 43.21 -4.57
O6 MAN K . -12.39 45.50 -5.16
C1 MAN K . -12.80 46.78 -5.70
C2 MAN K . -14.36 46.92 -5.55
C3 MAN K . -15.13 46.22 -6.68
C4 MAN K . -14.50 46.53 -8.05
C5 MAN K . -13.05 46.08 -8.02
C6 MAN K . -12.35 46.25 -9.35
O2 MAN K . -14.76 48.29 -5.61
O3 MAN K . -16.51 46.60 -6.69
O4 MAN K . -15.20 45.82 -9.06
O5 MAN K . -12.36 46.90 -7.06
O6 MAN K . -11.05 45.72 -9.23
C1 MAN K . -10.87 44.56 3.39
C2 MAN K . -12.01 45.47 3.91
C3 MAN K . -11.77 46.93 3.50
C4 MAN K . -10.33 47.37 3.82
C5 MAN K . -9.34 46.40 3.18
C6 MAN K . -7.90 46.74 3.47
O2 MAN K . -12.05 45.48 5.35
O3 MAN K . -12.69 47.82 4.14
O4 MAN K . -10.10 48.68 3.31
O5 MAN K . -9.59 45.09 3.69
O6 MAN K . -7.07 45.82 2.78
C1 NAG L . -28.25 4.93 16.66
C2 NAG L . -28.97 4.85 18.00
C3 NAG L . -30.35 5.50 17.90
C4 NAG L . -30.24 6.92 17.35
C5 NAG L . -29.39 6.94 16.07
C6 NAG L . -29.08 8.34 15.61
C7 NAG L . -28.54 3.04 19.60
C8 NAG L . -28.76 1.58 19.91
N2 NAG L . -29.08 3.48 18.45
O3 NAG L . -30.94 5.54 19.19
O4 NAG L . -31.53 7.39 17.01
O5 NAG L . -28.13 6.29 16.28
O6 NAG L . -28.27 8.34 14.44
O7 NAG L . -27.91 3.77 20.34
C1 NAG L . -32.01 8.39 17.92
C2 NAG L . -32.95 9.31 17.17
C3 NAG L . -33.54 10.35 18.10
C4 NAG L . -34.20 9.67 19.30
C5 NAG L . -33.21 8.73 19.97
C6 NAG L . -33.84 7.91 21.08
C7 NAG L . -32.67 9.78 14.78
C8 NAG L . -31.85 10.50 13.74
N2 NAG L . -32.27 9.94 16.04
O3 NAG L . -34.49 11.13 17.39
O4 NAG L . -34.60 10.66 20.24
O5 NAG L . -32.70 7.78 19.02
O6 NAG L . -32.85 7.41 21.97
O7 NAG L . -33.63 9.07 14.47
C1 BMA L . -36.03 10.84 20.19
C2 BMA L . -36.49 11.25 21.60
C3 BMA L . -37.95 11.69 21.59
C4 BMA L . -38.24 12.68 20.44
C5 BMA L . -37.74 12.13 19.12
C6 BMA L . -37.86 13.14 18.00
O2 BMA L . -35.74 12.35 22.08
O3 BMA L . -38.30 12.30 22.81
O4 BMA L . -39.64 12.93 20.36
O5 BMA L . -36.34 11.84 19.24
O6 BMA L . -37.00 14.22 18.32
C1 MAN L . -37.07 15.24 17.30
C2 MAN L . -35.85 16.17 17.50
C3 MAN L . -36.02 16.98 18.79
C4 MAN L . -37.39 17.69 18.79
C5 MAN L . -38.50 16.67 18.61
C6 MAN L . -39.88 17.30 18.52
O2 MAN L . -35.75 17.12 16.45
O3 MAN L . -34.98 17.92 18.96
O4 MAN L . -37.56 18.36 20.03
O5 MAN L . -38.29 15.94 17.39
O6 MAN L . -39.71 18.71 18.42
C1 MAN L . -40.49 19.19 17.30
C2 MAN L . -40.48 20.75 17.36
C3 MAN L . -41.38 21.37 16.28
C4 MAN L . -42.30 20.31 15.65
C5 MAN L . -42.88 19.44 16.76
C6 MAN L . -43.93 18.47 16.27
O2 MAN L . -39.17 21.27 17.09
O3 MAN L . -40.62 22.04 15.28
O4 MAN L . -43.35 20.93 14.93
O5 MAN L . -41.81 18.65 17.36
O6 MAN L . -44.73 19.14 15.31
C1 MAN L . -39.34 11.54 23.46
C2 MAN L . -40.23 12.55 24.23
C3 MAN L . -39.46 13.12 25.41
C4 MAN L . -38.87 12.00 26.27
C5 MAN L . -38.00 11.09 25.39
C6 MAN L . -37.43 9.91 26.16
O2 MAN L . -41.38 11.92 24.79
O3 MAN L . -40.27 13.99 26.21
O4 MAN L . -38.08 12.55 27.32
O5 MAN L . -38.79 10.57 24.32
O6 MAN L . -38.51 9.07 26.55
N1 NCT M . -38.33 -6.48 -9.23
C1 NCT M . -37.62 -7.47 -8.61
C2 NCT M . -38.23 -8.66 -8.27
C3 NCT M . -39.55 -8.84 -8.53
C4 NCT M . -40.26 -7.86 -9.15
C5 NCT M . -39.64 -6.66 -9.50
N2 NCT M . -36.44 -10.23 -8.35
C6 NCT M . -37.41 -9.79 -7.56
C7 NCT M . -36.71 -9.21 -6.24
C8 NCT M . -35.19 -9.20 -6.58
C9 NCT M . -35.04 -10.20 -7.47
C10 NCT M . -36.73 -11.67 -8.71
N POV N . 14.63 -16.20 46.99
P POV N . 13.01 -18.55 43.68
C1 POV N . 11.91 -18.79 41.27
C2 POV N . 12.14 -19.47 39.92
C3 POV N . 11.72 -18.52 38.78
C210 POV N . 6.77 -24.67 35.03
C11 POV N . 15.11 -17.54 44.93
O11 POV N . 12.93 -19.23 42.16
C211 POV N . 5.77 -23.74 34.29
C12 POV N . 14.61 -17.57 46.41
O12 POV N . 14.57 -18.67 44.25
C212 POV N . 6.27 -23.35 32.87
C13 POV N . 15.75 -15.29 46.65
O13 POV N . 12.62 -17.09 43.60
C213 POV N . 5.15 -22.79 31.98
C14 POV N . 13.40 -15.53 46.55
O14 POV N . 12.07 -19.28 44.61
C214 POV N . 4.94 -23.63 30.69
C15 POV N . 14.65 -16.35 48.46
C21 POV N . 11.82 -21.66 40.73
O21 POV N . 11.37 -20.64 39.85
C22 POV N . 10.79 -22.40 41.64
O22 POV N . 12.97 -21.95 40.78
C23 POV N . 10.66 -23.89 41.25
C24 POV N . 9.20 -24.28 40.88
C25 POV N . 8.94 -24.27 39.34
C26 POV N . 8.57 -22.85 38.81
C27 POV N . 7.13 -22.79 38.25
C28 POV N . 7.08 -22.83 36.70
C29 POV N . 7.37 -24.25 36.15
C31 POV N . 9.54 -18.66 37.83
O31 POV N . 10.85 -19.21 37.90
C32 POV N . 9.08 -17.89 36.57
O32 POV N . 8.79 -18.79 38.75
C33 POV N . 7.54 -17.91 36.37
C34 POV N . 6.82 -16.80 37.19
C35 POV N . 6.30 -15.63 36.29
C36 POV N . 4.87 -15.89 35.76
C37 POV N . 4.57 -15.11 34.44
C38 POV N . 4.50 -16.03 33.20
C39 POV N . 3.11 -15.98 32.50
N POV O . 28.26 -42.55 24.06
P POV O . 26.43 -39.48 21.08
C1 POV O . 25.34 -37.05 21.26
C2 POV O . 25.91 -35.93 22.14
C3 POV O . 27.41 -35.77 21.83
C210 POV O . 19.94 -30.40 18.36
C310 POV O . 27.70 -32.25 12.90
C11 POV O . 26.98 -41.91 21.99
O11 POV O . 25.59 -38.29 21.90
C211 POV O . 18.69 -31.21 18.72
C311 POV O . 28.18 -33.09 11.68
C12 POV O . 26.95 -42.09 23.53
O12 POV O . 25.97 -40.99 21.63
C212 POV O . 18.02 -31.85 17.48
C13 POV O . 28.95 -43.68 23.41
O13 POV O . 26.13 -39.37 19.59
C14 POV O . 28.04 -42.94 25.48
O14 POV O . 27.92 -39.29 21.30
C15 POV O . 29.18 -41.40 23.97
C21 POV O . 24.97 -35.28 24.21
O21 POV O . 25.73 -36.23 23.49
C22 POV O . 23.42 -35.41 24.26
O22 POV O . 25.51 -34.39 24.78
C23 POV O . 22.72 -34.55 23.17
C24 POV O . 21.94 -35.42 22.14
C25 POV O . 21.58 -34.63 20.85
C26 POV O . 22.85 -34.13 20.09
C27 POV O . 22.57 -32.89 19.19
C28 POV O . 21.31 -32.10 19.59
C29 POV O . 21.16 -30.80 18.76
C31 POV O . 27.55 -34.54 19.80
O31 POV O . 27.56 -35.82 20.42
C32 POV O . 28.51 -33.43 20.31
O32 POV O . 26.82 -34.32 18.90
C33 POV O . 29.23 -32.71 19.15
C34 POV O . 30.26 -33.62 18.42
C35 POV O . 29.93 -33.76 16.90
C36 POV O . 30.45 -32.54 16.08
C37 POV O . 29.33 -31.81 15.28
C38 POV O . 27.92 -32.47 15.46
C39 POV O . 27.41 -33.13 14.14
N POV P . -9.98 -28.50 16.39
P POV P . -5.62 -29.24 16.37
C1 POV P . -4.75 -27.76 18.38
C2 POV P . -3.53 -26.92 18.76
C3 POV P . -3.81 -25.42 18.52
C210 POV P . 1.48 -32.16 26.31
C310 POV P . 3.96 -26.57 26.80
C11 POV P . -7.93 -29.29 15.08
O11 POV P . -4.81 -27.91 16.97
C211 POV P . 2.33 -30.89 26.03
C311 POV P . 5.26 -26.95 27.56
C12 POV P . -8.92 -28.12 15.39
O12 POV P . -6.61 -28.79 15.10
C212 POV P . 1.45 -29.65 25.72
C13 POV P . -11.23 -27.70 16.43
O13 POV P . -4.62 -30.26 15.87
C14 POV P . -9.35 -28.36 17.73
O14 POV P . -6.47 -29.86 17.46
C15 POV P . -10.39 -29.90 16.14
C21 POV P . -2.06 -28.66 18.21
O21 POV P . -2.43 -27.32 17.98
C22 POV P . -1.61 -29.11 19.64
O22 POV P . -2.09 -29.44 17.33
C23 POV P . -0.29 -29.90 19.60
C24 POV P . -0.28 -31.08 20.61
C25 POV P . 1.06 -31.15 21.40
C26 POV P . 0.88 -31.82 22.79
C27 POV P . 1.71 -33.14 22.94
C28 POV P . 2.50 -33.20 24.27
C29 POV P . 1.57 -33.22 25.49
C31 POV P . -3.68 -23.85 20.31
O31 POV P . -4.40 -24.91 19.72
C32 POV P . -2.34 -24.11 21.04
O32 POV P . -4.11 -22.74 20.26
C33 POV P . -2.38 -25.37 21.96
C34 POV P . -1.30 -25.32 23.07
C35 POV P . -0.05 -26.18 22.73
C36 POV P . 1.28 -25.42 23.03
C37 POV P . 1.88 -25.82 24.42
C38 POV P . 3.32 -26.39 24.30
C39 POV P . 4.26 -25.88 25.44
N POV Q . 10.20 -26.56 -6.55
P POV Q . 13.03 -24.82 -2.89
C1 POV Q . 15.28 -24.33 -1.56
C2 POV Q . 16.69 -24.91 -1.55
C3 POV Q . 17.08 -25.27 -0.10
C210 POV Q . 28.14 -28.22 -2.55
C310 POV Q . 25.18 -29.85 7.69
C11 POV Q . 11.32 -26.33 -4.31
O11 POV Q . 14.68 -24.65 -2.80
C211 POV Q . 27.69 -29.50 -1.81
C311 POV Q . 24.16 -29.96 8.85
C12 POV Q . 11.06 -25.68 -5.69
O12 POV Q . 12.67 -26.06 -3.95
C312 POV Q . 24.10 -31.39 9.46
C13 POV Q . 10.71 -27.90 -6.92
O13 POV Q . 12.47 -25.13 -1.52
C14 POV Q . 8.94 -26.78 -5.81
O14 POV Q . 12.40 -23.53 -3.39
C15 POV Q . 9.96 -25.83 -7.81
C21 POV Q . 18.39 -24.46 -3.15
O21 POV Q . 17.59 -23.97 -2.08
C22 POV Q . 19.69 -25.26 -2.86
O22 POV Q . 18.06 -24.26 -4.28
C23 POV Q . 20.44 -25.66 -4.16
C24 POV Q . 21.80 -24.91 -4.32
C25 POV Q . 22.77 -25.20 -3.14
C26 POV Q . 23.35 -26.64 -3.16
C27 POV Q . 24.81 -26.69 -3.66
C28 POV Q . 25.70 -27.65 -2.83
C29 POV Q . 27.22 -27.36 -3.03
C31 POV Q . 19.18 -25.84 0.86
O31 POV Q . 18.42 -24.89 0.11
C32 POV Q . 20.15 -25.35 1.97
O32 POV Q . 19.07 -27.00 0.63
C33 POV Q . 21.00 -26.52 2.55
C34 POV Q . 21.85 -26.05 3.77
C35 POV Q . 23.19 -26.83 3.88
C36 POV Q . 23.39 -27.46 5.29
C37 POV Q . 24.88 -27.90 5.53
C38 POV Q . 25.42 -27.39 6.91
C39 POV Q . 26.03 -28.55 7.75
N POV R . 51.17 -19.29 10.19
P POV R . 48.31 -18.87 13.38
C1 POV R . 46.91 -16.94 12.21
C2 POV R . 45.88 -16.84 11.08
C3 POV R . 45.80 -15.37 10.61
C210 POV R . 36.37 -15.29 7.83
C310 POV R . 37.15 -10.83 3.91
C11 POV R . 49.16 -20.31 11.31
O11 POV R . 46.91 -18.27 12.69
C211 POV R . 35.13 -14.50 7.36
C311 POV R . 35.94 -11.62 3.32
C12 POV R . 50.71 -20.15 11.33
O12 POV R . 48.69 -20.32 12.65
C212 POV R . 34.61 -14.99 5.98
C13 POV R . 50.54 -17.96 9.99
O13 POV R . 49.44 -17.87 13.18
C14 POV R . 52.61 -19.05 10.38
O14 POV R . 48.09 -19.09 14.86
C15 POV R . 50.92 -20.06 8.95
C21 POV R . 44.32 -18.60 11.19
O21 POV R . 44.64 -17.26 11.54
C22 POV R . 44.15 -18.98 9.70
O22 POV R . 44.18 -19.42 12.03
C23 POV R . 42.93 -18.27 9.05
C24 POV R . 42.10 -19.21 8.13
C25 POV R . 40.97 -18.43 7.39
C26 POV R . 39.99 -17.77 8.40
C27 POV R . 38.93 -16.86 7.70
C28 POV R . 38.81 -15.47 8.39
C29 POV R . 37.56 -14.69 7.91
C31 POV R . 44.25 -13.91 9.53
O31 POV R . 44.71 -15.25 9.71
C32 POV R . 42.75 -13.62 9.31
O32 POV R . 45.03 -13.01 9.57
C33 POV R . 42.21 -14.33 8.04
C34 POV R . 42.73 -13.69 6.72
C35 POV R . 42.74 -12.13 6.76
C36 POV R . 41.32 -11.52 6.58
C37 POV R . 40.45 -12.30 5.56
C38 POV R . 39.55 -11.36 4.71
C39 POV R . 38.03 -11.71 4.84
N POV S . 24.81 0.31 -15.69
P POV S . 26.50 2.78 -12.66
C1 POV S . 27.56 0.97 -11.03
C2 POV S . 27.28 0.22 -9.72
C3 POV S . 28.38 0.59 -8.70
C210 POV S . 31.92 -5.64 -3.27
C310 POV S . 34.65 -1.23 0.08
C11 POV S . 24.85 2.64 -14.71
O11 POV S . 26.42 1.74 -11.36
C12 POV S . 24.08 1.29 -14.84
O12 POV S . 24.99 2.94 -13.34
C13 POV S . 26.06 -0.30 -15.18
O13 POV S . 26.98 4.14 -12.18
C14 POV S . 23.88 -0.81 -15.94
O14 POV S . 27.47 2.24 -13.68
C15 POV S . 25.16 0.99 -16.96
C21 POV S . 26.61 -1.89 -8.94
O21 POV S . 27.28 -1.15 -9.94
C22 POV S . 26.94 -3.39 -8.72
O22 POV S . 25.80 -1.37 -8.25
C23 POV S . 28.45 -3.63 -8.46
C24 POV S . 28.76 -4.00 -6.98
C25 POV S . 27.75 -3.37 -5.98
C26 POV S . 28.40 -3.02 -4.60
C27 POV S . 29.72 -3.79 -4.34
C28 POV S . 29.49 -5.05 -3.46
C29 POV S . 30.76 -5.42 -2.64
C31 POV S . 28.50 1.74 -6.62
O31 POV S . 27.74 0.87 -7.46
C32 POV S . 28.31 1.69 -5.08
O32 POV S . 29.28 2.50 -7.11
C33 POV S . 29.32 0.75 -4.38
C34 POV S . 30.76 1.34 -4.36
C35 POV S . 31.85 0.24 -4.14
C36 POV S . 31.43 -0.82 -3.09
C37 POV S . 32.53 -1.09 -2.04
C38 POV S . 33.29 0.19 -1.60
C39 POV S . 34.70 -0.10 -1.00
N1 NCT T . -11.63 30.94 -21.50
C1 NCT T . -10.95 31.05 -20.32
C2 NCT T . -10.71 32.29 -19.76
C3 NCT T . -11.14 33.41 -20.39
C4 NCT T . -11.82 33.31 -21.57
C5 NCT T . -12.06 32.05 -22.12
N2 NCT T . -10.70 32.04 -17.39
C6 NCT T . -9.93 32.40 -18.41
C7 NCT T . -8.70 31.39 -18.41
C8 NCT T . -8.84 30.58 -17.08
C9 NCT T . -9.69 31.30 -16.32
C10 NCT T . -11.27 33.27 -16.72
N POV U . 45.32 6.97 23.75
P POV U . 43.85 9.33 27.01
C1 POV U . 42.15 9.05 29.01
C2 POV U . 40.97 10.04 29.01
C3 POV U . 40.06 9.73 30.22
C11 POV U . 45.54 7.43 26.23
O11 POV U . 43.31 9.73 28.54
C12 POV U . 45.70 7.99 24.78
O12 POV U . 45.32 8.52 27.11
C13 POV U . 45.64 7.25 22.33
O13 POV U . 42.83 8.42 26.35
C14 POV U . 46.02 5.70 24.10
O14 POV U . 44.02 10.59 26.20
C15 POV U . 43.86 6.78 23.82
C21 POV U . 40.55 10.83 26.82
O21 POV U . 40.24 9.88 27.82
C22 POV U . 40.55 10.40 25.32
O22 POV U . 40.81 11.95 27.11
C23 POV U . 39.44 11.11 24.49
C24 POV U . 38.08 11.15 25.24
C25 POV U . 36.86 11.15 24.27
C26 POV U . 36.46 12.58 23.83
C27 POV U . 34.91 12.75 23.74
C28 POV U . 34.35 12.28 22.37
C29 POV U . 35.31 12.62 21.20
C31 POV U . 38.40 11.43 30.25
O31 POV U . 38.74 10.10 29.87
C32 POV U . 36.98 11.98 29.97
O32 POV U . 39.21 12.12 30.78
C33 POV U . 36.54 11.78 28.49
C34 POV U . 35.25 12.56 28.12
C35 POV U . 34.46 13.08 29.36
C36 POV U . 33.03 13.57 28.99
N POV V . 0.23 24.96 23.46
P POV V . 1.93 26.11 19.30
C1 POV V . 4.57 25.95 19.70
C2 POV V . 5.22 24.56 19.65
C3 POV V . 4.12 23.50 19.84
C11 POV V . 0.18 24.92 20.91
O11 POV V . 3.50 25.91 18.78
C12 POV V . 0.24 24.09 22.24
O12 POV V . 1.42 24.82 20.24
C13 POV V . -0.95 24.97 24.35
O13 POV V . 1.86 27.38 20.13
C14 POV V . 1.38 24.53 24.30
O14 POV V . 1.04 26.22 18.08
C15 POV V . 0.42 26.35 23.02
C21 POV V . 5.84 24.14 21.93
O21 POV V . 6.25 24.42 20.61
C22 POV V . 5.97 22.71 22.50
O22 POV V . 5.40 25.01 22.62
C23 POV V . 6.78 21.75 21.56
C24 POV V . 8.27 21.65 21.95
C25 POV V . 9.20 21.67 20.71
C26 POV V . 9.54 20.23 20.20
C27 POV V . 10.10 20.26 18.76
C28 POV V . 11.63 20.52 18.74
C29 POV V . 12.00 21.70 17.81
C31 POV V . 3.95 21.59 18.53
O31 POV V . 3.76 22.99 18.58
C32 POV V . 4.85 20.94 17.45
O32 POV V . 3.40 20.92 19.34
C33 POV V . 5.78 19.84 18.06
C34 POV V . 5.04 18.50 18.35
C35 POV V . 6.03 17.37 18.74
C36 POV V . 6.09 17.07 20.27
C1 NAG W . -63.63 -0.28 -18.97
C2 NAG W . -64.55 0.93 -19.17
C3 NAG W . -65.96 0.59 -18.72
C4 NAG W . -66.46 -0.66 -19.43
C5 NAG W . -65.47 -1.81 -19.23
C6 NAG W . -65.83 -3.05 -20.02
C7 NAG W . -63.27 3.02 -19.03
C8 NAG W . -62.84 4.15 -18.15
N2 NAG W . -64.05 2.09 -18.46
O3 NAG W . -66.83 1.68 -19.02
O4 NAG W . -67.73 -1.05 -18.91
O5 NAG W . -64.16 -1.41 -19.68
O6 NAG W . -65.57 -2.87 -21.40
O7 NAG W . -62.91 2.93 -20.19
N POV X . 20.82 8.73 51.95
P POV X . 19.97 5.00 48.50
C1 POV X . 19.08 2.55 47.98
C2 POV X . 18.48 2.18 46.62
C3 POV X . 19.22 3.00 45.54
C210 POV X . 8.52 -0.09 39.63
C11 POV X . 20.67 6.77 50.37
O11 POV X . 18.75 3.90 48.27
C211 POV X . 7.54 -1.01 38.86
C12 POV X . 19.97 7.58 51.50
O12 POV X . 19.82 5.69 50.02
C13 POV X . 20.96 9.92 51.08
O13 POV X . 21.31 4.30 48.40
C14 POV X . 20.23 9.21 53.22
O14 POV X . 19.89 6.09 47.45
C15 POV X . 22.18 8.21 52.20
C21 POV X . 16.34 1.59 45.80
O21 POV X . 17.12 2.47 46.60
C22 POV X . 14.80 1.54 45.97
O22 POV X . 16.87 0.89 45.00
C23 POV X . 14.12 0.74 44.82
C24 POV X . 13.21 1.64 43.93
C25 POV X . 12.59 0.84 42.74
C26 POV X . 11.96 1.77 41.66
C27 POV X . 11.27 0.95 40.52
C28 POV X . 10.19 1.78 39.77
C29 POV X . 9.20 0.86 38.99
C31 POV X . 18.58 5.05 44.52
O31 POV X . 18.25 3.70 44.78
C32 POV X . 17.51 6.17 44.74
O32 POV X . 19.67 5.34 44.15
C33 POV X . 16.09 5.67 44.37
C34 POV X . 15.93 5.37 42.86
C35 POV X . 14.97 6.39 42.17
C36 POV X . 13.87 5.69 41.32
C37 POV X . 12.57 5.41 42.13
C38 POV X . 11.29 5.81 41.34
N POV Y . -11.40 -21.62 20.12
P POV Y . -10.88 -18.27 23.35
C1 POV Y . -8.94 -16.79 24.39
C2 POV Y . -7.55 -16.87 25.03
C3 POV Y . -7.12 -18.34 25.17
C11 POV Y . -12.09 -20.33 22.20
O11 POV Y . -9.49 -18.10 24.25
C12 POV Y . -11.39 -21.60 21.62
O12 POV Y . -11.35 -19.87 23.31
C13 POV Y . -10.48 -20.73 19.38
O13 POV Y . -11.99 -17.44 23.98
C14 POV Y . -12.78 -21.28 19.68
O14 POV Y . -10.62 -17.78 21.94
C15 POV Y . -11.07 -23.00 19.72
C21 POV Y . -6.60 -15.31 26.52
O21 POV Y . -7.60 -16.28 26.30
C22 POV Y . -5.23 -15.73 27.15
O22 POV Y . -6.78 -14.17 26.23
C23 POV Y . -4.08 -14.75 26.76
C31 POV Y . -4.83 -18.77 24.68
O31 POV Y . -6.15 -18.62 24.17
C32 POV Y . -4.59 -19.63 25.96
O32 POV Y . -3.91 -18.26 24.13
C33 POV Y . -3.29 -19.21 26.70
C34 POV Y . -3.11 -19.99 28.05
C35 POV Y . -1.76 -20.77 28.10
C36 POV Y . -0.59 -19.88 28.63
C37 POV Y . 0.74 -20.17 27.88
C38 POV Y . 1.90 -20.52 28.86
C39 POV Y . 2.11 -22.06 28.97
N POV Z . -10.52 10.76 25.42
P POV Z . -7.57 8.23 27.79
C1 POV Z . -5.68 6.67 28.78
C2 POV Z . -4.21 6.32 28.48
C3 POV Z . -3.80 6.92 27.12
C11 POV Z . -9.93 8.62 26.63
O11 POV Z . -6.27 7.21 27.61
C12 POV Z . -10.05 9.36 25.26
O12 POV Z . -8.73 7.86 26.65
C13 POV Z . -11.00 11.51 24.24
O13 POV Z . -8.17 8.06 29.17
C14 POV Z . -11.65 10.76 26.39
O14 POV Z . -7.13 9.67 27.60
C15 POV Z . -9.38 11.53 25.96
C21 POV Z . -4.15 4.32 29.73
O21 POV Z . -4.06 4.94 28.46
C22 POV Z . -3.23 4.79 30.89
O22 POV Z . -4.94 3.45 29.91
C23 POV Z . -1.82 4.13 30.83
C24 POV Z . -0.69 5.11 31.24
C25 POV Z . -0.53 5.21 32.79
C31 POV Z . -3.56 9.25 26.69
O31 POV Z . -3.07 8.11 27.37
C32 POV Z . -2.69 10.53 26.57
O32 POV Z . -4.66 9.24 26.22
#